data_2K53
#
_entry.id   2K53
#
_cell.length_a   1.000
_cell.length_b   1.000
_cell.length_c   1.000
_cell.angle_alpha   90.00
_cell.angle_beta   90.00
_cell.angle_gamma   90.00
#
_symmetry.space_group_name_H-M   'P 1'
#
_entity_poly.entity_id   1
_entity_poly.type   'polypeptide(L)'
_entity_poly.pdbx_seq_one_letter_code
;MKITKDMIIADVLQMDRGTAPIFINNGMHCLGCPSSMGESIEDACAVHGIDADKLVKELNEYFEKKEVLEHHHHHH
;
_entity_poly.pdbx_strand_id   A
#
# COMPACT_ATOMS: atom_id res chain seq x y z
N MET A 1 6.40 -11.32 -6.61
CA MET A 1 5.07 -10.95 -6.03
C MET A 1 4.50 -9.73 -6.76
N LYS A 2 3.18 -9.71 -6.97
CA LYS A 2 2.53 -8.63 -7.73
C LYS A 2 1.33 -8.03 -6.95
N ILE A 3 1.53 -6.85 -6.38
CA ILE A 3 0.49 -6.15 -5.59
C ILE A 3 -0.57 -5.51 -6.49
N THR A 4 -1.83 -5.55 -6.04
CA THR A 4 -2.95 -4.94 -6.76
C THR A 4 -3.68 -3.92 -5.87
N LYS A 5 -4.35 -2.95 -6.47
CA LYS A 5 -5.02 -1.90 -5.68
C LYS A 5 -6.25 -2.46 -4.93
N ASP A 6 -6.73 -3.63 -5.35
CA ASP A 6 -7.86 -4.30 -4.68
C ASP A 6 -7.41 -4.94 -3.35
N MET A 7 -6.09 -5.13 -3.20
CA MET A 7 -5.53 -5.70 -1.97
C MET A 7 -5.74 -4.75 -0.76
N ILE A 8 -5.87 -5.35 0.43
CA ILE A 8 -6.07 -4.59 1.66
C ILE A 8 -4.74 -3.99 2.18
N ILE A 9 -4.74 -2.71 2.54
CA ILE A 9 -3.55 -2.05 3.07
C ILE A 9 -2.97 -2.80 4.28
N ALA A 10 -3.83 -3.13 5.24
CA ALA A 10 -3.42 -3.90 6.42
C ALA A 10 -2.84 -5.28 6.04
N ASP A 11 -3.34 -5.86 4.94
CA ASP A 11 -2.85 -7.17 4.46
C ASP A 11 -1.46 -7.04 3.79
N VAL A 12 -1.25 -5.97 3.04
CA VAL A 12 0.06 -5.67 2.47
C VAL A 12 1.10 -5.50 3.60
N LEU A 13 0.68 -4.84 4.68
CA LEU A 13 1.52 -4.68 5.88
C LEU A 13 1.85 -6.04 6.51
N GLN A 14 1.01 -7.05 6.27
CA GLN A 14 1.27 -8.41 6.74
C GLN A 14 2.37 -9.08 5.90
N MET A 15 2.44 -8.73 4.61
CA MET A 15 3.48 -9.26 3.72
C MET A 15 4.84 -8.64 4.08
N ASP A 16 4.82 -7.36 4.41
CA ASP A 16 6.01 -6.64 4.86
C ASP A 16 5.63 -5.35 5.62
N ARG A 17 6.22 -5.17 6.80
CA ARG A 17 5.97 -3.97 7.62
C ARG A 17 6.62 -2.73 6.98
N GLY A 18 7.64 -2.96 6.13
CA GLY A 18 8.35 -1.87 5.48
C GLY A 18 7.57 -1.21 4.33
N THR A 19 6.34 -1.67 4.11
CA THR A 19 5.47 -1.08 3.07
C THR A 19 4.75 0.18 3.58
N ALA A 20 4.68 0.32 4.90
CA ALA A 20 4.02 1.48 5.53
C ALA A 20 4.55 2.84 5.00
N PRO A 21 5.89 3.06 4.98
CA PRO A 21 6.46 4.33 4.47
C PRO A 21 6.09 4.60 3.00
N ILE A 22 5.73 3.55 2.26
CA ILE A 22 5.28 3.70 0.88
C ILE A 22 3.86 4.28 0.83
N PHE A 23 2.97 3.74 1.66
CA PHE A 23 1.62 4.29 1.82
C PHE A 23 1.70 5.75 2.30
N ILE A 24 2.54 5.99 3.29
CA ILE A 24 2.78 7.36 3.80
C ILE A 24 3.36 8.27 2.70
N ASN A 25 4.23 7.70 1.85
CA ASN A 25 4.82 8.45 0.73
C ASN A 25 3.74 9.04 -0.20
N ASN A 26 2.71 8.25 -0.46
CA ASN A 26 1.63 8.67 -1.37
C ASN A 26 0.53 9.48 -0.66
N GLY A 27 0.67 9.69 0.65
CA GLY A 27 -0.24 10.57 1.38
C GLY A 27 -1.29 9.86 2.24
N MET A 28 -1.08 8.58 2.56
CA MET A 28 -1.99 7.85 3.45
C MET A 28 -1.85 8.31 4.92
N HIS A 29 -2.96 8.28 5.65
CA HIS A 29 -2.96 8.67 7.06
C HIS A 29 -3.17 7.45 7.97
N CYS A 30 -2.08 6.91 8.50
CA CYS A 30 -2.12 5.71 9.35
C CYS A 30 -2.90 5.98 10.66
N LEU A 31 -4.14 5.50 10.71
CA LEU A 31 -5.02 5.73 11.86
C LEU A 31 -5.97 4.53 12.03
N GLY A 32 -6.43 4.29 13.26
CA GLY A 32 -7.35 3.20 13.54
C GLY A 32 -8.72 3.39 12.89
N CYS A 33 -8.76 3.27 11.57
CA CYS A 33 -9.99 3.42 10.80
C CYS A 33 -10.00 2.47 9.58
N PRO A 34 -11.20 2.06 9.11
CA PRO A 34 -11.34 1.28 7.88
C PRO A 34 -10.74 2.00 6.65
N SER A 35 -11.08 3.29 6.50
CA SER A 35 -10.66 4.10 5.33
C SER A 35 -9.15 4.42 5.32
N SER A 36 -8.36 3.62 6.04
CA SER A 36 -6.91 3.82 6.10
C SER A 36 -6.17 2.50 6.24
N MET A 37 -6.64 1.65 7.15
CA MET A 37 -6.02 0.33 7.39
C MET A 37 -6.87 -0.84 6.88
N GLY A 38 -8.16 -0.82 7.22
CA GLY A 38 -9.03 -1.97 6.96
C GLY A 38 -9.41 -2.18 5.48
N GLU A 39 -9.68 -1.10 4.76
CA GLU A 39 -10.13 -1.19 3.38
C GLU A 39 -8.99 -1.46 2.38
N SER A 40 -9.37 -1.67 1.12
CA SER A 40 -8.41 -1.90 0.04
C SER A 40 -7.66 -0.62 -0.34
N ILE A 41 -6.50 -0.78 -0.99
CA ILE A 41 -5.68 0.37 -1.41
C ILE A 41 -6.50 1.38 -2.23
N GLU A 42 -7.18 0.91 -3.28
CA GLU A 42 -8.01 1.78 -4.13
C GLU A 42 -9.12 2.48 -3.33
N ASP A 43 -9.72 1.74 -2.40
CA ASP A 43 -10.83 2.26 -1.60
C ASP A 43 -10.36 3.44 -0.72
N ALA A 44 -9.27 3.22 0.02
CA ALA A 44 -8.68 4.26 0.88
C ALA A 44 -8.14 5.43 0.05
N CYS A 45 -7.56 5.13 -1.12
CA CYS A 45 -7.04 6.17 -2.02
C CYS A 45 -8.16 7.10 -2.50
N ALA A 46 -9.27 6.52 -2.96
CA ALA A 46 -10.41 7.29 -3.47
C ALA A 46 -10.90 8.32 -2.44
N VAL A 47 -10.89 7.93 -1.16
CA VAL A 47 -11.29 8.83 -0.07
C VAL A 47 -10.46 10.12 -0.05
N HIS A 48 -9.13 9.97 -0.01
CA HIS A 48 -8.22 11.13 0.06
C HIS A 48 -7.77 11.60 -1.34
N GLY A 49 -8.34 11.02 -2.40
CA GLY A 49 -7.95 11.36 -3.76
C GLY A 49 -6.49 11.03 -4.08
N ILE A 50 -6.00 9.96 -3.46
CA ILE A 50 -4.60 9.52 -3.63
C ILE A 50 -4.43 8.76 -4.96
N ASP A 51 -3.23 8.84 -5.52
CA ASP A 51 -2.91 8.18 -6.79
C ASP A 51 -2.58 6.69 -6.54
N ALA A 52 -3.62 5.85 -6.47
CA ALA A 52 -3.44 4.42 -6.22
C ALA A 52 -2.60 3.75 -7.31
N ASP A 53 -2.68 4.28 -8.53
CA ASP A 53 -1.89 3.76 -9.64
C ASP A 53 -0.39 3.83 -9.33
N LYS A 54 0.06 4.99 -8.84
CA LYS A 54 1.47 5.18 -8.46
C LYS A 54 1.81 4.40 -7.18
N LEU A 55 0.92 4.48 -6.19
CA LEU A 55 1.11 3.79 -4.91
C LEU A 55 1.33 2.28 -5.10
N VAL A 56 0.45 1.64 -5.86
CA VAL A 56 0.56 0.20 -6.12
C VAL A 56 1.87 -0.14 -6.85
N LYS A 57 2.25 0.68 -7.83
CA LYS A 57 3.52 0.48 -8.55
C LYS A 57 4.72 0.49 -7.58
N GLU A 58 4.77 1.48 -6.69
CA GLU A 58 5.82 1.54 -5.68
C GLU A 58 5.80 0.32 -4.76
N LEU A 59 4.60 -0.15 -4.38
CA LEU A 59 4.46 -1.38 -3.59
C LEU A 59 5.07 -2.59 -4.33
N ASN A 60 4.71 -2.75 -5.61
CA ASN A 60 5.27 -3.83 -6.44
C ASN A 60 6.79 -3.74 -6.51
N GLU A 61 7.29 -2.63 -7.07
CA GLU A 61 8.74 -2.41 -7.20
C GLU A 61 9.48 -2.75 -5.90
N TYR A 62 8.94 -2.28 -4.78
CA TYR A 62 9.51 -2.56 -3.45
C TYR A 62 9.73 -4.07 -3.21
N PHE A 63 8.65 -4.85 -3.29
CA PHE A 63 8.76 -6.31 -3.11
C PHE A 63 9.70 -6.93 -4.16
N GLU A 64 9.56 -6.51 -5.41
CA GLU A 64 10.34 -7.07 -6.51
C GLU A 64 11.83 -6.71 -6.40
N LYS A 65 12.16 -5.67 -5.62
CA LYS A 65 13.55 -5.40 -5.25
C LYS A 65 14.05 -6.47 -4.27
N LYS A 66 13.22 -6.77 -3.26
CA LYS A 66 13.55 -7.78 -2.24
C LYS A 66 13.77 -9.16 -2.87
N GLU A 67 12.94 -9.49 -3.86
CA GLU A 67 13.06 -10.78 -4.57
C GLU A 67 14.41 -10.91 -5.30
N VAL A 68 15.14 -9.80 -5.38
CA VAL A 68 16.51 -9.78 -5.92
C VAL A 68 17.56 -9.75 -4.79
N LEU A 69 17.39 -8.81 -3.86
CA LEU A 69 18.31 -8.64 -2.74
C LEU A 69 18.42 -9.90 -1.86
N GLU A 70 17.28 -10.39 -1.39
CA GLU A 70 17.24 -11.58 -0.52
C GLU A 70 17.64 -12.87 -1.27
N MET A 1 3.87 -11.47 -4.62
CA MET A 1 2.75 -11.56 -5.62
C MET A 1 2.48 -10.19 -6.26
N LYS A 2 1.93 -10.19 -7.46
CA LYS A 2 1.53 -8.94 -8.13
C LYS A 2 0.46 -8.19 -7.33
N ILE A 3 0.88 -7.13 -6.64
CA ILE A 3 -0.04 -6.32 -5.84
C ILE A 3 -1.08 -5.60 -6.72
N THR A 4 -2.34 -5.61 -6.28
CA THR A 4 -3.42 -4.92 -7.00
C THR A 4 -4.07 -3.86 -6.11
N LYS A 5 -4.76 -2.89 -6.72
CA LYS A 5 -5.45 -1.84 -5.95
C LYS A 5 -6.68 -2.40 -5.22
N ASP A 6 -7.06 -3.63 -5.57
CA ASP A 6 -8.17 -4.33 -4.91
C ASP A 6 -7.73 -4.89 -3.54
N MET A 7 -6.43 -5.12 -3.39
CA MET A 7 -5.86 -5.66 -2.15
C MET A 7 -6.00 -4.68 -0.97
N ILE A 8 -6.03 -5.23 0.23
CA ILE A 8 -6.18 -4.42 1.46
C ILE A 8 -4.82 -3.89 1.94
N ILE A 9 -4.78 -2.61 2.34
CA ILE A 9 -3.53 -2.00 2.84
C ILE A 9 -2.95 -2.80 4.02
N ALA A 10 -3.77 -3.05 5.04
CA ALA A 10 -3.35 -3.84 6.21
C ALA A 10 -2.89 -5.25 5.79
N ASP A 11 -3.44 -5.75 4.69
CA ASP A 11 -3.06 -7.06 4.16
C ASP A 11 -1.67 -7.00 3.49
N VAL A 12 -1.42 -5.93 2.74
CA VAL A 12 -0.10 -5.69 2.16
C VAL A 12 0.98 -5.62 3.26
N LEU A 13 0.62 -5.02 4.39
CA LEU A 13 1.51 -4.95 5.56
C LEU A 13 1.85 -6.36 6.08
N GLN A 14 0.94 -7.32 5.91
CA GLN A 14 1.20 -8.71 6.29
C GLN A 14 2.32 -9.32 5.45
N MET A 15 2.46 -8.86 4.20
CA MET A 15 3.55 -9.28 3.33
C MET A 15 4.87 -8.65 3.81
N ASP A 16 4.82 -7.34 4.03
CA ASP A 16 5.95 -6.61 4.61
C ASP A 16 5.49 -5.29 5.26
N ARG A 17 6.04 -5.00 6.43
CA ARG A 17 5.73 -3.75 7.15
C ARG A 17 6.47 -2.57 6.52
N GLY A 18 7.54 -2.87 5.78
CA GLY A 18 8.32 -1.84 5.09
C GLY A 18 7.55 -1.17 3.94
N THR A 19 6.32 -1.62 3.69
CA THR A 19 5.47 -1.01 2.66
C THR A 19 4.76 0.25 3.19
N ALA A 20 4.65 0.37 4.52
CA ALA A 20 3.99 1.51 5.16
C ALA A 20 4.54 2.88 4.69
N PRO A 21 5.88 3.10 4.70
CA PRO A 21 6.49 4.36 4.23
C PRO A 21 6.17 4.66 2.75
N ILE A 22 5.81 3.62 1.99
CA ILE A 22 5.40 3.80 0.59
C ILE A 22 3.98 4.38 0.51
N PHE A 23 3.08 3.83 1.32
CA PHE A 23 1.74 4.40 1.46
C PHE A 23 1.82 5.87 1.93
N ILE A 24 2.69 6.12 2.91
CA ILE A 24 2.95 7.48 3.39
C ILE A 24 3.55 8.36 2.27
N ASN A 25 4.43 7.76 1.46
CA ASN A 25 5.05 8.46 0.32
C ASN A 25 3.99 9.04 -0.63
N ASN A 26 2.82 8.40 -0.67
CA ASN A 26 1.73 8.84 -1.53
C ASN A 26 0.67 9.67 -0.77
N GLY A 27 0.93 9.92 0.51
CA GLY A 27 0.08 10.82 1.29
C GLY A 27 -1.00 10.11 2.13
N MET A 28 -0.77 8.86 2.51
CA MET A 28 -1.71 8.14 3.38
C MET A 28 -1.64 8.63 4.84
N HIS A 29 -2.79 8.61 5.50
CA HIS A 29 -2.88 9.02 6.91
C HIS A 29 -3.59 7.93 7.73
N CYS A 30 -3.44 6.68 7.29
CA CYS A 30 -4.07 5.52 7.96
C CYS A 30 -3.54 5.34 9.39
N LEU A 31 -4.44 5.10 10.34
CA LEU A 31 -4.05 4.96 11.75
C LEU A 31 -5.07 4.08 12.52
N GLY A 32 -4.72 2.80 12.68
CA GLY A 32 -5.50 1.90 13.53
C GLY A 32 -6.86 1.48 12.95
N CYS A 33 -7.78 2.42 12.81
CA CYS A 33 -9.16 2.14 12.42
C CYS A 33 -9.28 1.40 11.08
N PRO A 34 -10.17 0.38 11.00
CA PRO A 34 -10.40 -0.40 9.76
C PRO A 34 -10.79 0.48 8.57
N SER A 35 -11.45 1.61 8.85
CA SER A 35 -11.87 2.58 7.82
C SER A 35 -10.65 3.21 7.10
N SER A 36 -9.44 2.81 7.47
CA SER A 36 -8.22 3.29 6.81
C SER A 36 -7.28 2.12 6.48
N MET A 37 -7.01 1.28 7.49
CA MET A 37 -6.12 0.12 7.34
C MET A 37 -6.81 -1.06 6.60
N GLY A 38 -8.09 -1.29 6.92
CA GLY A 38 -8.79 -2.45 6.40
C GLY A 38 -9.43 -2.24 5.03
N GLU A 39 -9.25 -1.05 4.46
CA GLU A 39 -9.82 -0.73 3.15
C GLU A 39 -8.88 -1.15 2.00
N SER A 40 -9.46 -1.39 0.83
CA SER A 40 -8.67 -1.67 -0.39
C SER A 40 -7.83 -0.44 -0.77
N ILE A 41 -6.65 -0.68 -1.32
CA ILE A 41 -5.70 0.40 -1.65
C ILE A 41 -6.37 1.57 -2.41
N GLU A 42 -7.09 1.26 -3.49
CA GLU A 42 -7.72 2.32 -4.30
C GLU A 42 -8.78 3.10 -3.51
N ASP A 43 -9.54 2.40 -2.66
CA ASP A 43 -10.60 3.03 -1.88
C ASP A 43 -10.01 3.98 -0.83
N ALA A 44 -8.94 3.55 -0.17
CA ALA A 44 -8.22 4.39 0.80
C ALA A 44 -7.52 5.57 0.10
N CYS A 45 -7.04 5.33 -1.12
CA CYS A 45 -6.45 6.39 -1.94
C CYS A 45 -7.46 7.53 -2.17
N ALA A 46 -8.70 7.16 -2.46
CA ALA A 46 -9.78 8.13 -2.67
C ALA A 46 -9.93 9.11 -1.48
N VAL A 47 -9.71 8.59 -0.27
CA VAL A 47 -9.83 9.41 0.95
C VAL A 47 -8.95 10.67 0.90
N HIS A 48 -7.71 10.53 0.41
CA HIS A 48 -6.78 11.66 0.30
C HIS A 48 -6.63 12.14 -1.15
N GLY A 49 -7.39 11.54 -2.06
CA GLY A 49 -7.29 11.89 -3.47
C GLY A 49 -6.01 11.40 -4.14
N ILE A 50 -5.50 10.27 -3.65
CA ILE A 50 -4.27 9.66 -4.17
C ILE A 50 -4.55 8.84 -5.44
N ASP A 51 -3.54 8.64 -6.27
CA ASP A 51 -3.65 7.80 -7.45
C ASP A 51 -3.19 6.37 -7.14
N ALA A 52 -4.13 5.44 -7.03
CA ALA A 52 -3.83 4.05 -6.66
C ALA A 52 -2.96 3.35 -7.70
N ASP A 53 -3.15 3.70 -8.97
CA ASP A 53 -2.36 3.11 -10.06
C ASP A 53 -0.85 3.27 -9.80
N LYS A 54 -0.44 4.48 -9.43
CA LYS A 54 0.96 4.76 -9.12
C LYS A 54 1.40 4.09 -7.80
N LEU A 55 0.58 4.25 -6.76
CA LEU A 55 0.88 3.68 -5.43
C LEU A 55 1.12 2.16 -5.49
N VAL A 56 0.19 1.44 -6.11
CA VAL A 56 0.30 -0.02 -6.25
C VAL A 56 1.58 -0.41 -6.99
N LYS A 57 1.93 0.35 -8.01
CA LYS A 57 3.15 0.08 -8.78
C LYS A 57 4.42 0.28 -7.92
N GLU A 58 4.46 1.35 -7.11
CA GLU A 58 5.57 1.55 -6.17
C GLU A 58 5.71 0.34 -5.22
N LEU A 59 4.58 -0.16 -4.73
CA LEU A 59 4.56 -1.34 -3.86
C LEU A 59 5.22 -2.56 -4.53
N ASN A 60 4.77 -2.89 -5.75
CA ASN A 60 5.34 -4.01 -6.51
C ASN A 60 6.86 -3.85 -6.69
N GLU A 61 7.29 -2.67 -7.16
CA GLU A 61 8.71 -2.38 -7.38
C GLU A 61 9.54 -2.58 -6.10
N TYR A 62 8.91 -2.30 -4.95
CA TYR A 62 9.55 -2.51 -3.65
C TYR A 62 9.82 -4.00 -3.38
N PHE A 63 8.78 -4.82 -3.52
CA PHE A 63 8.90 -6.28 -3.33
C PHE A 63 9.97 -6.87 -4.27
N GLU A 64 10.08 -6.32 -5.48
CA GLU A 64 11.13 -6.74 -6.43
C GLU A 64 12.52 -6.54 -5.82
N LYS A 65 12.73 -5.39 -5.17
CA LYS A 65 14.01 -5.06 -4.55
C LYS A 65 14.37 -6.06 -3.44
N LYS A 66 13.35 -6.50 -2.70
CA LYS A 66 13.55 -7.49 -1.63
C LYS A 66 14.08 -8.81 -2.19
N GLU A 67 13.61 -9.19 -3.39
CA GLU A 67 14.11 -10.38 -4.06
C GLU A 67 15.62 -10.29 -4.31
N VAL A 68 16.13 -9.07 -4.44
CA VAL A 68 17.56 -8.82 -4.57
C VAL A 68 18.26 -8.90 -3.20
N LEU A 69 17.74 -8.15 -2.24
CA LEU A 69 18.31 -8.09 -0.88
C LEU A 69 18.27 -9.47 -0.17
N GLU A 70 17.06 -10.01 0.00
CA GLU A 70 16.86 -11.28 0.72
C GLU A 70 17.65 -12.46 0.10
N MET A 1 3.87 -12.31 -5.01
CA MET A 1 3.03 -11.13 -4.66
C MET A 1 3.04 -10.08 -5.77
N LYS A 2 2.09 -10.19 -6.70
CA LYS A 2 1.89 -9.17 -7.73
C LYS A 2 0.72 -8.26 -7.31
N ILE A 3 1.06 -7.13 -6.69
CA ILE A 3 0.07 -6.27 -6.01
C ILE A 3 -0.92 -5.61 -6.96
N THR A 4 -2.18 -5.55 -6.54
CA THR A 4 -3.22 -4.79 -7.25
C THR A 4 -3.84 -3.73 -6.32
N LYS A 5 -4.49 -2.73 -6.91
CA LYS A 5 -5.17 -1.69 -6.11
C LYS A 5 -6.36 -2.27 -5.34
N ASP A 6 -6.79 -3.47 -5.74
CA ASP A 6 -7.91 -4.17 -5.12
C ASP A 6 -7.50 -4.83 -3.79
N MET A 7 -6.19 -5.03 -3.60
CA MET A 7 -5.68 -5.64 -2.38
C MET A 7 -5.83 -4.72 -1.16
N ILE A 8 -5.91 -5.31 0.03
CA ILE A 8 -6.10 -4.55 1.26
C ILE A 8 -4.77 -4.04 1.83
N ILE A 9 -4.71 -2.75 2.15
CA ILE A 9 -3.46 -2.13 2.65
C ILE A 9 -2.85 -2.91 3.82
N ALA A 10 -3.65 -3.17 4.87
CA ALA A 10 -3.16 -3.89 6.04
C ALA A 10 -2.68 -5.31 5.69
N ASP A 11 -3.32 -5.92 4.70
CA ASP A 11 -2.94 -7.26 4.22
C ASP A 11 -1.58 -7.22 3.50
N VAL A 12 -1.37 -6.17 2.70
CA VAL A 12 -0.07 -5.94 2.06
C VAL A 12 1.04 -5.76 3.12
N LEU A 13 0.71 -5.04 4.19
CA LEU A 13 1.61 -4.87 5.34
C LEU A 13 1.98 -6.23 5.97
N GLN A 14 1.04 -7.18 5.93
CA GLN A 14 1.29 -8.54 6.43
C GLN A 14 2.33 -9.28 5.57
N MET A 15 2.36 -8.98 4.27
CA MET A 15 3.36 -9.55 3.37
C MET A 15 4.76 -9.06 3.76
N ASP A 16 4.90 -7.74 3.81
CA ASP A 16 6.13 -7.09 4.27
C ASP A 16 5.82 -5.73 4.90
N ARG A 17 6.20 -5.55 6.18
CA ARG A 17 6.01 -4.27 6.88
C ARG A 17 6.75 -3.13 6.18
N GLY A 18 7.77 -3.47 5.39
CA GLY A 18 8.54 -2.47 4.66
C GLY A 18 7.75 -1.76 3.56
N THR A 19 6.50 -2.17 3.36
CA THR A 19 5.61 -1.50 2.40
C THR A 19 4.95 -0.26 3.00
N ALA A 20 4.99 -0.15 4.34
CA ALA A 20 4.38 0.99 5.06
C ALA A 20 4.91 2.36 4.55
N PRO A 21 6.26 2.56 4.47
CA PRO A 21 6.83 3.83 3.96
C PRO A 21 6.32 4.18 2.55
N ILE A 22 5.99 3.15 1.77
CA ILE A 22 5.47 3.34 0.42
C ILE A 22 4.05 3.95 0.47
N PHE A 23 3.20 3.40 1.35
CA PHE A 23 1.87 3.96 1.57
C PHE A 23 1.97 5.39 2.14
N ILE A 24 2.84 5.58 3.13
CA ILE A 24 3.08 6.90 3.72
C ILE A 24 3.56 7.91 2.66
N ASN A 25 4.47 7.47 1.78
CA ASN A 25 4.99 8.30 0.67
C ASN A 25 3.84 8.94 -0.13
N ASN A 26 2.89 8.10 -0.54
CA ASN A 26 1.75 8.54 -1.35
C ASN A 26 0.71 9.33 -0.54
N GLY A 27 0.92 9.43 0.78
CA GLY A 27 0.09 10.29 1.61
C GLY A 27 -0.91 9.54 2.50
N MET A 28 -0.71 8.24 2.72
CA MET A 28 -1.57 7.49 3.64
C MET A 28 -1.32 7.93 5.10
N HIS A 29 -2.39 7.98 5.89
CA HIS A 29 -2.31 8.52 7.25
C HIS A 29 -3.05 7.61 8.25
N CYS A 30 -2.31 6.75 8.95
CA CYS A 30 -2.89 5.83 9.95
C CYS A 30 -3.26 6.59 11.25
N LEU A 31 -4.32 7.37 11.18
CA LEU A 31 -4.83 8.14 12.33
C LEU A 31 -6.12 8.87 11.92
N GLY A 32 -7.24 8.41 12.44
CA GLY A 32 -8.53 8.99 12.10
C GLY A 32 -9.64 7.95 11.98
N CYS A 33 -9.61 7.16 10.91
CA CYS A 33 -10.61 6.10 10.69
C CYS A 33 -9.95 4.72 10.55
N PRO A 34 -10.35 3.74 11.39
CA PRO A 34 -9.78 2.38 11.38
C PRO A 34 -10.03 1.62 10.07
N SER A 35 -11.11 1.96 9.36
CA SER A 35 -11.48 1.27 8.11
C SER A 35 -10.37 1.34 7.05
N SER A 36 -9.51 2.35 7.14
CA SER A 36 -8.40 2.52 6.17
C SER A 36 -7.49 1.29 6.12
N MET A 37 -7.49 0.49 7.19
CA MET A 37 -6.73 -0.77 7.24
C MET A 37 -7.55 -1.95 6.72
N GLY A 38 -8.88 -1.80 6.68
CA GLY A 38 -9.76 -2.88 6.25
C GLY A 38 -10.22 -2.75 4.79
N GLU A 39 -10.03 -1.57 4.20
CA GLU A 39 -10.41 -1.33 2.81
C GLU A 39 -9.22 -1.46 1.84
N SER A 40 -9.52 -1.51 0.54
CA SER A 40 -8.49 -1.74 -0.48
C SER A 40 -7.64 -0.49 -0.74
N ILE A 41 -6.51 -0.68 -1.40
CA ILE A 41 -5.60 0.41 -1.75
C ILE A 41 -6.30 1.53 -2.54
N GLU A 42 -7.02 1.16 -3.60
CA GLU A 42 -7.70 2.16 -4.45
C GLU A 42 -8.84 2.85 -3.69
N ASP A 43 -9.55 2.11 -2.84
CA ASP A 43 -10.65 2.67 -2.05
C ASP A 43 -10.10 3.72 -1.06
N ALA A 44 -9.07 3.33 -0.32
CA ALA A 44 -8.41 4.21 0.64
C ALA A 44 -7.80 5.44 -0.04
N CYS A 45 -7.14 5.23 -1.18
CA CYS A 45 -6.57 6.33 -1.97
C CYS A 45 -7.61 7.42 -2.25
N ALA A 46 -8.76 7.01 -2.80
CA ALA A 46 -9.85 7.95 -3.12
C ALA A 46 -10.29 8.76 -1.89
N VAL A 47 -10.32 8.13 -0.72
CA VAL A 47 -10.70 8.81 0.52
C VAL A 47 -9.77 10.00 0.84
N HIS A 48 -8.47 9.80 0.65
CA HIS A 48 -7.47 10.85 0.94
C HIS A 48 -7.07 11.61 -0.34
N GLY A 49 -7.65 11.23 -1.48
CA GLY A 49 -7.34 11.88 -2.76
C GLY A 49 -6.05 11.38 -3.40
N ILE A 50 -5.53 10.27 -2.88
CA ILE A 50 -4.29 9.66 -3.39
C ILE A 50 -4.55 8.95 -4.74
N ASP A 51 -3.51 8.82 -5.56
CA ASP A 51 -3.60 8.08 -6.81
C ASP A 51 -3.08 6.64 -6.63
N ALA A 52 -3.98 5.66 -6.76
CA ALA A 52 -3.62 4.26 -6.58
C ALA A 52 -2.71 3.73 -7.69
N ASP A 53 -2.86 4.26 -8.90
CA ASP A 53 -2.08 3.81 -10.06
C ASP A 53 -0.56 4.00 -9.81
N LYS A 54 -0.19 5.12 -9.19
CA LYS A 54 1.21 5.37 -8.80
C LYS A 54 1.63 4.45 -7.63
N LEU A 55 0.80 4.42 -6.60
CA LEU A 55 1.10 3.68 -5.36
C LEU A 55 1.31 2.18 -5.62
N VAL A 56 0.41 1.56 -6.37
CA VAL A 56 0.47 0.12 -6.63
C VAL A 56 1.77 -0.28 -7.37
N LYS A 57 2.22 0.54 -8.32
CA LYS A 57 3.48 0.28 -9.01
C LYS A 57 4.66 0.29 -8.02
N GLU A 58 4.68 1.30 -7.15
CA GLU A 58 5.69 1.38 -6.08
C GLU A 58 5.69 0.11 -5.22
N LEU A 59 4.50 -0.38 -4.88
CA LEU A 59 4.36 -1.61 -4.11
C LEU A 59 4.94 -2.84 -4.85
N ASN A 60 4.51 -3.05 -6.09
CA ASN A 60 5.00 -4.18 -6.90
C ASN A 60 6.53 -4.18 -7.02
N GLU A 61 7.10 -3.03 -7.40
CA GLU A 61 8.56 -2.91 -7.51
C GLU A 61 9.26 -3.33 -6.21
N TYR A 62 8.71 -2.91 -5.08
CA TYR A 62 9.30 -3.22 -3.77
C TYR A 62 9.42 -4.74 -3.54
N PHE A 63 8.34 -5.47 -3.77
CA PHE A 63 8.34 -6.93 -3.57
C PHE A 63 9.40 -7.61 -4.47
N GLU A 64 9.58 -7.10 -5.68
CA GLU A 64 10.66 -7.58 -6.56
C GLU A 64 12.04 -7.12 -6.05
N LYS A 65 12.09 -5.92 -5.44
CA LYS A 65 13.32 -5.42 -4.82
C LYS A 65 13.72 -6.28 -3.61
N LYS A 66 12.75 -6.89 -2.94
CA LYS A 66 13.03 -7.80 -1.81
C LYS A 66 14.07 -8.87 -2.20
N GLU A 67 13.90 -9.46 -3.37
CA GLU A 67 14.82 -10.47 -3.88
C GLU A 67 16.21 -9.90 -4.19
N VAL A 68 16.28 -8.58 -4.39
CA VAL A 68 17.54 -7.90 -4.65
C VAL A 68 18.27 -7.52 -3.34
N LEU A 69 17.56 -6.79 -2.49
CA LEU A 69 18.12 -6.27 -1.23
C LEU A 69 18.46 -7.39 -0.23
N GLU A 70 17.44 -8.16 0.15
CA GLU A 70 17.57 -9.22 1.16
C GLU A 70 18.34 -10.45 0.64
N MET A 1 2.98 -13.61 -8.64
CA MET A 1 2.20 -12.74 -7.72
C MET A 1 2.60 -11.26 -7.85
N LYS A 2 1.61 -10.41 -8.10
CA LYS A 2 1.81 -8.95 -8.18
C LYS A 2 0.75 -8.22 -7.33
N ILE A 3 1.16 -7.17 -6.64
CA ILE A 3 0.24 -6.35 -5.86
C ILE A 3 -0.76 -5.63 -6.77
N THR A 4 -2.04 -5.66 -6.43
CA THR A 4 -3.08 -5.01 -7.24
C THR A 4 -3.78 -3.91 -6.45
N LYS A 5 -4.35 -2.93 -7.16
CA LYS A 5 -5.06 -1.82 -6.52
C LYS A 5 -6.37 -2.27 -5.85
N ASP A 6 -6.77 -3.51 -6.11
CA ASP A 6 -7.96 -4.11 -5.50
C ASP A 6 -7.63 -4.74 -4.12
N MET A 7 -6.34 -4.92 -3.85
CA MET A 7 -5.88 -5.52 -2.59
C MET A 7 -6.11 -4.59 -1.38
N ILE A 8 -6.18 -5.20 -0.20
CA ILE A 8 -6.40 -4.44 1.06
C ILE A 8 -5.07 -3.91 1.63
N ILE A 9 -5.11 -2.69 2.19
CA ILE A 9 -3.91 -2.07 2.77
C ILE A 9 -3.26 -2.96 3.84
N ALA A 10 -4.06 -3.40 4.82
CA ALA A 10 -3.57 -4.28 5.87
C ALA A 10 -2.96 -5.58 5.31
N ASP A 11 -3.57 -6.09 4.23
CA ASP A 11 -3.10 -7.31 3.59
C ASP A 11 -1.67 -7.13 3.03
N VAL A 12 -1.42 -5.98 2.44
CA VAL A 12 -0.07 -5.63 1.96
C VAL A 12 0.92 -5.52 3.14
N LEU A 13 0.47 -4.92 4.24
CA LEU A 13 1.27 -4.81 5.46
C LEU A 13 1.62 -6.20 6.02
N GLN A 14 0.71 -7.17 5.82
CA GLN A 14 0.93 -8.55 6.26
C GLN A 14 2.03 -9.25 5.43
N MET A 15 2.38 -8.66 4.29
CA MET A 15 3.49 -9.17 3.47
C MET A 15 4.81 -8.54 3.94
N ASP A 16 4.77 -7.24 4.22
CA ASP A 16 5.92 -6.52 4.76
C ASP A 16 5.48 -5.18 5.39
N ARG A 17 5.97 -4.88 6.59
CA ARG A 17 5.60 -3.66 7.31
C ARG A 17 6.18 -2.39 6.64
N GLY A 18 7.28 -2.57 5.90
CA GLY A 18 7.95 -1.45 5.25
C GLY A 18 7.12 -0.80 4.14
N THR A 19 5.93 -1.34 3.88
CA THR A 19 5.02 -0.77 2.89
C THR A 19 4.19 0.39 3.46
N ALA A 20 4.06 0.43 4.79
CA ALA A 20 3.30 1.49 5.47
C ALA A 20 3.78 2.90 5.08
N PRO A 21 5.10 3.21 5.17
CA PRO A 21 5.63 4.51 4.73
C PRO A 21 5.38 4.78 3.24
N ILE A 22 5.23 3.72 2.44
CA ILE A 22 4.93 3.87 1.01
C ILE A 22 3.49 4.36 0.80
N PHE A 23 2.54 3.80 1.56
CA PHE A 23 1.17 4.29 1.56
C PHE A 23 1.13 5.77 1.99
N ILE A 24 1.82 6.08 3.08
CA ILE A 24 1.93 7.46 3.56
C ILE A 24 2.61 8.37 2.52
N ASN A 25 3.61 7.82 1.83
CA ASN A 25 4.33 8.54 0.77
C ASN A 25 3.38 9.05 -0.33
N ASN A 26 2.31 8.31 -0.59
CA ASN A 26 1.35 8.69 -1.62
C ASN A 26 0.20 9.56 -1.07
N GLY A 27 0.14 9.71 0.26
CA GLY A 27 -0.88 10.57 0.87
C GLY A 27 -1.68 9.93 2.00
N MET A 28 -1.49 8.62 2.22
CA MET A 28 -2.18 7.94 3.33
C MET A 28 -1.53 8.28 4.69
N HIS A 29 -2.11 7.78 5.78
CA HIS A 29 -1.58 8.06 7.13
C HIS A 29 -1.55 6.79 7.99
N CYS A 30 -0.97 6.91 9.19
CA CYS A 30 -0.87 5.80 10.15
C CYS A 30 -2.24 5.47 10.79
N LEU A 31 -2.22 4.71 11.88
CA LEU A 31 -3.45 4.31 12.56
C LEU A 31 -4.10 5.49 13.31
N GLY A 32 -4.72 6.38 12.54
CA GLY A 32 -5.53 7.44 13.14
C GLY A 32 -7.00 7.01 13.25
N CYS A 33 -7.37 6.05 12.41
CA CYS A 33 -8.70 5.44 12.43
C CYS A 33 -8.61 3.96 12.03
N PRO A 34 -9.28 3.04 12.77
CA PRO A 34 -9.19 1.60 12.52
C PRO A 34 -9.54 1.21 11.07
N SER A 35 -10.45 1.96 10.46
CA SER A 35 -10.88 1.73 9.07
C SER A 35 -9.70 1.71 8.09
N SER A 36 -8.71 2.57 8.34
CA SER A 36 -7.57 2.78 7.42
C SER A 36 -6.93 1.46 6.93
N MET A 37 -6.96 0.43 7.77
CA MET A 37 -6.28 -0.84 7.46
C MET A 37 -7.16 -1.77 6.61
N GLY A 38 -8.48 -1.71 6.82
CA GLY A 38 -9.40 -2.62 6.13
C GLY A 38 -9.78 -2.17 4.72
N GLU A 39 -9.45 -0.92 4.37
CA GLU A 39 -9.81 -0.37 3.06
C GLU A 39 -8.89 -0.92 1.94
N SER A 40 -9.47 -1.12 0.75
CA SER A 40 -8.68 -1.50 -0.44
C SER A 40 -7.82 -0.31 -0.91
N ILE A 41 -6.66 -0.60 -1.49
CA ILE A 41 -5.74 0.45 -1.94
C ILE A 41 -6.42 1.52 -2.81
N GLU A 42 -7.07 1.11 -3.90
CA GLU A 42 -7.73 2.05 -4.82
C GLU A 42 -8.86 2.83 -4.10
N ASP A 43 -9.56 2.15 -3.21
CA ASP A 43 -10.69 2.73 -2.48
C ASP A 43 -10.22 3.80 -1.48
N ALA A 44 -9.28 3.43 -0.62
CA ALA A 44 -8.68 4.36 0.34
C ALA A 44 -8.00 5.55 -0.37
N CYS A 45 -7.30 5.28 -1.46
CA CYS A 45 -6.70 6.34 -2.28
C CYS A 45 -7.77 7.32 -2.78
N ALA A 46 -8.89 6.78 -3.26
CA ALA A 46 -10.00 7.61 -3.76
C ALA A 46 -10.52 8.58 -2.68
N VAL A 47 -10.60 8.11 -1.44
CA VAL A 47 -11.05 8.94 -0.31
C VAL A 47 -10.22 10.23 -0.16
N HIS A 48 -8.90 10.11 -0.34
CA HIS A 48 -7.99 11.26 -0.22
C HIS A 48 -7.79 11.95 -1.59
N GLY A 49 -8.02 11.21 -2.66
CA GLY A 49 -7.76 11.72 -4.02
C GLY A 49 -6.37 11.33 -4.54
N ILE A 50 -5.84 10.24 -4.00
CA ILE A 50 -4.49 9.77 -4.34
C ILE A 50 -4.48 8.99 -5.67
N ASP A 51 -3.31 8.96 -6.32
CA ASP A 51 -3.10 8.16 -7.52
C ASP A 51 -2.73 6.71 -7.13
N ALA A 52 -3.69 5.80 -7.20
CA ALA A 52 -3.48 4.42 -6.78
C ALA A 52 -2.56 3.64 -7.73
N ASP A 53 -2.45 4.10 -8.97
CA ASP A 53 -1.63 3.41 -9.96
C ASP A 53 -0.14 3.53 -9.60
N LYS A 54 0.27 4.72 -9.19
CA LYS A 54 1.66 4.95 -8.74
C LYS A 54 1.93 4.18 -7.44
N LEU A 55 1.01 4.29 -6.48
CA LEU A 55 1.17 3.64 -5.17
C LEU A 55 1.37 2.12 -5.30
N VAL A 56 0.45 1.45 -5.99
CA VAL A 56 0.53 0.00 -6.17
C VAL A 56 1.85 -0.44 -6.82
N LYS A 57 2.30 0.31 -7.81
CA LYS A 57 3.55 -0.01 -8.51
C LYS A 57 4.77 0.20 -7.59
N GLU A 58 4.74 1.23 -6.75
CA GLU A 58 5.77 1.42 -5.72
C GLU A 58 5.82 0.21 -4.78
N LEU A 59 4.65 -0.27 -4.38
CA LEU A 59 4.54 -1.47 -3.53
C LEU A 59 5.20 -2.69 -4.19
N ASN A 60 4.80 -2.98 -5.44
CA ASN A 60 5.40 -4.09 -6.20
C ASN A 60 6.92 -3.98 -6.26
N GLU A 61 7.42 -2.86 -6.78
CA GLU A 61 8.86 -2.62 -6.92
C GLU A 61 9.60 -2.83 -5.58
N TYR A 62 9.00 -2.37 -4.49
CA TYR A 62 9.56 -2.58 -3.14
C TYR A 62 9.79 -4.08 -2.84
N PHE A 63 8.77 -4.90 -3.11
CA PHE A 63 8.88 -6.34 -2.88
C PHE A 63 9.93 -6.98 -3.78
N GLU A 64 10.01 -6.52 -5.03
CA GLU A 64 11.02 -7.01 -5.98
C GLU A 64 12.44 -6.67 -5.49
N LYS A 65 12.61 -5.45 -4.95
CA LYS A 65 13.89 -5.04 -4.37
C LYS A 65 14.34 -6.01 -3.26
N LYS A 66 13.39 -6.45 -2.42
CA LYS A 66 13.66 -7.44 -1.39
C LYS A 66 14.25 -8.74 -1.99
N GLU A 67 13.58 -9.26 -3.02
CA GLU A 67 14.00 -10.49 -3.68
C GLU A 67 15.41 -10.38 -4.27
N VAL A 68 15.79 -9.16 -4.67
CA VAL A 68 17.13 -8.90 -5.20
C VAL A 68 18.20 -8.92 -4.09
N LEU A 69 17.98 -8.11 -3.07
CA LEU A 69 18.95 -7.98 -1.95
C LEU A 69 19.01 -9.23 -1.06
N GLU A 70 17.84 -9.62 -0.52
CA GLU A 70 17.75 -10.74 0.43
C GLU A 70 17.83 -12.11 -0.28
N MET A 1 5.91 -12.26 -6.35
CA MET A 1 4.54 -11.89 -5.88
C MET A 1 4.28 -10.39 -6.15
N LYS A 2 3.14 -10.08 -6.76
CA LYS A 2 2.81 -8.70 -7.16
C LYS A 2 1.57 -8.17 -6.45
N ILE A 3 1.62 -6.90 -6.06
CA ILE A 3 0.51 -6.24 -5.37
C ILE A 3 -0.45 -5.55 -6.35
N THR A 4 -1.75 -5.57 -6.06
CA THR A 4 -2.76 -4.91 -6.90
C THR A 4 -3.48 -3.80 -6.12
N LYS A 5 -4.27 -2.99 -6.82
CA LYS A 5 -5.05 -1.93 -6.15
C LYS A 5 -6.34 -2.48 -5.53
N ASP A 6 -6.67 -3.73 -5.87
CA ASP A 6 -7.84 -4.41 -5.34
C ASP A 6 -7.56 -4.97 -3.93
N MET A 7 -6.29 -5.24 -3.65
CA MET A 7 -5.88 -5.82 -2.36
C MET A 7 -6.14 -4.86 -1.19
N ILE A 8 -6.17 -5.40 0.02
CA ILE A 8 -6.38 -4.61 1.23
C ILE A 8 -5.03 -4.07 1.76
N ILE A 9 -4.97 -2.76 2.04
CA ILE A 9 -3.75 -2.12 2.52
C ILE A 9 -3.18 -2.81 3.79
N ALA A 10 -4.05 -3.09 4.75
CA ALA A 10 -3.65 -3.80 5.97
C ALA A 10 -3.14 -5.21 5.65
N ASP A 11 -3.74 -5.83 4.64
CA ASP A 11 -3.34 -7.17 4.19
C ASP A 11 -1.91 -7.12 3.61
N VAL A 12 -1.62 -6.08 2.84
CA VAL A 12 -0.27 -5.85 2.30
C VAL A 12 0.76 -5.66 3.43
N LEU A 13 0.33 -4.96 4.49
CA LEU A 13 1.18 -4.78 5.68
C LEU A 13 1.51 -6.11 6.35
N GLN A 14 0.61 -7.09 6.22
CA GLN A 14 0.85 -8.44 6.75
C GLN A 14 1.96 -9.16 5.98
N MET A 15 2.17 -8.76 4.72
CA MET A 15 3.27 -9.28 3.91
C MET A 15 4.59 -8.67 4.35
N ASP A 16 4.64 -7.34 4.38
CA ASP A 16 5.84 -6.61 4.81
C ASP A 16 5.48 -5.21 5.35
N ARG A 17 5.88 -4.92 6.59
CA ARG A 17 5.61 -3.61 7.22
C ARG A 17 6.34 -2.46 6.50
N GLY A 18 7.36 -2.78 5.71
CA GLY A 18 8.11 -1.76 4.98
C GLY A 18 7.29 -1.09 3.88
N THR A 19 6.08 -1.59 3.64
CA THR A 19 5.15 -0.99 2.69
C THR A 19 4.40 0.20 3.32
N ALA A 20 4.31 0.21 4.65
CA ALA A 20 3.61 1.29 5.37
C ALA A 20 4.12 2.69 5.01
N PRO A 21 5.46 2.95 5.10
CA PRO A 21 6.03 4.26 4.70
C PRO A 21 5.72 4.61 3.24
N ILE A 22 5.51 3.58 2.41
CA ILE A 22 5.13 3.79 1.00
C ILE A 22 3.67 4.30 0.90
N PHE A 23 2.80 3.71 1.71
CA PHE A 23 1.41 4.19 1.80
C PHE A 23 1.38 5.63 2.34
N ILE A 24 2.09 5.86 3.44
CA ILE A 24 2.22 7.20 4.03
C ILE A 24 2.83 8.20 3.03
N ASN A 25 3.80 7.72 2.24
CA ASN A 25 4.43 8.52 1.17
C ASN A 25 3.38 9.14 0.23
N ASN A 26 2.42 8.33 -0.19
CA ASN A 26 1.39 8.77 -1.14
C ASN A 26 0.26 9.55 -0.44
N GLY A 27 0.37 9.75 0.88
CA GLY A 27 -0.56 10.61 1.60
C GLY A 27 -1.52 9.90 2.55
N MET A 28 -1.25 8.63 2.85
CA MET A 28 -2.08 7.88 3.83
C MET A 28 -1.81 8.33 5.28
N HIS A 29 -2.73 7.98 6.18
CA HIS A 29 -2.62 8.34 7.60
C HIS A 29 -3.25 7.24 8.48
N CYS A 30 -2.59 6.92 9.59
CA CYS A 30 -3.06 5.82 10.44
C CYS A 30 -2.39 5.79 11.82
N LEU A 31 -3.22 5.74 12.86
CA LEU A 31 -2.77 5.43 14.23
C LEU A 31 -3.43 4.10 14.65
N GLY A 32 -3.62 3.22 13.66
CA GLY A 32 -4.50 2.07 13.82
C GLY A 32 -5.91 2.40 13.37
N CYS A 33 -6.01 3.12 12.24
CA CYS A 33 -7.29 3.65 11.76
C CYS A 33 -7.86 2.81 10.61
N PRO A 34 -9.15 2.45 10.67
CA PRO A 34 -9.82 1.65 9.62
C PRO A 34 -9.71 2.27 8.21
N SER A 35 -10.24 3.48 8.03
CA SER A 35 -10.24 4.16 6.73
C SER A 35 -8.83 4.56 6.28
N SER A 36 -8.09 3.56 5.80
CA SER A 36 -6.70 3.70 5.31
C SER A 36 -5.97 2.36 5.39
N MET A 37 -6.34 1.54 6.37
CA MET A 37 -5.71 0.23 6.59
C MET A 37 -6.59 -0.92 6.08
N GLY A 38 -7.71 -1.15 6.76
CA GLY A 38 -8.57 -2.30 6.44
C GLY A 38 -9.29 -2.20 5.09
N GLU A 39 -9.00 -1.15 4.33
CA GLU A 39 -9.63 -0.95 3.02
C GLU A 39 -8.65 -1.24 1.87
N SER A 40 -9.19 -1.46 0.67
CA SER A 40 -8.36 -1.73 -0.52
C SER A 40 -7.58 -0.48 -0.93
N ILE A 41 -6.42 -0.67 -1.58
CA ILE A 41 -5.60 0.47 -2.01
C ILE A 41 -6.41 1.50 -2.82
N GLU A 42 -7.13 1.05 -3.83
CA GLU A 42 -7.93 1.95 -4.67
C GLU A 42 -9.13 2.53 -3.90
N ASP A 43 -9.69 1.73 -2.99
CA ASP A 43 -10.84 2.14 -2.17
C ASP A 43 -10.46 3.28 -1.21
N ALA A 44 -9.33 3.12 -0.52
CA ALA A 44 -8.82 4.12 0.42
C ALA A 44 -8.30 5.38 -0.31
N CYS A 45 -7.48 5.17 -1.35
CA CYS A 45 -6.94 6.29 -2.13
C CYS A 45 -8.05 7.18 -2.70
N ALA A 46 -9.11 6.54 -3.21
CA ALA A 46 -10.26 7.28 -3.78
C ALA A 46 -10.86 8.29 -2.79
N VAL A 47 -10.85 7.95 -1.50
CA VAL A 47 -11.42 8.81 -0.45
C VAL A 47 -10.80 10.21 -0.46
N HIS A 48 -9.47 10.29 -0.45
CA HIS A 48 -8.77 11.58 -0.51
C HIS A 48 -8.54 12.05 -1.95
N GLY A 49 -8.61 11.11 -2.89
CA GLY A 49 -8.32 11.40 -4.29
C GLY A 49 -6.87 11.12 -4.68
N ILE A 50 -6.25 10.18 -3.97
CA ILE A 50 -4.85 9.79 -4.23
C ILE A 50 -4.74 8.91 -5.47
N ASP A 51 -3.62 9.01 -6.19
CA ASP A 51 -3.37 8.15 -7.35
C ASP A 51 -2.90 6.77 -6.89
N ALA A 52 -3.84 5.84 -6.75
CA ALA A 52 -3.54 4.48 -6.31
C ALA A 52 -2.66 3.72 -7.31
N ASP A 53 -2.72 4.13 -8.57
CA ASP A 53 -1.94 3.48 -9.64
C ASP A 53 -0.43 3.59 -9.36
N LYS A 54 0.01 4.80 -8.99
CA LYS A 54 1.42 5.01 -8.62
C LYS A 54 1.77 4.28 -7.32
N LEU A 55 0.90 4.41 -6.32
CA LEU A 55 1.09 3.76 -5.02
C LEU A 55 1.33 2.24 -5.17
N VAL A 56 0.44 1.59 -5.91
CA VAL A 56 0.56 0.14 -6.15
C VAL A 56 1.90 -0.20 -6.83
N LYS A 57 2.28 0.57 -7.83
CA LYS A 57 3.57 0.36 -8.52
C LYS A 57 4.74 0.44 -7.54
N GLU A 58 4.74 1.45 -6.66
CA GLU A 58 5.76 1.58 -5.62
C GLU A 58 5.79 0.35 -4.71
N LEU A 59 4.62 -0.17 -4.36
CA LEU A 59 4.51 -1.40 -3.57
C LEU A 59 5.16 -2.60 -4.29
N ASN A 60 4.80 -2.79 -5.56
CA ASN A 60 5.37 -3.87 -6.38
C ASN A 60 6.89 -3.77 -6.46
N GLU A 61 7.38 -2.60 -6.90
CA GLU A 61 8.83 -2.36 -6.99
C GLU A 61 9.53 -2.73 -5.68
N TYR A 62 8.92 -2.37 -4.56
CA TYR A 62 9.46 -2.67 -3.23
C TYR A 62 9.64 -4.18 -3.01
N PHE A 63 8.57 -4.96 -3.23
CA PHE A 63 8.65 -6.41 -3.08
C PHE A 63 9.69 -7.01 -4.04
N GLU A 64 9.74 -6.48 -5.27
CA GLU A 64 10.75 -6.90 -6.24
C GLU A 64 12.17 -6.67 -5.70
N LYS A 65 12.38 -5.54 -5.03
CA LYS A 65 13.68 -5.25 -4.38
C LYS A 65 14.07 -6.39 -3.43
N LYS A 66 13.09 -6.87 -2.67
CA LYS A 66 13.31 -8.01 -1.77
C LYS A 66 13.67 -9.28 -2.56
N GLU A 67 12.90 -9.56 -3.61
CA GLU A 67 13.13 -10.75 -4.46
C GLU A 67 14.48 -10.67 -5.21
N VAL A 68 15.05 -9.47 -5.28
CA VAL A 68 16.38 -9.27 -5.89
C VAL A 68 17.50 -9.38 -4.85
N LEU A 69 17.43 -8.56 -3.81
CA LEU A 69 18.48 -8.45 -2.81
C LEU A 69 18.58 -9.69 -1.91
N GLU A 70 17.48 -10.06 -1.28
CA GLU A 70 17.45 -11.18 -0.31
C GLU A 70 17.88 -12.53 -0.95
N MET A 1 4.06 -12.14 -5.31
CA MET A 1 2.74 -11.80 -5.91
C MET A 1 2.71 -10.33 -6.37
N LYS A 2 2.26 -10.09 -7.61
CA LYS A 2 2.11 -8.73 -8.13
C LYS A 2 0.92 -8.02 -7.42
N ILE A 3 1.21 -6.85 -6.85
CA ILE A 3 0.21 -6.11 -6.06
C ILE A 3 -0.86 -5.44 -6.95
N THR A 4 -2.11 -5.49 -6.49
CA THR A 4 -3.22 -4.82 -7.19
C THR A 4 -3.82 -3.72 -6.31
N LYS A 5 -4.52 -2.75 -6.91
CA LYS A 5 -5.08 -1.63 -6.14
C LYS A 5 -6.29 -2.05 -5.30
N ASP A 6 -6.85 -3.23 -5.60
CA ASP A 6 -7.96 -3.78 -4.81
C ASP A 6 -7.45 -4.48 -3.54
N MET A 7 -6.15 -4.74 -3.46
CA MET A 7 -5.55 -5.36 -2.28
C MET A 7 -5.68 -4.46 -1.03
N ILE A 8 -6.09 -5.07 0.08
CA ILE A 8 -6.27 -4.35 1.35
C ILE A 8 -4.93 -3.86 1.92
N ILE A 9 -4.88 -2.61 2.40
CA ILE A 9 -3.64 -2.03 2.94
C ILE A 9 -3.01 -2.94 4.02
N ALA A 10 -3.81 -3.33 5.02
CA ALA A 10 -3.33 -4.22 6.09
C ALA A 10 -2.80 -5.55 5.52
N ASP A 11 -3.46 -6.05 4.48
CA ASP A 11 -3.07 -7.30 3.82
C ASP A 11 -1.67 -7.18 3.19
N VAL A 12 -1.39 -6.01 2.62
CA VAL A 12 -0.06 -5.70 2.06
C VAL A 12 0.98 -5.55 3.18
N LEU A 13 0.60 -4.88 4.27
CA LEU A 13 1.48 -4.69 5.43
C LEU A 13 1.93 -6.05 6.03
N GLN A 14 1.08 -7.06 5.93
CA GLN A 14 1.41 -8.41 6.39
C GLN A 14 2.60 -9.00 5.61
N MET A 15 2.66 -8.70 4.31
CA MET A 15 3.73 -9.19 3.45
C MET A 15 5.07 -8.57 3.87
N ASP A 16 5.06 -7.25 4.05
CA ASP A 16 6.24 -6.52 4.51
C ASP A 16 5.84 -5.17 5.11
N ARG A 17 6.17 -4.96 6.39
CA ARG A 17 5.86 -3.70 7.09
C ARG A 17 6.55 -2.49 6.45
N GLY A 18 7.61 -2.72 5.69
CA GLY A 18 8.34 -1.65 5.03
C GLY A 18 7.52 -0.96 3.92
N THR A 19 6.32 -1.45 3.66
CA THR A 19 5.42 -0.83 2.67
C THR A 19 4.63 0.34 3.28
N ALA A 20 4.54 0.38 4.61
CA ALA A 20 3.79 1.44 5.31
C ALA A 20 4.27 2.85 4.91
N PRO A 21 5.60 3.14 4.95
CA PRO A 21 6.13 4.45 4.51
C PRO A 21 5.80 4.76 3.04
N ILE A 22 5.67 3.72 2.22
CA ILE A 22 5.30 3.89 0.81
C ILE A 22 3.86 4.41 0.68
N PHE A 23 2.95 3.87 1.50
CA PHE A 23 1.59 4.39 1.58
C PHE A 23 1.58 5.85 2.08
N ILE A 24 2.23 6.08 3.23
CA ILE A 24 2.33 7.42 3.81
C ILE A 24 2.99 8.41 2.82
N ASN A 25 3.94 7.92 2.05
CA ASN A 25 4.65 8.72 1.04
C ASN A 25 3.67 9.34 0.03
N ASN A 26 2.79 8.50 -0.51
CA ASN A 26 1.80 8.97 -1.50
C ASN A 26 0.67 9.80 -0.86
N GLY A 27 0.67 9.90 0.47
CA GLY A 27 -0.27 10.79 1.14
C GLY A 27 -1.32 10.08 1.99
N MET A 28 -1.09 8.82 2.34
CA MET A 28 -2.01 8.10 3.23
C MET A 28 -1.90 8.60 4.68
N HIS A 29 -3.04 8.65 5.36
CA HIS A 29 -3.10 9.11 6.76
C HIS A 29 -4.04 8.22 7.58
N CYS A 30 -4.20 8.53 8.87
CA CYS A 30 -5.06 7.74 9.77
C CYS A 30 -4.59 6.27 9.85
N LEU A 31 -3.33 6.06 9.50
CA LEU A 31 -2.74 4.70 9.46
C LEU A 31 -2.80 4.05 10.86
N GLY A 32 -3.64 3.04 10.99
CA GLY A 32 -3.79 2.35 12.28
C GLY A 32 -5.25 2.11 12.66
N CYS A 33 -6.14 2.99 12.18
CA CYS A 33 -7.57 2.86 12.47
C CYS A 33 -8.21 1.70 11.67
N PRO A 34 -9.18 0.98 12.28
CA PRO A 34 -9.81 -0.21 11.68
C PRO A 34 -10.18 -0.07 10.19
N SER A 35 -10.96 0.96 9.86
CA SER A 35 -11.42 1.18 8.48
C SER A 35 -10.23 1.32 7.51
N SER A 36 -9.35 2.28 7.79
CA SER A 36 -8.16 2.54 6.95
C SER A 36 -7.29 1.28 6.77
N MET A 37 -7.31 0.39 7.75
CA MET A 37 -6.58 -0.87 7.67
C MET A 37 -7.33 -1.91 6.84
N GLY A 38 -8.67 -1.89 6.92
CA GLY A 38 -9.49 -2.92 6.30
C GLY A 38 -10.03 -2.56 4.91
N GLU A 39 -9.53 -1.47 4.32
CA GLU A 39 -9.97 -1.07 2.98
C GLU A 39 -8.83 -1.19 1.95
N SER A 40 -9.20 -1.22 0.68
CA SER A 40 -8.25 -1.44 -0.43
C SER A 40 -7.43 -0.18 -0.73
N ILE A 41 -6.32 -0.37 -1.43
CA ILE A 41 -5.46 0.74 -1.85
C ILE A 41 -6.22 1.77 -2.70
N GLU A 42 -7.03 1.30 -3.65
CA GLU A 42 -7.82 2.18 -4.51
C GLU A 42 -8.88 2.96 -3.71
N ASP A 43 -9.54 2.28 -2.77
CA ASP A 43 -10.57 2.92 -1.96
C ASP A 43 -9.96 3.98 -1.00
N ALA A 44 -8.89 3.59 -0.30
CA ALA A 44 -8.18 4.52 0.59
C ALA A 44 -7.63 5.73 -0.17
N CYS A 45 -7.02 5.49 -1.33
CA CYS A 45 -6.53 6.58 -2.18
C CYS A 45 -7.64 7.56 -2.53
N ALA A 46 -8.84 7.04 -2.80
CA ALA A 46 -9.99 7.87 -3.13
C ALA A 46 -10.38 8.82 -1.99
N VAL A 47 -10.07 8.43 -0.75
CA VAL A 47 -10.32 9.27 0.42
C VAL A 47 -9.45 10.53 0.41
N HIS A 48 -8.15 10.35 0.17
CA HIS A 48 -7.19 11.46 0.17
C HIS A 48 -7.00 12.06 -1.25
N GLY A 49 -7.54 11.39 -2.26
CA GLY A 49 -7.40 11.86 -3.65
C GLY A 49 -6.06 11.49 -4.28
N ILE A 50 -5.55 10.32 -3.93
CA ILE A 50 -4.26 9.83 -4.44
C ILE A 50 -4.45 8.99 -5.71
N ASP A 51 -3.43 8.95 -6.56
CA ASP A 51 -3.41 8.02 -7.69
C ASP A 51 -2.92 6.63 -7.21
N ALA A 52 -3.87 5.73 -6.97
CA ALA A 52 -3.56 4.41 -6.45
C ALA A 52 -2.73 3.58 -7.44
N ASP A 53 -2.92 3.82 -8.73
CA ASP A 53 -2.21 3.08 -9.76
C ASP A 53 -0.68 3.26 -9.61
N LYS A 54 -0.25 4.50 -9.36
CA LYS A 54 1.18 4.80 -9.11
C LYS A 54 1.64 4.17 -7.79
N LEU A 55 0.87 4.39 -6.73
CA LEU A 55 1.18 3.82 -5.41
C LEU A 55 1.41 2.31 -5.48
N VAL A 56 0.52 1.62 -6.19
CA VAL A 56 0.62 0.18 -6.38
C VAL A 56 1.92 -0.20 -7.11
N LYS A 57 2.34 0.62 -8.09
CA LYS A 57 3.62 0.38 -8.78
C LYS A 57 4.78 0.43 -7.78
N GLU A 58 4.81 1.48 -6.95
CA GLU A 58 5.83 1.62 -5.91
C GLU A 58 5.85 0.41 -4.96
N LEU A 59 4.65 -0.12 -4.65
CA LEU A 59 4.53 -1.35 -3.85
C LEU A 59 5.12 -2.57 -4.60
N ASN A 60 4.69 -2.76 -5.85
CA ASN A 60 5.20 -3.87 -6.68
C ASN A 60 6.74 -3.85 -6.75
N GLU A 61 7.30 -2.72 -7.17
CA GLU A 61 8.77 -2.55 -7.24
C GLU A 61 9.43 -3.05 -5.95
N TYR A 62 8.93 -2.57 -4.81
CA TYR A 62 9.48 -2.90 -3.49
C TYR A 62 9.53 -4.43 -3.26
N PHE A 63 8.43 -5.11 -3.52
CA PHE A 63 8.37 -6.58 -3.33
C PHE A 63 9.31 -7.32 -4.28
N GLU A 64 9.41 -6.82 -5.52
CA GLU A 64 10.33 -7.40 -6.50
C GLU A 64 11.79 -7.12 -6.13
N LYS A 65 12.02 -6.04 -5.36
CA LYS A 65 13.35 -5.73 -4.84
C LYS A 65 13.72 -6.65 -3.67
N LYS A 66 12.71 -7.08 -2.90
CA LYS A 66 12.94 -7.99 -1.75
C LYS A 66 13.74 -9.23 -2.16
N GLU A 67 13.40 -9.81 -3.31
CA GLU A 67 14.10 -11.00 -3.83
C GLU A 67 15.61 -10.72 -4.03
N VAL A 68 15.93 -9.47 -4.30
CA VAL A 68 17.33 -9.05 -4.47
C VAL A 68 17.99 -8.71 -3.12
N LEU A 69 17.26 -7.99 -2.28
CA LEU A 69 17.71 -7.65 -0.93
C LEU A 69 18.00 -8.91 -0.10
N GLU A 70 16.96 -9.70 0.14
CA GLU A 70 17.05 -10.94 0.94
C GLU A 70 17.54 -12.14 0.10
N MET A 1 5.24 -11.09 -4.92
CA MET A 1 3.84 -10.61 -4.79
C MET A 1 3.53 -9.49 -5.80
N LYS A 2 2.68 -9.79 -6.78
CA LYS A 2 2.23 -8.77 -7.74
C LYS A 2 0.96 -8.08 -7.20
N ILE A 3 1.16 -6.93 -6.56
CA ILE A 3 0.10 -6.24 -5.84
C ILE A 3 -0.91 -5.55 -6.77
N THR A 4 -2.19 -5.55 -6.37
CA THR A 4 -3.25 -4.84 -7.09
C THR A 4 -3.94 -3.83 -6.18
N LYS A 5 -4.51 -2.76 -6.75
CA LYS A 5 -5.20 -1.73 -5.95
C LYS A 5 -6.48 -2.28 -5.31
N ASP A 6 -6.92 -3.45 -5.77
CA ASP A 6 -8.08 -4.14 -5.20
C ASP A 6 -7.73 -4.77 -3.84
N MET A 7 -6.44 -5.03 -3.62
CA MET A 7 -5.94 -5.64 -2.38
C MET A 7 -6.10 -4.68 -1.18
N ILE A 8 -6.09 -5.24 0.03
CA ILE A 8 -6.23 -4.45 1.25
C ILE A 8 -4.86 -3.93 1.72
N ILE A 9 -4.81 -2.66 2.13
CA ILE A 9 -3.54 -2.04 2.59
C ILE A 9 -2.91 -2.82 3.76
N ALA A 10 -3.71 -3.10 4.79
CA ALA A 10 -3.25 -3.89 5.94
C ALA A 10 -2.76 -5.29 5.50
N ASP A 11 -3.44 -5.87 4.52
CA ASP A 11 -3.07 -7.18 3.97
C ASP A 11 -1.67 -7.12 3.34
N VAL A 12 -1.41 -6.06 2.56
CA VAL A 12 -0.08 -5.83 1.99
C VAL A 12 0.98 -5.65 3.11
N LEU A 13 0.59 -4.96 4.18
CA LEU A 13 1.46 -4.77 5.34
C LEU A 13 1.79 -6.10 6.03
N GLN A 14 0.84 -7.05 6.00
CA GLN A 14 1.06 -8.37 6.59
C GLN A 14 2.07 -9.20 5.77
N MET A 15 2.26 -8.81 4.50
CA MET A 15 3.32 -9.41 3.67
C MET A 15 4.68 -8.83 4.08
N ASP A 16 4.79 -7.50 4.03
CA ASP A 16 5.99 -6.79 4.46
C ASP A 16 5.63 -5.44 5.09
N ARG A 17 6.09 -5.21 6.32
CA ARG A 17 5.80 -3.97 7.04
C ARG A 17 6.52 -2.77 6.40
N GLY A 18 7.56 -3.04 5.63
CA GLY A 18 8.33 -1.99 4.98
C GLY A 18 7.58 -1.29 3.84
N THR A 19 6.36 -1.76 3.57
CA THR A 19 5.49 -1.10 2.58
C THR A 19 4.76 0.10 3.19
N ALA A 20 4.72 0.15 4.53
CA ALA A 20 4.06 1.25 5.24
C ALA A 20 4.59 2.63 4.82
N PRO A 21 5.92 2.87 4.83
CA PRO A 21 6.50 4.16 4.41
C PRO A 21 6.10 4.55 2.97
N ILE A 22 5.81 3.54 2.15
CA ILE A 22 5.35 3.77 0.77
C ILE A 22 3.91 4.32 0.77
N PHE A 23 3.04 3.70 1.55
CA PHE A 23 1.67 4.22 1.75
C PHE A 23 1.73 5.64 2.34
N ILE A 24 2.63 5.85 3.29
CA ILE A 24 2.87 7.17 3.88
C ILE A 24 3.28 8.19 2.79
N ASN A 25 4.22 7.80 1.93
CA ASN A 25 4.66 8.64 0.80
C ASN A 25 3.48 9.14 -0.03
N ASN A 26 2.58 8.23 -0.39
CA ASN A 26 1.41 8.57 -1.21
C ASN A 26 0.30 9.26 -0.39
N GLY A 27 0.49 9.33 0.94
CA GLY A 27 -0.43 10.11 1.78
C GLY A 27 -1.53 9.32 2.49
N MET A 28 -1.20 8.12 2.97
CA MET A 28 -2.15 7.34 3.77
C MET A 28 -2.02 7.64 5.27
N HIS A 29 -3.08 7.36 6.04
CA HIS A 29 -3.09 7.57 7.49
C HIS A 29 -3.23 6.24 8.25
N CYS A 30 -2.11 5.63 8.59
CA CYS A 30 -2.09 4.30 9.21
C CYS A 30 -2.39 4.33 10.73
N LEU A 31 -2.44 5.53 11.30
CA LEU A 31 -2.63 5.68 12.75
C LEU A 31 -4.05 5.30 13.20
N GLY A 32 -4.29 4.00 13.33
CA GLY A 32 -5.57 3.50 13.85
C GLY A 32 -6.79 3.84 12.98
N CYS A 33 -6.55 4.37 11.78
CA CYS A 33 -7.64 4.76 10.87
C CYS A 33 -8.05 3.60 9.96
N PRO A 34 -9.32 3.13 10.07
CA PRO A 34 -9.83 2.02 9.24
C PRO A 34 -9.66 2.29 7.74
N SER A 35 -9.76 3.57 7.37
CA SER A 35 -9.62 4.00 5.96
C SER A 35 -8.36 3.44 5.30
N SER A 36 -7.20 3.67 5.92
CA SER A 36 -5.92 3.23 5.34
C SER A 36 -5.50 1.83 5.81
N MET A 37 -6.28 1.25 6.73
CA MET A 37 -5.97 -0.10 7.24
C MET A 37 -6.83 -1.19 6.58
N GLY A 38 -8.12 -1.23 6.91
CA GLY A 38 -8.96 -2.35 6.50
C GLY A 38 -9.51 -2.24 5.07
N GLU A 39 -9.55 -1.03 4.54
CA GLU A 39 -10.09 -0.80 3.20
C GLU A 39 -9.06 -1.14 2.10
N SER A 40 -9.55 -1.34 0.87
CA SER A 40 -8.67 -1.61 -0.28
C SER A 40 -7.82 -0.39 -0.63
N ILE A 41 -6.69 -0.62 -1.31
CA ILE A 41 -5.81 0.47 -1.73
C ILE A 41 -6.56 1.54 -2.55
N GLU A 42 -7.24 1.12 -3.63
CA GLU A 42 -8.00 2.05 -4.47
C GLU A 42 -9.16 2.70 -3.70
N ASP A 43 -9.71 1.97 -2.73
CA ASP A 43 -10.79 2.48 -1.88
C ASP A 43 -10.27 3.67 -1.04
N ALA A 44 -9.28 3.40 -0.18
CA ALA A 44 -8.64 4.45 0.62
C ALA A 44 -8.13 5.60 -0.26
N CYS A 45 -7.56 5.26 -1.41
CA CYS A 45 -7.12 6.26 -2.39
C CYS A 45 -8.28 7.17 -2.82
N ALA A 46 -9.46 6.60 -3.02
CA ALA A 46 -10.65 7.38 -3.39
C ALA A 46 -11.14 8.25 -2.22
N VAL A 47 -10.96 7.76 -1.00
CA VAL A 47 -11.36 8.49 0.22
C VAL A 47 -10.48 9.74 0.45
N HIS A 48 -9.17 9.61 0.21
CA HIS A 48 -8.23 10.73 0.41
C HIS A 48 -7.77 11.35 -0.94
N GLY A 49 -8.33 10.86 -2.04
CA GLY A 49 -8.02 11.41 -3.36
C GLY A 49 -6.59 11.08 -3.85
N ILE A 50 -6.06 9.96 -3.37
CA ILE A 50 -4.70 9.51 -3.75
C ILE A 50 -4.72 8.71 -5.06
N ASP A 51 -3.59 8.72 -5.77
CA ASP A 51 -3.43 7.97 -7.00
C ASP A 51 -3.07 6.49 -6.71
N ALA A 52 -4.04 5.60 -6.83
CA ALA A 52 -3.81 4.17 -6.59
C ALA A 52 -2.88 3.57 -7.66
N ASP A 53 -3.07 4.01 -8.90
CA ASP A 53 -2.23 3.58 -10.03
C ASP A 53 -0.73 3.74 -9.71
N LYS A 54 -0.38 4.89 -9.13
CA LYS A 54 1.02 5.21 -8.82
C LYS A 54 1.49 4.51 -7.54
N LEU A 55 0.62 4.45 -6.53
CA LEU A 55 0.94 3.81 -5.24
C LEU A 55 1.24 2.30 -5.42
N VAL A 56 0.32 1.58 -6.07
CA VAL A 56 0.48 0.13 -6.27
C VAL A 56 1.79 -0.21 -7.00
N LYS A 57 2.17 0.62 -7.96
CA LYS A 57 3.41 0.42 -8.70
C LYS A 57 4.64 0.53 -7.79
N GLU A 58 4.64 1.52 -6.88
CA GLU A 58 5.72 1.62 -5.88
C GLU A 58 5.75 0.37 -4.98
N LEU A 59 4.56 -0.10 -4.58
CA LEU A 59 4.44 -1.33 -3.77
C LEU A 59 5.06 -2.55 -4.49
N ASN A 60 4.65 -2.78 -5.74
CA ASN A 60 5.19 -3.89 -6.54
C ASN A 60 6.72 -3.81 -6.66
N GLU A 61 7.22 -2.66 -7.13
CA GLU A 61 8.66 -2.44 -7.27
C GLU A 61 9.41 -2.72 -5.96
N TYR A 62 8.75 -2.45 -4.82
CA TYR A 62 9.33 -2.73 -3.50
C TYR A 62 9.44 -4.25 -3.24
N PHE A 63 8.37 -4.99 -3.52
CA PHE A 63 8.39 -6.44 -3.36
C PHE A 63 9.45 -7.09 -4.27
N GLU A 64 9.67 -6.48 -5.44
CA GLU A 64 10.76 -6.89 -6.32
C GLU A 64 12.13 -6.59 -5.68
N LYS A 65 12.21 -5.50 -4.91
CA LYS A 65 13.44 -5.17 -4.16
C LYS A 65 13.75 -6.27 -3.12
N LYS A 66 12.71 -6.78 -2.46
CA LYS A 66 12.87 -7.90 -1.51
C LYS A 66 13.52 -9.11 -2.20
N GLU A 67 13.17 -9.35 -3.45
CA GLU A 67 13.75 -10.45 -4.23
C GLU A 67 15.25 -10.23 -4.49
N VAL A 68 15.69 -8.97 -4.41
CA VAL A 68 17.10 -8.61 -4.59
C VAL A 68 17.87 -8.56 -3.25
N LEU A 69 17.32 -7.84 -2.28
CA LEU A 69 17.94 -7.68 -0.97
C LEU A 69 18.05 -9.00 -0.19
N GLU A 70 16.91 -9.65 0.04
CA GLU A 70 16.87 -10.91 0.80
C GLU A 70 17.35 -12.12 -0.04
N MET A 1 5.46 -10.58 -4.33
CA MET A 1 4.25 -10.84 -5.17
C MET A 1 3.84 -9.57 -5.93
N LYS A 2 3.12 -9.76 -7.03
CA LYS A 2 2.64 -8.62 -7.83
C LYS A 2 1.44 -7.95 -7.15
N ILE A 3 1.68 -6.81 -6.51
CA ILE A 3 0.66 -6.09 -5.75
C ILE A 3 -0.38 -5.44 -6.68
N THR A 4 -1.65 -5.52 -6.29
CA THR A 4 -2.74 -4.92 -7.07
C THR A 4 -3.51 -3.88 -6.23
N LYS A 5 -4.26 -3.00 -6.89
CA LYS A 5 -4.99 -1.94 -6.20
C LYS A 5 -6.16 -2.50 -5.36
N ASP A 6 -6.60 -3.71 -5.71
CA ASP A 6 -7.69 -4.38 -4.99
C ASP A 6 -7.23 -4.93 -3.63
N MET A 7 -5.92 -5.13 -3.49
CA MET A 7 -5.35 -5.65 -2.24
C MET A 7 -5.59 -4.70 -1.04
N ILE A 8 -5.65 -5.27 0.16
CA ILE A 8 -5.87 -4.51 1.38
C ILE A 8 -4.55 -3.93 1.91
N ILE A 9 -4.54 -2.63 2.21
CA ILE A 9 -3.33 -1.95 2.71
C ILE A 9 -2.76 -2.66 3.96
N ALA A 10 -3.62 -2.98 4.93
CA ALA A 10 -3.19 -3.72 6.12
C ALA A 10 -2.61 -5.09 5.76
N ASP A 11 -3.17 -5.72 4.74
CA ASP A 11 -2.69 -7.03 4.28
C ASP A 11 -1.30 -6.91 3.65
N VAL A 12 -1.07 -5.84 2.88
CA VAL A 12 0.26 -5.54 2.35
C VAL A 12 1.26 -5.36 3.50
N LEU A 13 0.82 -4.67 4.56
CA LEU A 13 1.62 -4.52 5.78
C LEU A 13 1.85 -5.86 6.48
N GLN A 14 1.01 -6.85 6.19
CA GLN A 14 1.20 -8.21 6.72
C GLN A 14 2.30 -8.96 5.95
N MET A 15 2.44 -8.64 4.65
CA MET A 15 3.53 -9.18 3.85
C MET A 15 4.87 -8.59 4.30
N ASP A 16 4.87 -7.27 4.49
CA ASP A 16 6.04 -6.54 4.98
C ASP A 16 5.64 -5.18 5.60
N ARG A 17 6.08 -4.93 6.84
CA ARG A 17 5.82 -3.66 7.51
C ARG A 17 6.53 -2.49 6.81
N GLY A 18 7.64 -2.80 6.13
CA GLY A 18 8.43 -1.76 5.47
C GLY A 18 7.71 -1.04 4.33
N THR A 19 6.46 -1.44 4.06
CA THR A 19 5.64 -0.77 3.04
C THR A 19 4.90 0.45 3.63
N ALA A 20 4.88 0.56 4.95
CA ALA A 20 4.20 1.67 5.63
C ALA A 20 4.65 3.06 5.12
N PRO A 21 5.97 3.35 5.05
CA PRO A 21 6.48 4.64 4.54
C PRO A 21 5.99 4.94 3.11
N ILE A 22 5.81 3.88 2.32
CA ILE A 22 5.31 4.03 0.95
C ILE A 22 3.87 4.55 0.93
N PHE A 23 3.00 3.92 1.73
CA PHE A 23 1.61 4.37 1.87
C PHE A 23 1.55 5.81 2.40
N ILE A 24 2.31 6.10 3.46
CA ILE A 24 2.36 7.44 4.05
C ILE A 24 2.83 8.49 3.01
N ASN A 25 3.84 8.13 2.23
CA ASN A 25 4.40 9.02 1.20
C ASN A 25 3.33 9.45 0.18
N ASN A 26 2.51 8.50 -0.26
CA ASN A 26 1.45 8.77 -1.22
C ASN A 26 0.24 9.50 -0.57
N GLY A 27 0.23 9.59 0.76
CA GLY A 27 -0.79 10.40 1.44
C GLY A 27 -1.68 9.65 2.43
N MET A 28 -1.46 8.35 2.63
CA MET A 28 -2.27 7.58 3.57
C MET A 28 -2.04 8.02 5.02
N HIS A 29 -3.11 8.10 5.80
CA HIS A 29 -3.06 8.61 7.17
C HIS A 29 -4.21 8.05 8.03
N CYS A 30 -3.87 7.19 8.99
CA CYS A 30 -4.86 6.67 9.96
C CYS A 30 -4.14 6.04 11.15
N LEU A 31 -4.53 6.42 12.36
CA LEU A 31 -3.90 5.89 13.58
C LEU A 31 -4.29 4.41 13.79
N GLY A 32 -3.68 3.52 13.01
CA GLY A 32 -4.00 2.08 13.08
C GLY A 32 -5.50 1.80 12.98
N CYS A 33 -6.17 2.48 12.04
CA CYS A 33 -7.63 2.38 11.90
C CYS A 33 -8.04 1.92 10.48
N PRO A 34 -9.21 1.27 10.35
CA PRO A 34 -9.71 0.76 9.06
C PRO A 34 -9.56 1.73 7.88
N SER A 35 -9.73 3.03 8.13
CA SER A 35 -9.73 4.08 7.10
C SER A 35 -8.63 3.91 6.04
N SER A 36 -7.38 3.71 6.48
CA SER A 36 -6.26 3.51 5.56
C SER A 36 -5.63 2.13 5.72
N MET A 37 -6.11 1.36 6.70
CA MET A 37 -5.59 0.00 6.94
C MET A 37 -6.50 -1.08 6.34
N GLY A 38 -7.76 -1.10 6.77
CA GLY A 38 -8.67 -2.20 6.40
C GLY A 38 -9.21 -2.10 4.98
N GLU A 39 -9.24 -0.90 4.42
CA GLU A 39 -9.78 -0.69 3.07
C GLU A 39 -8.77 -1.07 1.97
N SER A 40 -9.28 -1.42 0.79
CA SER A 40 -8.43 -1.73 -0.37
C SER A 40 -7.64 -0.49 -0.82
N ILE A 41 -6.46 -0.71 -1.40
CA ILE A 41 -5.59 0.40 -1.83
C ILE A 41 -6.34 1.42 -2.72
N GLU A 42 -6.94 0.94 -3.81
CA GLU A 42 -7.66 1.84 -4.74
C GLU A 42 -8.85 2.52 -4.06
N ASP A 43 -9.57 1.76 -3.23
CA ASP A 43 -10.74 2.26 -2.54
C ASP A 43 -10.37 3.39 -1.56
N ALA A 44 -9.43 3.11 -0.66
CA ALA A 44 -8.92 4.11 0.28
C ALA A 44 -8.35 5.33 -0.46
N CYS A 45 -7.65 5.07 -1.57
CA CYS A 45 -7.15 6.16 -2.43
C CYS A 45 -8.30 7.03 -2.95
N ALA A 46 -9.31 6.40 -3.55
CA ALA A 46 -10.46 7.12 -4.10
C ALA A 46 -11.16 7.99 -3.03
N VAL A 47 -11.33 7.42 -1.83
CA VAL A 47 -11.93 8.15 -0.71
C VAL A 47 -11.08 9.39 -0.34
N HIS A 48 -9.76 9.21 -0.28
CA HIS A 48 -8.85 10.28 0.09
C HIS A 48 -8.39 11.09 -1.15
N GLY A 49 -8.83 10.68 -2.33
CA GLY A 49 -8.44 11.34 -3.59
C GLY A 49 -6.96 11.17 -3.93
N ILE A 50 -6.38 10.05 -3.52
CA ILE A 50 -4.97 9.74 -3.79
C ILE A 50 -4.80 9.00 -5.13
N ASP A 51 -3.64 9.16 -5.76
CA ASP A 51 -3.33 8.45 -7.01
C ASP A 51 -2.88 7.01 -6.71
N ALA A 52 -3.77 6.04 -6.93
CA ALA A 52 -3.48 4.62 -6.66
C ALA A 52 -2.51 4.03 -7.70
N ASP A 53 -2.45 4.63 -8.89
CA ASP A 53 -1.53 4.18 -9.94
C ASP A 53 -0.08 4.22 -9.44
N LYS A 54 0.32 5.36 -8.88
CA LYS A 54 1.67 5.52 -8.35
C LYS A 54 1.92 4.58 -7.17
N LEU A 55 0.99 4.60 -6.21
CA LEU A 55 1.13 3.83 -4.97
C LEU A 55 1.34 2.32 -5.24
N VAL A 56 0.43 1.72 -6.00
CA VAL A 56 0.51 0.28 -6.30
C VAL A 56 1.82 -0.09 -7.00
N LYS A 57 2.24 0.72 -7.98
CA LYS A 57 3.50 0.48 -8.69
C LYS A 57 4.71 0.53 -7.74
N GLU A 58 4.71 1.51 -6.84
CA GLU A 58 5.78 1.65 -5.85
C GLU A 58 5.81 0.44 -4.89
N LEU A 59 4.63 -0.04 -4.49
CA LEU A 59 4.53 -1.26 -3.69
C LEU A 59 5.15 -2.47 -4.41
N ASN A 60 4.78 -2.64 -5.69
CA ASN A 60 5.37 -3.71 -6.52
C ASN A 60 6.90 -3.63 -6.54
N GLU A 61 7.42 -2.49 -6.98
CA GLU A 61 8.88 -2.28 -7.05
C GLU A 61 9.58 -2.67 -5.74
N TYR A 62 8.96 -2.32 -4.62
CA TYR A 62 9.52 -2.60 -3.29
C TYR A 62 9.65 -4.13 -3.04
N PHE A 63 8.56 -4.86 -3.19
CA PHE A 63 8.58 -6.31 -2.97
C PHE A 63 9.52 -7.01 -3.97
N GLU A 64 9.54 -6.56 -5.22
CA GLU A 64 10.44 -7.12 -6.22
C GLU A 64 11.90 -6.93 -5.81
N LYS A 65 12.24 -5.75 -5.28
CA LYS A 65 13.58 -5.49 -4.73
C LYS A 65 13.97 -6.58 -3.72
N LYS A 66 13.03 -6.94 -2.86
CA LYS A 66 13.25 -8.00 -1.88
C LYS A 66 13.42 -9.37 -2.57
N GLU A 67 12.52 -9.67 -3.50
CA GLU A 67 12.59 -10.93 -4.27
C GLU A 67 13.93 -11.06 -5.01
N VAL A 68 14.54 -9.92 -5.34
CA VAL A 68 15.89 -9.89 -5.92
C VAL A 68 16.96 -10.23 -4.86
N LEU A 69 16.86 -9.60 -3.70
CA LEU A 69 17.83 -9.78 -2.61
C LEU A 69 17.72 -11.15 -1.93
N GLU A 70 16.55 -11.41 -1.32
CA GLU A 70 16.32 -12.60 -0.50
C GLU A 70 16.43 -13.90 -1.33
N MET A 1 3.64 -13.01 -6.03
CA MET A 1 2.35 -12.26 -6.02
C MET A 1 2.50 -10.87 -6.66
N LYS A 2 1.45 -10.42 -7.33
CA LYS A 2 1.44 -9.08 -7.94
C LYS A 2 0.45 -8.18 -7.18
N ILE A 3 0.94 -7.06 -6.65
CA ILE A 3 0.10 -6.14 -5.88
C ILE A 3 -0.94 -5.44 -6.76
N THR A 4 -2.21 -5.50 -6.36
CA THR A 4 -3.30 -4.87 -7.12
C THR A 4 -3.94 -3.75 -6.30
N LYS A 5 -4.54 -2.77 -6.98
CA LYS A 5 -5.19 -1.65 -6.30
C LYS A 5 -6.46 -2.09 -5.54
N ASP A 6 -6.94 -3.29 -5.87
CA ASP A 6 -8.09 -3.89 -5.19
C ASP A 6 -7.71 -4.45 -3.81
N MET A 7 -6.43 -4.74 -3.63
CA MET A 7 -5.92 -5.35 -2.39
C MET A 7 -6.13 -4.44 -1.16
N ILE A 8 -6.28 -5.10 -0.01
CA ILE A 8 -6.45 -4.40 1.26
C ILE A 8 -5.09 -3.94 1.82
N ILE A 9 -5.02 -2.68 2.28
CA ILE A 9 -3.78 -2.11 2.82
C ILE A 9 -3.16 -3.03 3.90
N ALA A 10 -3.97 -3.43 4.88
CA ALA A 10 -3.50 -4.33 5.94
C ALA A 10 -2.95 -5.65 5.38
N ASP A 11 -3.63 -6.20 4.38
CA ASP A 11 -3.22 -7.47 3.77
C ASP A 11 -1.82 -7.37 3.16
N VAL A 12 -1.52 -6.23 2.53
CA VAL A 12 -0.18 -5.95 2.00
C VAL A 12 0.84 -5.85 3.15
N LEU A 13 0.48 -5.13 4.20
CA LEU A 13 1.33 -4.96 5.39
C LEU A 13 1.67 -6.31 6.05
N GLN A 14 0.73 -7.26 5.99
CA GLN A 14 0.96 -8.61 6.54
C GLN A 14 2.12 -9.32 5.84
N MET A 15 2.35 -8.98 4.57
CA MET A 15 3.43 -9.59 3.79
C MET A 15 4.75 -8.86 4.06
N ASP A 16 4.68 -7.54 4.13
CA ASP A 16 5.86 -6.73 4.48
C ASP A 16 5.44 -5.34 5.00
N ARG A 17 5.82 -5.02 6.23
CA ARG A 17 5.49 -3.73 6.85
C ARG A 17 6.25 -2.56 6.19
N GLY A 18 7.31 -2.87 5.45
CA GLY A 18 8.08 -1.83 4.77
C GLY A 18 7.29 -1.11 3.67
N THR A 19 6.09 -1.62 3.37
CA THR A 19 5.21 -0.96 2.40
C THR A 19 4.44 0.22 3.04
N ALA A 20 4.37 0.24 4.37
CA ALA A 20 3.68 1.31 5.10
C ALA A 20 4.22 2.72 4.74
N PRO A 21 5.55 2.96 4.80
CA PRO A 21 6.14 4.26 4.40
C PRO A 21 5.84 4.60 2.92
N ILE A 22 5.53 3.57 2.12
CA ILE A 22 5.15 3.78 0.71
C ILE A 22 3.70 4.29 0.60
N PHE A 23 2.81 3.72 1.41
CA PHE A 23 1.45 4.23 1.52
C PHE A 23 1.47 5.69 2.04
N ILE A 24 2.26 5.92 3.08
CA ILE A 24 2.46 7.27 3.62
C ILE A 24 3.07 8.21 2.56
N ASN A 25 3.99 7.68 1.77
CA ASN A 25 4.63 8.43 0.67
C ASN A 25 3.58 9.04 -0.28
N ASN A 26 2.50 8.31 -0.53
CA ASN A 26 1.44 8.76 -1.42
C ASN A 26 0.34 9.55 -0.68
N GLY A 27 0.47 9.67 0.64
CA GLY A 27 -0.44 10.50 1.42
C GLY A 27 -1.63 9.75 2.03
N MET A 28 -1.41 8.51 2.48
CA MET A 28 -2.44 7.76 3.21
C MET A 28 -2.54 8.21 4.67
N HIS A 29 -3.62 7.78 5.34
CA HIS A 29 -3.84 8.12 6.75
C HIS A 29 -2.85 7.38 7.67
N CYS A 30 -2.37 8.06 8.72
CA CYS A 30 -1.53 7.42 9.73
C CYS A 30 -2.36 6.43 10.57
N LEU A 31 -1.74 5.32 10.96
CA LEU A 31 -2.45 4.24 11.65
C LEU A 31 -3.00 4.71 13.02
N GLY A 32 -4.32 4.64 13.15
CA GLY A 32 -4.98 4.97 14.41
C GLY A 32 -6.33 4.28 14.51
N CYS A 33 -7.21 4.56 13.54
CA CYS A 33 -8.51 3.89 13.45
C CYS A 33 -8.40 2.60 12.62
N PRO A 34 -8.87 1.45 13.16
CA PRO A 34 -8.77 0.14 12.48
C PRO A 34 -9.36 0.15 11.06
N SER A 35 -10.30 1.07 10.82
CA SER A 35 -10.94 1.22 9.49
C SER A 35 -9.91 1.34 8.36
N SER A 36 -8.87 2.15 8.60
CA SER A 36 -7.84 2.41 7.57
C SER A 36 -7.10 1.14 7.14
N MET A 37 -7.16 0.11 7.98
CA MET A 37 -6.54 -1.19 7.66
C MET A 37 -7.41 -1.99 6.68
N GLY A 38 -8.72 -1.91 6.84
CA GLY A 38 -9.64 -2.69 6.02
C GLY A 38 -9.95 -2.07 4.66
N GLU A 39 -9.54 -0.82 4.46
CA GLU A 39 -9.78 -0.12 3.19
C GLU A 39 -8.82 -0.62 2.09
N SER A 40 -9.35 -0.74 0.86
CA SER A 40 -8.55 -1.15 -0.30
C SER A 40 -7.66 0.01 -0.77
N ILE A 41 -6.56 -0.31 -1.45
CA ILE A 41 -5.61 0.71 -1.91
C ILE A 41 -6.28 1.80 -2.76
N GLU A 42 -6.93 1.41 -3.86
CA GLU A 42 -7.58 2.39 -4.75
C GLU A 42 -8.74 3.11 -4.05
N ASP A 43 -9.43 2.40 -3.17
CA ASP A 43 -10.54 2.96 -2.40
C ASP A 43 -10.06 4.08 -1.47
N ALA A 44 -9.07 3.75 -0.64
CA ALA A 44 -8.44 4.74 0.25
C ALA A 44 -7.84 5.91 -0.55
N CYS A 45 -7.25 5.59 -1.71
CA CYS A 45 -6.78 6.62 -2.63
C CYS A 45 -7.90 7.57 -3.03
N ALA A 46 -9.04 7.01 -3.43
CA ALA A 46 -10.21 7.82 -3.84
C ALA A 46 -10.70 8.73 -2.70
N VAL A 47 -10.49 8.31 -1.46
CA VAL A 47 -10.87 9.12 -0.29
C VAL A 47 -10.00 10.39 -0.18
N HIS A 48 -8.71 10.26 -0.48
CA HIS A 48 -7.77 11.39 -0.36
C HIS A 48 -7.31 11.90 -1.75
N GLY A 49 -7.95 11.40 -2.82
CA GLY A 49 -7.59 11.82 -4.18
C GLY A 49 -6.17 11.41 -4.59
N ILE A 50 -5.71 10.28 -4.05
CA ILE A 50 -4.35 9.78 -4.31
C ILE A 50 -4.30 9.02 -5.65
N ASP A 51 -3.11 8.99 -6.27
CA ASP A 51 -2.89 8.23 -7.50
C ASP A 51 -2.56 6.76 -7.16
N ALA A 52 -3.51 5.86 -7.40
CA ALA A 52 -3.33 4.44 -7.08
C ALA A 52 -2.43 3.74 -8.10
N ASP A 53 -2.41 4.23 -9.34
CA ASP A 53 -1.59 3.63 -10.40
C ASP A 53 -0.10 3.65 -10.00
N LYS A 54 0.37 4.80 -9.52
CA LYS A 54 1.75 4.93 -9.07
C LYS A 54 1.98 4.21 -7.73
N LEU A 55 1.07 4.42 -6.78
CA LEU A 55 1.17 3.78 -5.44
C LEU A 55 1.35 2.27 -5.55
N VAL A 56 0.47 1.62 -6.30
CA VAL A 56 0.53 0.16 -6.48
C VAL A 56 1.86 -0.28 -7.11
N LYS A 57 2.34 0.47 -8.10
CA LYS A 57 3.62 0.16 -8.75
C LYS A 57 4.80 0.35 -7.77
N GLU A 58 4.75 1.39 -6.95
CA GLU A 58 5.75 1.60 -5.91
C GLU A 58 5.77 0.42 -4.92
N LEU A 59 4.59 -0.12 -4.62
CA LEU A 59 4.48 -1.32 -3.79
C LEU A 59 5.09 -2.56 -4.47
N ASN A 60 4.69 -2.81 -5.72
CA ASN A 60 5.21 -3.96 -6.49
C ASN A 60 6.74 -3.94 -6.58
N GLU A 61 7.29 -2.82 -7.01
CA GLU A 61 8.75 -2.68 -7.16
C GLU A 61 9.48 -2.95 -5.83
N TYR A 62 8.85 -2.55 -4.73
CA TYR A 62 9.42 -2.80 -3.39
C TYR A 62 9.62 -4.31 -3.14
N PHE A 63 8.58 -5.10 -3.43
CA PHE A 63 8.67 -6.56 -3.30
C PHE A 63 9.75 -7.14 -4.24
N GLU A 64 9.84 -6.59 -5.45
CA GLU A 64 10.91 -6.98 -6.38
C GLU A 64 12.30 -6.70 -5.78
N LYS A 65 12.42 -5.58 -5.05
CA LYS A 65 13.68 -5.21 -4.39
C LYS A 65 14.02 -6.18 -3.24
N LYS A 66 13.01 -6.82 -2.65
CA LYS A 66 13.23 -7.79 -1.58
C LYS A 66 14.08 -8.98 -2.05
N GLU A 67 13.75 -9.50 -3.25
CA GLU A 67 14.53 -10.58 -3.86
C GLU A 67 15.96 -10.14 -4.20
N VAL A 68 16.14 -8.82 -4.30
CA VAL A 68 17.46 -8.23 -4.53
C VAL A 68 18.28 -8.15 -3.23
N LEU A 69 17.69 -7.55 -2.20
CA LEU A 69 18.37 -7.33 -0.92
C LEU A 69 18.43 -8.61 -0.08
N GLU A 70 17.27 -9.21 0.22
CA GLU A 70 17.19 -10.41 1.06
C GLU A 70 17.59 -11.69 0.30
N MET A 1 3.07 -13.88 -6.07
CA MET A 1 1.94 -12.93 -6.22
C MET A 1 2.44 -11.48 -6.24
N LYS A 2 1.82 -10.65 -7.08
CA LYS A 2 2.15 -9.22 -7.16
C LYS A 2 0.99 -8.34 -6.66
N ILE A 3 1.31 -7.13 -6.24
CA ILE A 3 0.33 -6.23 -5.60
C ILE A 3 -0.67 -5.63 -6.61
N THR A 4 -1.95 -5.58 -6.22
CA THR A 4 -2.99 -4.94 -7.04
C THR A 4 -3.69 -3.83 -6.26
N LYS A 5 -4.30 -2.89 -6.98
CA LYS A 5 -5.01 -1.76 -6.33
C LYS A 5 -6.26 -2.24 -5.56
N ASP A 6 -6.67 -3.48 -5.83
CA ASP A 6 -7.83 -4.09 -5.16
C ASP A 6 -7.44 -4.65 -3.78
N MET A 7 -6.13 -4.88 -3.56
CA MET A 7 -5.64 -5.41 -2.29
C MET A 7 -5.92 -4.46 -1.12
N ILE A 8 -6.06 -5.02 0.07
CA ILE A 8 -6.27 -4.24 1.28
C ILE A 8 -4.93 -3.74 1.85
N ILE A 9 -4.89 -2.48 2.30
CA ILE A 9 -3.64 -1.90 2.83
C ILE A 9 -3.02 -2.77 3.94
N ALA A 10 -3.84 -3.19 4.91
CA ALA A 10 -3.38 -4.04 6.01
C ALA A 10 -2.89 -5.41 5.49
N ASP A 11 -3.50 -5.88 4.41
CA ASP A 11 -3.12 -7.15 3.79
C ASP A 11 -1.70 -7.08 3.22
N VAL A 12 -1.40 -5.98 2.54
CA VAL A 12 -0.05 -5.73 2.03
C VAL A 12 0.98 -5.68 3.18
N LEU A 13 0.55 -5.11 4.31
CA LEU A 13 1.39 -5.05 5.53
C LEU A 13 1.68 -6.45 6.09
N GLN A 14 0.80 -7.42 5.80
CA GLN A 14 1.01 -8.82 6.21
C GLN A 14 2.18 -9.45 5.45
N MET A 15 2.34 -9.02 4.19
CA MET A 15 3.41 -9.55 3.33
C MET A 15 4.78 -9.03 3.80
N ASP A 16 4.87 -7.71 3.99
CA ASP A 16 6.09 -7.08 4.49
C ASP A 16 5.75 -5.74 5.20
N ARG A 17 6.38 -5.51 6.35
CA ARG A 17 6.08 -4.31 7.17
C ARG A 17 6.67 -3.04 6.53
N GLY A 18 7.67 -3.21 5.68
CA GLY A 18 8.33 -2.08 5.03
C GLY A 18 7.51 -1.44 3.91
N THR A 19 6.29 -1.94 3.70
CA THR A 19 5.37 -1.35 2.71
C THR A 19 4.66 -0.10 3.26
N ALA A 20 4.59 0.01 4.59
CA ALA A 20 3.93 1.15 5.25
C ALA A 20 4.50 2.51 4.80
N PRO A 21 5.84 2.72 4.84
CA PRO A 21 6.46 3.99 4.39
C PRO A 21 6.12 4.34 2.94
N ILE A 22 5.83 3.33 2.12
CA ILE A 22 5.42 3.54 0.73
C ILE A 22 4.03 4.19 0.66
N PHE A 23 3.08 3.66 1.42
CA PHE A 23 1.76 4.28 1.54
C PHE A 23 1.88 5.73 2.04
N ILE A 24 2.74 5.93 3.05
CA ILE A 24 3.03 7.27 3.57
C ILE A 24 3.64 8.19 2.49
N ASN A 25 4.54 7.62 1.68
CA ASN A 25 5.21 8.35 0.60
C ASN A 25 4.19 9.00 -0.36
N ASN A 26 3.08 8.30 -0.60
CA ASN A 26 2.06 8.77 -1.55
C ASN A 26 0.98 9.62 -0.85
N GLY A 27 1.12 9.84 0.45
CA GLY A 27 0.24 10.76 1.17
C GLY A 27 -0.87 10.10 1.99
N MET A 28 -0.73 8.81 2.31
CA MET A 28 -1.70 8.14 3.19
C MET A 28 -1.61 8.68 4.63
N HIS A 29 -2.76 8.74 5.30
CA HIS A 29 -2.84 9.27 6.67
C HIS A 29 -3.41 8.20 7.62
N CYS A 30 -2.58 7.75 8.57
CA CYS A 30 -2.97 6.68 9.49
C CYS A 30 -4.07 7.11 10.45
N LEU A 31 -5.24 6.51 10.32
CA LEU A 31 -6.36 6.77 11.22
C LEU A 31 -6.22 5.90 12.49
N GLY A 32 -6.52 6.48 13.66
CA GLY A 32 -6.38 5.76 14.93
C GLY A 32 -7.04 4.38 14.92
N CYS A 33 -8.37 4.34 14.88
CA CYS A 33 -9.11 3.08 14.77
C CYS A 33 -8.84 2.40 13.42
N PRO A 34 -8.99 1.06 13.34
CA PRO A 34 -8.65 0.27 12.14
C PRO A 34 -8.98 0.97 10.80
N SER A 35 -10.28 1.13 10.50
CA SER A 35 -10.75 1.85 9.30
C SER A 35 -9.91 1.59 8.04
N SER A 36 -8.81 2.32 7.89
CA SER A 36 -7.93 2.21 6.71
C SER A 36 -7.41 0.77 6.51
N MET A 37 -7.31 0.03 7.61
CA MET A 37 -6.82 -1.36 7.57
C MET A 37 -7.87 -2.31 6.97
N GLY A 38 -9.11 -1.84 6.81
CA GLY A 38 -10.19 -2.68 6.29
C GLY A 38 -10.62 -2.32 4.87
N GLU A 39 -9.96 -1.32 4.27
CA GLU A 39 -10.31 -0.87 2.91
C GLU A 39 -9.14 -1.08 1.93
N SER A 40 -9.47 -1.15 0.64
CA SER A 40 -8.47 -1.43 -0.40
C SER A 40 -7.63 -0.20 -0.74
N ILE A 41 -6.49 -0.43 -1.39
CA ILE A 41 -5.58 0.63 -1.80
C ILE A 41 -6.28 1.70 -2.66
N GLU A 42 -6.94 1.27 -3.73
CA GLU A 42 -7.62 2.20 -4.65
C GLU A 42 -8.75 2.97 -3.94
N ASP A 43 -9.45 2.30 -3.04
CA ASP A 43 -10.57 2.90 -2.31
C ASP A 43 -10.07 3.99 -1.35
N ALA A 44 -9.05 3.66 -0.54
CA ALA A 44 -8.43 4.62 0.37
C ALA A 44 -7.79 5.79 -0.39
N CYS A 45 -7.15 5.50 -1.52
CA CYS A 45 -6.54 6.54 -2.36
C CYS A 45 -7.58 7.57 -2.84
N ALA A 46 -8.67 7.08 -3.41
CA ALA A 46 -9.75 7.95 -3.92
C ALA A 46 -10.29 8.88 -2.83
N VAL A 47 -10.37 8.39 -1.59
CA VAL A 47 -10.81 9.21 -0.45
C VAL A 47 -9.83 10.38 -0.20
N HIS A 48 -8.53 10.07 -0.16
CA HIS A 48 -7.51 11.09 0.10
C HIS A 48 -7.14 11.87 -1.18
N GLY A 49 -7.61 11.37 -2.34
CA GLY A 49 -7.29 11.99 -3.62
C GLY A 49 -5.89 11.64 -4.13
N ILE A 50 -5.50 10.37 -3.96
CA ILE A 50 -4.19 9.88 -4.39
C ILE A 50 -4.31 9.05 -5.69
N ASP A 51 -3.24 9.03 -6.48
CA ASP A 51 -3.20 8.17 -7.67
C ASP A 51 -2.85 6.73 -7.26
N ALA A 52 -3.87 5.89 -7.13
CA ALA A 52 -3.68 4.51 -6.67
C ALA A 52 -2.79 3.69 -7.60
N ASP A 53 -2.91 3.92 -8.90
CA ASP A 53 -2.12 3.15 -9.87
C ASP A 53 -0.62 3.44 -9.68
N LYS A 54 -0.27 4.70 -9.43
CA LYS A 54 1.12 5.07 -9.15
C LYS A 54 1.63 4.45 -7.84
N LEU A 55 0.77 4.46 -6.81
CA LEU A 55 1.10 3.87 -5.50
C LEU A 55 1.36 2.35 -5.63
N VAL A 56 0.44 1.65 -6.28
CA VAL A 56 0.57 0.20 -6.47
C VAL A 56 1.89 -0.18 -7.17
N LYS A 57 2.35 0.67 -8.09
CA LYS A 57 3.64 0.45 -8.77
C LYS A 57 4.78 0.35 -7.76
N GLU A 58 4.91 1.38 -6.90
CA GLU A 58 5.96 1.41 -5.88
C GLU A 58 5.87 0.18 -4.96
N LEU A 59 4.64 -0.23 -4.61
CA LEU A 59 4.42 -1.44 -3.81
C LEU A 59 4.96 -2.69 -4.52
N ASN A 60 4.58 -2.90 -5.78
CA ASN A 60 5.08 -4.02 -6.57
C ASN A 60 6.60 -4.02 -6.65
N GLU A 61 7.18 -2.87 -7.01
CA GLU A 61 8.63 -2.73 -7.11
C GLU A 61 9.31 -3.13 -5.79
N TYR A 62 8.74 -2.72 -4.66
CA TYR A 62 9.31 -3.04 -3.34
C TYR A 62 9.52 -4.55 -3.15
N PHE A 63 8.53 -5.34 -3.54
CA PHE A 63 8.65 -6.80 -3.46
C PHE A 63 9.73 -7.32 -4.44
N GLU A 64 9.79 -6.70 -5.61
CA GLU A 64 10.86 -6.99 -6.58
C GLU A 64 12.23 -6.53 -6.03
N LYS A 65 12.21 -5.52 -5.16
CA LYS A 65 13.42 -5.06 -4.46
C LYS A 65 13.82 -6.08 -3.37
N LYS A 66 12.81 -6.68 -2.73
CA LYS A 66 13.05 -7.76 -1.77
C LYS A 66 13.83 -8.92 -2.43
N GLU A 67 13.48 -9.21 -3.69
CA GLU A 67 14.17 -10.25 -4.46
C GLU A 67 15.61 -9.83 -4.85
N VAL A 68 15.93 -8.56 -4.63
CA VAL A 68 17.27 -8.01 -4.92
C VAL A 68 18.12 -7.85 -3.64
N LEU A 69 17.56 -7.13 -2.66
CA LEU A 69 18.27 -6.81 -1.41
C LEU A 69 18.35 -8.01 -0.45
N GLU A 70 17.19 -8.57 -0.08
CA GLU A 70 17.12 -9.66 0.91
C GLU A 70 17.77 -10.96 0.37
N MET A 1 3.21 -12.34 -4.79
CA MET A 1 2.08 -11.93 -5.66
C MET A 1 2.29 -10.51 -6.22
N LYS A 2 1.93 -10.31 -7.49
CA LYS A 2 1.95 -8.99 -8.09
C LYS A 2 0.79 -8.14 -7.54
N ILE A 3 1.11 -7.19 -6.67
CA ILE A 3 0.11 -6.39 -5.94
C ILE A 3 -0.86 -5.65 -6.87
N THR A 4 -2.14 -5.67 -6.51
CA THR A 4 -3.18 -4.98 -7.27
C THR A 4 -3.83 -3.88 -6.41
N LYS A 5 -4.42 -2.87 -7.06
CA LYS A 5 -5.04 -1.76 -6.33
C LYS A 5 -6.31 -2.21 -5.58
N ASP A 6 -6.79 -3.40 -5.92
CA ASP A 6 -7.97 -3.98 -5.27
C ASP A 6 -7.62 -4.58 -3.90
N MET A 7 -6.34 -4.92 -3.71
CA MET A 7 -5.88 -5.54 -2.46
C MET A 7 -6.01 -4.58 -1.26
N ILE A 8 -6.14 -5.16 -0.07
CA ILE A 8 -6.32 -4.39 1.16
C ILE A 8 -4.97 -3.87 1.72
N ILE A 9 -4.97 -2.63 2.21
CA ILE A 9 -3.74 -2.03 2.77
C ILE A 9 -3.11 -2.90 3.89
N ALA A 10 -3.89 -3.22 4.92
CA ALA A 10 -3.40 -4.05 6.03
C ALA A 10 -2.92 -5.42 5.53
N ASP A 11 -3.61 -5.96 4.52
CA ASP A 11 -3.24 -7.24 3.91
C ASP A 11 -1.81 -7.20 3.35
N VAL A 12 -1.47 -6.09 2.67
CA VAL A 12 -0.10 -5.87 2.20
C VAL A 12 0.87 -5.73 3.38
N LEU A 13 0.46 -4.99 4.40
CA LEU A 13 1.25 -4.79 5.63
C LEU A 13 1.50 -6.11 6.37
N GLN A 14 0.57 -7.06 6.22
CA GLN A 14 0.74 -8.40 6.81
C GLN A 14 1.95 -9.14 6.22
N MET A 15 2.30 -8.81 4.98
CA MET A 15 3.43 -9.45 4.30
C MET A 15 4.74 -8.71 4.60
N ASP A 16 4.72 -7.39 4.45
CA ASP A 16 5.90 -6.57 4.73
C ASP A 16 5.51 -5.18 5.25
N ARG A 17 5.94 -4.85 6.47
CA ARG A 17 5.63 -3.56 7.09
C ARG A 17 6.47 -2.41 6.50
N GLY A 18 7.45 -2.76 5.67
CA GLY A 18 8.25 -1.74 4.98
C GLY A 18 7.47 -1.03 3.89
N THR A 19 6.27 -1.53 3.59
CA THR A 19 5.37 -0.88 2.63
C THR A 19 4.61 0.29 3.26
N ALA A 20 4.56 0.33 4.59
CA ALA A 20 3.85 1.39 5.32
C ALA A 20 4.35 2.80 4.92
N PRO A 21 5.67 3.07 4.97
CA PRO A 21 6.22 4.37 4.53
C PRO A 21 5.91 4.68 3.05
N ILE A 22 5.75 3.63 2.24
CA ILE A 22 5.37 3.77 0.84
C ILE A 22 3.93 4.28 0.71
N PHE A 23 3.01 3.67 1.47
CA PHE A 23 1.64 4.17 1.55
C PHE A 23 1.62 5.64 2.01
N ILE A 24 2.35 5.92 3.09
CA ILE A 24 2.45 7.28 3.63
C ILE A 24 3.06 8.26 2.62
N ASN A 25 4.02 7.77 1.84
CA ASN A 25 4.68 8.59 0.79
C ASN A 25 3.64 9.13 -0.21
N ASN A 26 2.59 8.36 -0.45
CA ASN A 26 1.54 8.75 -1.40
C ASN A 26 0.38 9.48 -0.69
N GLY A 27 0.43 9.58 0.64
CA GLY A 27 -0.59 10.32 1.39
C GLY A 27 -1.38 9.47 2.39
N MET A 28 -1.26 8.14 2.31
CA MET A 28 -1.98 7.24 3.24
C MET A 28 -1.50 7.43 4.69
N HIS A 29 -2.32 6.99 5.64
CA HIS A 29 -1.96 7.07 7.06
C HIS A 29 -2.22 5.73 7.78
N CYS A 30 -1.14 5.03 8.13
CA CYS A 30 -1.25 3.72 8.80
C CYS A 30 -1.76 3.85 10.24
N LEU A 31 -1.44 4.98 10.87
CA LEU A 31 -1.89 5.27 12.24
C LEU A 31 -2.90 6.42 12.25
N GLY A 32 -4.18 6.10 12.46
CA GLY A 32 -5.22 7.12 12.49
C GLY A 32 -6.62 6.53 12.45
N CYS A 33 -7.25 6.52 11.28
CA CYS A 33 -8.57 5.93 11.10
C CYS A 33 -8.50 4.40 11.00
N PRO A 34 -9.08 3.67 11.98
CA PRO A 34 -9.02 2.19 12.02
C PRO A 34 -9.47 1.53 10.71
N SER A 35 -10.56 2.04 10.12
CA SER A 35 -11.13 1.46 8.90
C SER A 35 -10.13 1.49 7.73
N SER A 36 -9.22 2.47 7.73
CA SER A 36 -8.21 2.62 6.66
C SER A 36 -7.41 1.33 6.44
N MET A 37 -7.23 0.56 7.52
CA MET A 37 -6.50 -0.71 7.45
C MET A 37 -7.27 -1.75 6.61
N GLY A 38 -8.61 -1.73 6.70
CA GLY A 38 -9.42 -2.73 6.01
C GLY A 38 -9.93 -2.29 4.63
N GLU A 39 -9.49 -1.13 4.16
CA GLU A 39 -9.90 -0.61 2.85
C GLU A 39 -8.94 -1.08 1.74
N SER A 40 -9.50 -1.31 0.54
CA SER A 40 -8.68 -1.59 -0.65
C SER A 40 -7.84 -0.37 -1.04
N ILE A 41 -6.65 -0.59 -1.58
CA ILE A 41 -5.75 0.51 -1.94
C ILE A 41 -6.43 1.60 -2.79
N GLU A 42 -7.01 1.21 -3.92
CA GLU A 42 -7.68 2.18 -4.81
C GLU A 42 -8.90 2.83 -4.13
N ASP A 43 -9.60 2.05 -3.32
CA ASP A 43 -10.79 2.52 -2.60
C ASP A 43 -10.41 3.61 -1.59
N ALA A 44 -9.43 3.32 -0.73
CA ALA A 44 -8.92 4.29 0.23
C ALA A 44 -8.28 5.50 -0.46
N CYS A 45 -7.63 5.26 -1.61
CA CYS A 45 -7.05 6.34 -2.41
C CYS A 45 -8.12 7.35 -2.83
N ALA A 46 -9.19 6.88 -3.47
CA ALA A 46 -10.28 7.75 -3.91
C ALA A 46 -10.84 8.60 -2.76
N VAL A 47 -10.92 8.00 -1.57
CA VAL A 47 -11.38 8.71 -0.37
C VAL A 47 -10.50 9.93 -0.05
N HIS A 48 -9.17 9.72 0.02
CA HIS A 48 -8.24 10.80 0.38
C HIS A 48 -7.69 11.52 -0.88
N GLY A 49 -8.12 11.07 -2.06
CA GLY A 49 -7.66 11.68 -3.31
C GLY A 49 -6.20 11.35 -3.64
N ILE A 50 -5.84 10.08 -3.52
CA ILE A 50 -4.49 9.61 -3.80
C ILE A 50 -4.41 8.92 -5.18
N ASP A 51 -3.25 8.98 -5.82
CA ASP A 51 -3.06 8.30 -7.10
C ASP A 51 -2.64 6.83 -6.89
N ALA A 52 -3.62 5.93 -6.98
CA ALA A 52 -3.37 4.50 -6.76
C ALA A 52 -2.48 3.90 -7.85
N ASP A 53 -2.52 4.49 -9.05
CA ASP A 53 -1.69 4.04 -10.16
C ASP A 53 -0.21 3.99 -9.77
N LYS A 54 0.30 5.09 -9.22
CA LYS A 54 1.70 5.16 -8.80
C LYS A 54 1.94 4.42 -7.47
N LEU A 55 1.00 4.55 -6.52
CA LEU A 55 1.13 3.89 -5.21
C LEU A 55 1.33 2.37 -5.35
N VAL A 56 0.44 1.71 -6.07
CA VAL A 56 0.53 0.26 -6.26
C VAL A 56 1.82 -0.15 -6.97
N LYS A 57 2.23 0.64 -7.96
CA LYS A 57 3.49 0.38 -8.67
C LYS A 57 4.69 0.44 -7.72
N GLU A 58 4.74 1.47 -6.88
CA GLU A 58 5.81 1.58 -5.86
C GLU A 58 5.82 0.37 -4.91
N LEU A 59 4.62 -0.08 -4.51
CA LEU A 59 4.47 -1.28 -3.68
C LEU A 59 5.07 -2.52 -4.38
N ASN A 60 4.65 -2.76 -5.62
CA ASN A 60 5.15 -3.90 -6.40
C ASN A 60 6.68 -3.85 -6.56
N GLU A 61 7.19 -2.69 -6.98
CA GLU A 61 8.63 -2.50 -7.13
C GLU A 61 9.37 -2.88 -5.84
N TYR A 62 8.84 -2.45 -4.70
CA TYR A 62 9.42 -2.75 -3.39
C TYR A 62 9.53 -4.27 -3.15
N PHE A 63 8.41 -4.99 -3.29
CA PHE A 63 8.39 -6.44 -3.08
C PHE A 63 9.40 -7.17 -3.98
N GLU A 64 9.50 -6.75 -5.24
CA GLU A 64 10.45 -7.36 -6.17
C GLU A 64 11.89 -6.96 -5.83
N LYS A 65 12.07 -5.75 -5.28
CA LYS A 65 13.39 -5.31 -4.80
C LYS A 65 13.86 -6.16 -3.61
N LYS A 66 12.91 -6.69 -2.83
CA LYS A 66 13.23 -7.56 -1.70
C LYS A 66 14.09 -8.76 -2.13
N GLU A 67 13.70 -9.41 -3.22
CA GLU A 67 14.45 -10.56 -3.74
C GLU A 67 15.87 -10.14 -4.20
N VAL A 68 16.04 -8.85 -4.48
CA VAL A 68 17.35 -8.29 -4.81
C VAL A 68 18.19 -8.04 -3.54
N LEU A 69 17.54 -7.45 -2.53
CA LEU A 69 18.18 -7.20 -1.23
C LEU A 69 18.51 -8.50 -0.48
N GLU A 70 17.48 -9.29 -0.19
CA GLU A 70 17.64 -10.57 0.50
C GLU A 70 18.18 -11.68 -0.45
N MET A 1 4.96 -11.75 -5.06
CA MET A 1 3.60 -11.18 -5.26
C MET A 1 3.60 -10.06 -6.32
N LYS A 2 2.45 -9.82 -6.93
CA LYS A 2 2.28 -8.71 -7.88
C LYS A 2 1.10 -7.84 -7.41
N ILE A 3 1.40 -6.65 -6.91
CA ILE A 3 0.41 -5.82 -6.21
C ILE A 3 -0.62 -5.19 -7.16
N THR A 4 -1.89 -5.21 -6.74
CA THR A 4 -2.98 -4.55 -7.46
C THR A 4 -3.72 -3.59 -6.53
N LYS A 5 -4.43 -2.61 -7.09
CA LYS A 5 -5.15 -1.62 -6.27
C LYS A 5 -6.37 -2.25 -5.58
N ASP A 6 -6.78 -3.43 -6.06
CA ASP A 6 -7.88 -4.18 -5.47
C ASP A 6 -7.48 -4.79 -4.12
N MET A 7 -6.17 -4.98 -3.91
CA MET A 7 -5.65 -5.59 -2.68
C MET A 7 -5.86 -4.69 -1.45
N ILE A 8 -5.69 -5.28 -0.26
CA ILE A 8 -5.89 -4.58 1.01
C ILE A 8 -4.57 -3.99 1.55
N ILE A 9 -4.62 -2.74 2.01
CA ILE A 9 -3.42 -2.08 2.55
C ILE A 9 -2.82 -2.85 3.74
N ALA A 10 -3.65 -3.18 4.72
CA ALA A 10 -3.19 -3.93 5.91
C ALA A 10 -2.57 -5.28 5.53
N ASP A 11 -3.18 -5.97 4.58
CA ASP A 11 -2.67 -7.24 4.08
C ASP A 11 -1.24 -7.08 3.51
N VAL A 12 -1.04 -6.03 2.71
CA VAL A 12 0.29 -5.70 2.19
C VAL A 12 1.31 -5.49 3.33
N LEU A 13 0.89 -4.78 4.37
CA LEU A 13 1.73 -4.58 5.56
C LEU A 13 2.03 -5.92 6.27
N GLN A 14 1.07 -6.83 6.23
CA GLN A 14 1.23 -8.17 6.83
C GLN A 14 2.28 -9.00 6.07
N MET A 15 2.41 -8.76 4.76
CA MET A 15 3.46 -9.42 3.96
C MET A 15 4.81 -8.80 4.27
N ASP A 16 4.84 -7.47 4.35
CA ASP A 16 6.04 -6.74 4.80
C ASP A 16 5.69 -5.32 5.29
N ARG A 17 6.10 -5.02 6.53
CA ARG A 17 5.86 -3.70 7.13
C ARG A 17 6.71 -2.61 6.47
N GLY A 18 7.71 -3.02 5.69
CA GLY A 18 8.55 -2.07 4.96
C GLY A 18 7.77 -1.30 3.87
N THR A 19 6.55 -1.73 3.61
CA THR A 19 5.68 -1.05 2.63
C THR A 19 4.97 0.17 3.25
N ALA A 20 5.00 0.26 4.58
CA ALA A 20 4.34 1.36 5.31
C ALA A 20 4.79 2.75 4.81
N PRO A 21 6.12 3.02 4.71
CA PRO A 21 6.62 4.31 4.21
C PRO A 21 6.15 4.61 2.78
N ILE A 22 5.87 3.57 2.01
CA ILE A 22 5.37 3.73 0.64
C ILE A 22 3.92 4.25 0.65
N PHE A 23 3.09 3.68 1.51
CA PHE A 23 1.72 4.19 1.71
C PHE A 23 1.76 5.61 2.27
N ILE A 24 2.60 5.83 3.29
CA ILE A 24 2.79 7.16 3.89
C ILE A 24 3.29 8.17 2.84
N ASN A 25 4.19 7.71 1.96
CA ASN A 25 4.73 8.56 0.88
C ASN A 25 3.60 9.16 0.01
N ASN A 26 2.60 8.35 -0.27
CA ASN A 26 1.45 8.79 -1.08
C ASN A 26 0.40 9.55 -0.23
N GLY A 27 0.67 9.69 1.07
CA GLY A 27 -0.17 10.51 1.94
C GLY A 27 -1.14 9.72 2.81
N MET A 28 -1.02 8.39 2.85
CA MET A 28 -1.92 7.56 3.67
C MET A 28 -1.76 7.88 5.17
N HIS A 29 -2.87 7.86 5.89
CA HIS A 29 -2.88 8.15 7.33
C HIS A 29 -3.56 7.01 8.11
N CYS A 30 -2.78 6.30 8.90
CA CYS A 30 -3.31 5.20 9.74
C CYS A 30 -3.89 5.72 11.06
N LEU A 31 -3.48 6.93 11.45
CA LEU A 31 -3.97 7.56 12.69
C LEU A 31 -5.41 8.06 12.51
N GLY A 32 -6.38 7.33 13.06
CA GLY A 32 -7.78 7.73 12.99
C GLY A 32 -8.74 6.54 12.99
N CYS A 33 -9.01 5.99 11.82
CA CYS A 33 -9.94 4.86 11.68
C CYS A 33 -9.28 3.68 10.95
N PRO A 34 -9.64 2.42 11.33
CA PRO A 34 -9.07 1.20 10.71
C PRO A 34 -9.37 1.09 9.21
N SER A 35 -10.25 1.95 8.70
CA SER A 35 -10.59 1.96 7.26
C SER A 35 -9.34 2.14 6.39
N SER A 36 -8.43 3.00 6.84
CA SER A 36 -7.17 3.25 6.12
C SER A 36 -6.28 2.00 6.04
N MET A 37 -6.65 0.96 6.79
CA MET A 37 -5.87 -0.28 6.83
C MET A 37 -6.64 -1.45 6.18
N GLY A 38 -7.84 -1.75 6.70
CA GLY A 38 -8.59 -2.93 6.28
C GLY A 38 -9.20 -2.85 4.88
N GLU A 39 -9.38 -1.63 4.35
CA GLU A 39 -9.99 -1.45 3.04
C GLU A 39 -8.97 -1.60 1.88
N SER A 40 -9.49 -1.68 0.66
CA SER A 40 -8.63 -1.83 -0.53
C SER A 40 -7.82 -0.56 -0.83
N ILE A 41 -6.66 -0.72 -1.46
CA ILE A 41 -5.77 0.39 -1.79
C ILE A 41 -6.49 1.50 -2.57
N GLU A 42 -7.08 1.16 -3.72
CA GLU A 42 -7.78 2.13 -4.55
C GLU A 42 -8.93 2.82 -3.79
N ASP A 43 -9.59 2.05 -2.92
CA ASP A 43 -10.73 2.56 -2.16
C ASP A 43 -10.28 3.60 -1.12
N ALA A 44 -9.31 3.22 -0.28
CA ALA A 44 -8.73 4.13 0.72
C ALA A 44 -8.10 5.36 0.04
N CYS A 45 -7.48 5.14 -1.12
CA CYS A 45 -6.95 6.24 -1.94
C CYS A 45 -8.06 7.19 -2.37
N ALA A 46 -9.12 6.64 -2.95
CA ALA A 46 -10.27 7.44 -3.43
C ALA A 46 -10.81 8.37 -2.34
N VAL A 47 -11.03 7.82 -1.13
CA VAL A 47 -11.52 8.60 0.02
C VAL A 47 -10.67 9.86 0.25
N HIS A 48 -9.36 9.75 0.07
CA HIS A 48 -8.43 10.86 0.30
C HIS A 48 -7.96 11.51 -1.02
N GLY A 49 -8.44 11.00 -2.14
CA GLY A 49 -8.04 11.53 -3.45
C GLY A 49 -6.59 11.21 -3.82
N ILE A 50 -6.07 10.11 -3.27
CA ILE A 50 -4.68 9.67 -3.53
C ILE A 50 -4.59 8.90 -4.86
N ASP A 51 -3.41 8.93 -5.48
CA ASP A 51 -3.20 8.27 -6.77
C ASP A 51 -2.82 6.78 -6.57
N ALA A 52 -3.77 5.89 -6.85
CA ALA A 52 -3.55 4.45 -6.66
C ALA A 52 -2.61 3.88 -7.73
N ASP A 53 -2.71 4.37 -8.95
CA ASP A 53 -1.85 3.92 -10.06
C ASP A 53 -0.36 4.06 -9.69
N LYS A 54 -0.01 5.21 -9.11
CA LYS A 54 1.37 5.45 -8.64
C LYS A 54 1.71 4.58 -7.43
N LEU A 55 0.84 4.63 -6.40
CA LEU A 55 1.07 3.89 -5.15
C LEU A 55 1.29 2.39 -5.39
N VAL A 56 0.40 1.78 -6.16
CA VAL A 56 0.47 0.35 -6.44
C VAL A 56 1.78 -0.05 -7.13
N LYS A 57 2.22 0.75 -8.09
CA LYS A 57 3.46 0.48 -8.82
C LYS A 57 4.69 0.65 -7.91
N GLU A 58 4.63 1.63 -7.00
CA GLU A 58 5.64 1.81 -5.96
C GLU A 58 5.71 0.56 -5.04
N LEU A 59 4.55 -0.02 -4.75
CA LEU A 59 4.46 -1.26 -3.97
C LEU A 59 5.02 -2.46 -4.74
N ASN A 60 4.65 -2.59 -6.02
CA ASN A 60 5.11 -3.69 -6.87
C ASN A 60 6.64 -3.81 -6.87
N GLU A 61 7.34 -2.73 -7.24
CA GLU A 61 8.80 -2.72 -7.21
C GLU A 61 9.33 -3.30 -5.90
N TYR A 62 8.85 -2.76 -4.78
CA TYR A 62 9.36 -3.11 -3.46
C TYR A 62 9.41 -4.63 -3.24
N PHE A 63 8.28 -5.31 -3.41
CA PHE A 63 8.22 -6.77 -3.19
C PHE A 63 9.14 -7.54 -4.15
N GLU A 64 9.24 -7.07 -5.40
CA GLU A 64 10.10 -7.71 -6.39
C GLU A 64 11.58 -7.46 -6.08
N LYS A 65 11.88 -6.30 -5.49
CA LYS A 65 13.25 -5.96 -5.05
C LYS A 65 13.66 -6.83 -3.86
N LYS A 66 12.74 -7.03 -2.92
CA LYS A 66 12.99 -7.85 -1.71
C LYS A 66 13.69 -9.17 -2.02
N GLU A 67 13.04 -9.98 -2.86
CA GLU A 67 13.54 -11.33 -3.19
C GLU A 67 14.90 -11.29 -3.91
N VAL A 68 15.29 -10.10 -4.36
CA VAL A 68 16.59 -9.90 -5.03
C VAL A 68 17.67 -9.43 -4.03
N LEU A 69 17.33 -8.39 -3.26
CA LEU A 69 18.26 -7.82 -2.27
C LEU A 69 18.47 -8.74 -1.07
N GLU A 70 17.38 -9.10 -0.40
CA GLU A 70 17.42 -9.95 0.81
C GLU A 70 17.91 -11.37 0.50
N MET A 1 4.85 -11.57 -5.37
CA MET A 1 3.40 -11.41 -5.60
C MET A 1 3.10 -10.12 -6.38
N LYS A 2 2.10 -10.18 -7.26
CA LYS A 2 1.66 -9.00 -8.03
C LYS A 2 0.50 -8.30 -7.32
N ILE A 3 0.82 -7.21 -6.63
CA ILE A 3 -0.17 -6.43 -5.89
C ILE A 3 -1.11 -5.66 -6.84
N THR A 4 -2.41 -5.66 -6.53
CA THR A 4 -3.40 -4.94 -7.34
C THR A 4 -4.16 -3.90 -6.50
N LYS A 5 -4.68 -2.87 -7.17
CA LYS A 5 -5.35 -1.75 -6.51
C LYS A 5 -6.48 -2.20 -5.55
N ASP A 6 -7.17 -3.28 -5.90
CA ASP A 6 -8.31 -3.77 -5.13
C ASP A 6 -7.88 -4.54 -3.85
N MET A 7 -6.58 -4.72 -3.65
CA MET A 7 -6.07 -5.40 -2.46
C MET A 7 -6.19 -4.53 -1.20
N ILE A 8 -6.34 -5.17 -0.05
CA ILE A 8 -6.54 -4.46 1.22
C ILE A 8 -5.22 -3.93 1.79
N ILE A 9 -5.19 -2.66 2.18
CA ILE A 9 -3.96 -2.03 2.70
C ILE A 9 -3.40 -2.80 3.92
N ALA A 10 -4.25 -3.06 4.91
CA ALA A 10 -3.83 -3.82 6.09
C ALA A 10 -3.27 -5.20 5.71
N ASP A 11 -3.90 -5.84 4.73
CA ASP A 11 -3.47 -7.16 4.25
C ASP A 11 -2.05 -7.08 3.63
N VAL A 12 -1.81 -6.04 2.83
CA VAL A 12 -0.48 -5.79 2.26
C VAL A 12 0.55 -5.54 3.37
N LEU A 13 0.15 -4.78 4.38
CA LEU A 13 0.99 -4.54 5.57
C LEU A 13 1.31 -5.86 6.30
N GLN A 14 0.33 -6.77 6.32
CA GLN A 14 0.51 -8.09 6.93
C GLN A 14 1.51 -8.94 6.14
N MET A 15 1.71 -8.62 4.86
CA MET A 15 2.78 -9.24 4.07
C MET A 15 4.14 -8.68 4.50
N ASP A 16 4.28 -7.36 4.37
CA ASP A 16 5.49 -6.65 4.82
C ASP A 16 5.14 -5.24 5.33
N ARG A 17 5.58 -4.92 6.55
CA ARG A 17 5.30 -3.60 7.13
C ARG A 17 6.07 -2.48 6.42
N GLY A 18 7.11 -2.86 5.66
CA GLY A 18 7.89 -1.87 4.91
C GLY A 18 7.10 -1.20 3.79
N THR A 19 5.89 -1.67 3.55
CA THR A 19 4.99 -1.04 2.57
C THR A 19 4.27 0.17 3.18
N ALA A 20 4.19 0.21 4.52
CA ALA A 20 3.52 1.31 5.22
C ALA A 20 4.13 2.68 4.87
N PRO A 21 5.47 2.86 4.96
CA PRO A 21 6.12 4.12 4.56
C PRO A 21 5.84 4.48 3.09
N ILE A 22 5.57 3.47 2.26
CA ILE A 22 5.21 3.68 0.85
C ILE A 22 3.80 4.26 0.73
N PHE A 23 2.85 3.68 1.47
CA PHE A 23 1.50 4.23 1.56
C PHE A 23 1.54 5.69 2.05
N ILE A 24 2.22 5.92 3.18
CA ILE A 24 2.39 7.27 3.73
C ILE A 24 3.11 8.20 2.74
N ASN A 25 4.08 7.65 2.01
CA ASN A 25 4.81 8.38 0.96
C ASN A 25 3.83 8.97 -0.08
N ASN A 26 2.75 8.24 -0.35
CA ASN A 26 1.73 8.69 -1.30
C ASN A 26 0.60 9.51 -0.62
N GLY A 27 0.66 9.62 0.71
CA GLY A 27 -0.31 10.44 1.43
C GLY A 27 -1.39 9.65 2.16
N MET A 28 -1.18 8.34 2.36
CA MET A 28 -2.12 7.52 3.12
C MET A 28 -2.04 7.81 4.63
N HIS A 29 -2.79 7.03 5.40
CA HIS A 29 -2.81 7.19 6.87
C HIS A 29 -1.84 6.20 7.55
N CYS A 30 -1.36 6.58 8.72
CA CYS A 30 -0.42 5.74 9.49
C CYS A 30 -1.13 4.53 10.13
N LEU A 31 -0.33 3.60 10.64
CA LEU A 31 -0.85 2.38 11.29
C LEU A 31 -1.67 2.74 12.55
N GLY A 32 -2.99 2.74 12.42
CA GLY A 32 -3.86 3.05 13.56
C GLY A 32 -5.34 3.02 13.22
N CYS A 33 -5.81 4.02 12.47
CA CYS A 33 -7.24 4.12 12.12
C CYS A 33 -7.71 2.96 11.23
N PRO A 34 -8.64 2.12 11.73
CA PRO A 34 -9.15 0.95 10.98
C PRO A 34 -9.77 1.33 9.62
N SER A 35 -10.29 2.55 9.52
CA SER A 35 -10.88 3.06 8.26
C SER A 35 -9.91 2.95 7.08
N SER A 36 -8.65 3.31 7.31
CA SER A 36 -7.63 3.31 6.26
C SER A 36 -6.92 1.93 6.16
N MET A 37 -7.20 1.06 7.12
CA MET A 37 -6.57 -0.27 7.16
C MET A 37 -7.44 -1.34 6.48
N GLY A 38 -8.72 -1.39 6.85
CA GLY A 38 -9.63 -2.42 6.36
C GLY A 38 -9.98 -2.30 4.88
N GLU A 39 -10.10 -1.07 4.39
CA GLU A 39 -10.45 -0.84 2.99
C GLU A 39 -9.29 -1.13 2.02
N SER A 40 -9.62 -1.19 0.73
CA SER A 40 -8.63 -1.50 -0.31
C SER A 40 -7.76 -0.28 -0.67
N ILE A 41 -6.64 -0.53 -1.35
CA ILE A 41 -5.76 0.54 -1.82
C ILE A 41 -6.51 1.55 -2.70
N GLU A 42 -7.27 1.06 -3.67
CA GLU A 42 -8.03 1.92 -4.57
C GLU A 42 -9.09 2.74 -3.82
N ASP A 43 -9.73 2.15 -2.81
CA ASP A 43 -10.73 2.87 -2.02
C ASP A 43 -10.07 4.01 -1.22
N ALA A 44 -9.11 3.68 -0.37
CA ALA A 44 -8.38 4.68 0.43
C ALA A 44 -7.77 5.77 -0.46
N CYS A 45 -7.27 5.38 -1.63
CA CYS A 45 -6.78 6.35 -2.62
C CYS A 45 -7.88 7.35 -2.98
N ALA A 46 -9.06 6.86 -3.32
CA ALA A 46 -10.19 7.73 -3.67
C ALA A 46 -10.65 8.58 -2.47
N VAL A 47 -10.45 8.07 -1.26
CA VAL A 47 -10.81 8.81 -0.04
C VAL A 47 -9.92 10.06 0.15
N HIS A 48 -8.61 9.87 0.13
CA HIS A 48 -7.66 10.98 0.35
C HIS A 48 -7.34 11.71 -0.98
N GLY A 49 -7.61 11.05 -2.10
CA GLY A 49 -7.30 11.61 -3.42
C GLY A 49 -5.88 11.28 -3.89
N ILE A 50 -5.54 10.00 -3.89
CA ILE A 50 -4.22 9.53 -4.30
C ILE A 50 -4.30 8.74 -5.62
N ASP A 51 -3.22 8.72 -6.40
CA ASP A 51 -3.18 7.94 -7.63
C ASP A 51 -2.79 6.48 -7.32
N ALA A 52 -3.78 5.59 -7.32
CA ALA A 52 -3.56 4.18 -7.00
C ALA A 52 -2.60 3.50 -7.99
N ASP A 53 -2.64 3.91 -9.25
CA ASP A 53 -1.75 3.33 -10.26
C ASP A 53 -0.28 3.54 -9.88
N LYS A 54 0.07 4.74 -9.45
CA LYS A 54 1.44 5.03 -9.00
C LYS A 54 1.78 4.25 -7.72
N LEU A 55 0.88 4.32 -6.74
CA LEU A 55 1.09 3.66 -5.44
C LEU A 55 1.30 2.15 -5.59
N VAL A 56 0.39 1.49 -6.28
CA VAL A 56 0.46 0.03 -6.48
C VAL A 56 1.77 -0.37 -7.18
N LYS A 57 2.19 0.40 -8.17
CA LYS A 57 3.47 0.17 -8.84
C LYS A 57 4.65 0.26 -7.84
N GLU A 58 4.64 1.29 -6.99
CA GLU A 58 5.69 1.44 -5.96
C GLU A 58 5.67 0.27 -4.96
N LEU A 59 4.47 -0.23 -4.66
CA LEU A 59 4.32 -1.42 -3.81
C LEU A 59 4.94 -2.67 -4.45
N ASN A 60 4.58 -2.95 -5.71
CA ASN A 60 5.13 -4.09 -6.44
C ASN A 60 6.66 -4.00 -6.55
N GLU A 61 7.15 -2.84 -6.99
CA GLU A 61 8.60 -2.60 -7.06
C GLU A 61 9.27 -2.96 -5.72
N TYR A 62 8.69 -2.51 -4.61
CA TYR A 62 9.24 -2.78 -3.28
C TYR A 62 9.43 -4.28 -3.03
N PHE A 63 8.38 -5.08 -3.27
CA PHE A 63 8.46 -6.53 -3.07
C PHE A 63 9.60 -7.15 -3.92
N GLU A 64 9.75 -6.66 -5.15
CA GLU A 64 10.85 -7.10 -6.01
C GLU A 64 12.21 -6.61 -5.48
N LYS A 65 12.25 -5.38 -4.93
CA LYS A 65 13.48 -4.81 -4.35
C LYS A 65 13.99 -5.68 -3.20
N LYS A 66 13.06 -6.25 -2.42
CA LYS A 66 13.41 -7.17 -1.34
C LYS A 66 14.24 -8.36 -1.88
N GLU A 67 13.71 -9.01 -2.91
CA GLU A 67 14.37 -10.16 -3.53
C GLU A 67 15.71 -9.76 -4.20
N VAL A 68 15.94 -8.46 -4.32
CA VAL A 68 17.23 -7.93 -4.80
C VAL A 68 18.23 -7.80 -3.66
N LEU A 69 17.79 -7.19 -2.55
CA LEU A 69 18.63 -6.99 -1.37
C LEU A 69 18.89 -8.31 -0.61
N GLU A 70 17.81 -8.99 -0.23
CA GLU A 70 17.88 -10.25 0.52
C GLU A 70 18.21 -11.46 -0.39
N MET A 1 5.54 -10.51 -5.57
CA MET A 1 4.09 -10.33 -5.27
C MET A 1 3.46 -9.26 -6.16
N LYS A 2 2.60 -9.67 -7.10
CA LYS A 2 1.88 -8.72 -7.94
C LYS A 2 0.78 -7.99 -7.14
N ILE A 3 1.09 -6.78 -6.67
CA ILE A 3 0.15 -5.98 -5.89
C ILE A 3 -0.90 -5.31 -6.79
N THR A 4 -2.15 -5.30 -6.34
CA THR A 4 -3.26 -4.69 -7.10
C THR A 4 -4.02 -3.69 -6.24
N LYS A 5 -4.66 -2.70 -6.87
CA LYS A 5 -5.44 -1.70 -6.13
C LYS A 5 -6.65 -2.34 -5.43
N ASP A 6 -6.97 -3.56 -5.84
CA ASP A 6 -8.06 -4.34 -5.25
C ASP A 6 -7.71 -4.81 -3.83
N MET A 7 -6.42 -4.92 -3.55
CA MET A 7 -5.93 -5.48 -2.29
C MET A 7 -6.15 -4.55 -1.08
N ILE A 8 -6.33 -5.16 0.08
CA ILE A 8 -6.48 -4.43 1.34
C ILE A 8 -5.12 -3.97 1.87
N ILE A 9 -5.03 -2.71 2.29
CA ILE A 9 -3.77 -2.14 2.81
C ILE A 9 -3.23 -2.95 4.00
N ALA A 10 -4.11 -3.36 4.90
CA ALA A 10 -3.71 -4.18 6.06
C ALA A 10 -3.09 -5.52 5.64
N ASP A 11 -3.68 -6.16 4.63
CA ASP A 11 -3.18 -7.43 4.10
C ASP A 11 -1.72 -7.28 3.61
N VAL A 12 -1.47 -6.22 2.86
CA VAL A 12 -0.13 -5.93 2.34
C VAL A 12 0.89 -5.81 3.50
N LEU A 13 0.46 -5.21 4.61
CA LEU A 13 1.30 -5.11 5.82
C LEU A 13 1.59 -6.50 6.41
N GLN A 14 0.59 -7.38 6.36
CA GLN A 14 0.75 -8.75 6.86
C GLN A 14 1.78 -9.54 6.03
N MET A 15 2.02 -9.09 4.80
CA MET A 15 3.06 -9.69 3.94
C MET A 15 4.43 -9.08 4.26
N ASP A 16 4.49 -7.75 4.23
CA ASP A 16 5.71 -7.03 4.58
C ASP A 16 5.39 -5.69 5.27
N ARG A 17 6.01 -5.45 6.43
CA ARG A 17 5.76 -4.24 7.22
C ARG A 17 6.37 -2.98 6.59
N GLY A 18 7.38 -3.18 5.75
CA GLY A 18 8.05 -2.06 5.09
C GLY A 18 7.21 -1.39 4.01
N THR A 19 6.01 -1.93 3.75
CA THR A 19 5.09 -1.35 2.77
C THR A 19 4.32 -0.16 3.36
N ALA A 20 4.17 -0.13 4.68
CA ALA A 20 3.44 0.94 5.37
C ALA A 20 3.94 2.35 4.99
N PRO A 21 5.27 2.63 5.10
CA PRO A 21 5.84 3.94 4.72
C PRO A 21 5.58 4.28 3.24
N ILE A 22 5.37 3.26 2.40
CA ILE A 22 5.06 3.48 0.98
C ILE A 22 3.64 4.02 0.82
N PHE A 23 2.69 3.44 1.55
CA PHE A 23 1.32 3.97 1.58
C PHE A 23 1.31 5.41 2.09
N ILE A 24 1.99 5.64 3.22
CA ILE A 24 2.11 6.97 3.81
C ILE A 24 2.84 7.95 2.86
N ASN A 25 3.80 7.42 2.10
CA ASN A 25 4.50 8.19 1.07
C ASN A 25 3.52 8.76 0.03
N ASN A 26 2.46 8.00 -0.26
CA ASN A 26 1.46 8.41 -1.24
C ASN A 26 0.26 9.14 -0.60
N GLY A 27 0.40 9.53 0.67
CA GLY A 27 -0.63 10.36 1.32
C GLY A 27 -1.51 9.62 2.33
N MET A 28 -1.30 8.30 2.49
CA MET A 28 -2.05 7.53 3.49
C MET A 28 -1.55 7.84 4.92
N HIS A 29 -2.17 7.22 5.91
CA HIS A 29 -1.75 7.36 7.31
C HIS A 29 -2.26 6.20 8.17
N CYS A 30 -1.35 5.32 8.60
CA CYS A 30 -1.71 4.15 9.40
C CYS A 30 -2.16 4.54 10.81
N LEU A 31 -1.74 5.72 11.27
CA LEU A 31 -2.13 6.23 12.59
C LEU A 31 -3.29 7.23 12.45
N GLY A 32 -4.40 6.99 13.16
CA GLY A 32 -5.52 7.91 13.15
C GLY A 32 -6.87 7.24 12.96
N CYS A 33 -6.98 6.37 11.95
CA CYS A 33 -8.25 5.71 11.61
C CYS A 33 -8.02 4.31 11.01
N PRO A 34 -8.85 3.32 11.39
CA PRO A 34 -8.71 1.95 10.88
C PRO A 34 -9.08 1.82 9.39
N SER A 35 -9.76 2.83 8.84
CA SER A 35 -10.12 2.88 7.41
C SER A 35 -8.89 2.68 6.51
N SER A 36 -7.90 3.55 6.69
CA SER A 36 -6.65 3.48 5.90
C SER A 36 -5.94 2.12 6.02
N MET A 37 -6.42 1.26 6.92
CA MET A 37 -5.88 -0.09 7.07
C MET A 37 -6.81 -1.15 6.44
N GLY A 38 -8.11 -1.05 6.74
CA GLY A 38 -9.05 -2.10 6.34
C GLY A 38 -9.69 -1.90 4.95
N GLU A 39 -9.46 -0.74 4.34
CA GLU A 39 -10.02 -0.46 3.00
C GLU A 39 -9.02 -0.82 1.89
N SER A 40 -9.55 -1.20 0.72
CA SER A 40 -8.71 -1.52 -0.44
C SER A 40 -8.01 -0.27 -0.98
N ILE A 41 -6.86 -0.46 -1.63
CA ILE A 41 -6.07 0.66 -2.16
C ILE A 41 -6.90 1.61 -3.04
N GLU A 42 -7.60 1.07 -4.05
CA GLU A 42 -8.43 1.89 -4.95
C GLU A 42 -9.54 2.63 -4.18
N ASP A 43 -10.05 1.99 -3.13
CA ASP A 43 -11.16 2.55 -2.33
C ASP A 43 -10.64 3.68 -1.41
N ALA A 44 -9.70 3.34 -0.53
CA ALA A 44 -9.10 4.30 0.39
C ALA A 44 -8.47 5.49 -0.36
N CYS A 45 -7.74 5.20 -1.44
CA CYS A 45 -7.14 6.26 -2.26
C CYS A 45 -8.18 7.27 -2.77
N ALA A 46 -9.28 6.76 -3.33
CA ALA A 46 -10.36 7.62 -3.83
C ALA A 46 -10.91 8.53 -2.71
N VAL A 47 -11.01 7.98 -1.51
CA VAL A 47 -11.49 8.74 -0.34
C VAL A 47 -10.59 9.94 -0.03
N HIS A 48 -9.27 9.73 -0.05
CA HIS A 48 -8.31 10.81 0.25
C HIS A 48 -7.89 11.56 -1.04
N GLY A 49 -8.27 11.03 -2.20
CA GLY A 49 -7.92 11.65 -3.48
C GLY A 49 -6.49 11.34 -3.92
N ILE A 50 -6.03 10.12 -3.64
CA ILE A 50 -4.68 9.67 -4.00
C ILE A 50 -4.67 8.96 -5.37
N ASP A 51 -3.54 9.01 -6.04
CA ASP A 51 -3.35 8.27 -7.29
C ASP A 51 -2.98 6.80 -6.99
N ALA A 52 -3.98 5.93 -7.03
CA ALA A 52 -3.77 4.51 -6.68
C ALA A 52 -2.84 3.79 -7.68
N ASP A 53 -2.87 4.22 -8.94
CA ASP A 53 -2.04 3.60 -9.98
C ASP A 53 -0.54 3.76 -9.63
N LYS A 54 -0.16 4.96 -9.21
CA LYS A 54 1.24 5.23 -8.83
C LYS A 54 1.61 4.51 -7.53
N LEU A 55 0.69 4.50 -6.57
CA LEU A 55 0.91 3.80 -5.29
C LEU A 55 1.19 2.31 -5.51
N VAL A 56 0.32 1.65 -6.29
CA VAL A 56 0.47 0.23 -6.58
C VAL A 56 1.84 -0.10 -7.22
N LYS A 57 2.32 0.79 -8.11
CA LYS A 57 3.64 0.61 -8.73
C LYS A 57 4.74 0.49 -7.66
N GLU A 58 4.81 1.48 -6.77
CA GLU A 58 5.84 1.50 -5.72
C GLU A 58 5.76 0.24 -4.82
N LEU A 59 4.54 -0.24 -4.57
CA LEU A 59 4.34 -1.47 -3.80
C LEU A 59 4.93 -2.70 -4.52
N ASN A 60 4.62 -2.86 -5.81
CA ASN A 60 5.15 -3.97 -6.61
C ASN A 60 6.69 -3.94 -6.64
N GLU A 61 7.25 -2.79 -7.01
CA GLU A 61 8.71 -2.62 -7.09
C GLU A 61 9.39 -2.99 -5.77
N TYR A 62 8.78 -2.59 -4.65
CA TYR A 62 9.31 -2.88 -3.32
C TYR A 62 9.52 -4.39 -3.09
N PHE A 63 8.49 -5.19 -3.35
CA PHE A 63 8.60 -6.65 -3.20
C PHE A 63 9.65 -7.24 -4.17
N GLU A 64 9.77 -6.64 -5.36
CA GLU A 64 10.81 -7.05 -6.32
C GLU A 64 12.22 -6.74 -5.79
N LYS A 65 12.34 -5.66 -5.01
CA LYS A 65 13.61 -5.26 -4.39
C LYS A 65 14.13 -6.34 -3.43
N LYS A 66 13.22 -6.98 -2.68
CA LYS A 66 13.60 -7.98 -1.68
C LYS A 66 14.47 -9.11 -2.26
N GLU A 67 14.03 -9.67 -3.39
CA GLU A 67 14.79 -10.74 -4.05
C GLU A 67 16.20 -10.28 -4.45
N VAL A 68 16.36 -8.98 -4.72
CA VAL A 68 17.66 -8.41 -5.05
C VAL A 68 18.52 -8.22 -3.78
N LEU A 69 17.95 -7.59 -2.76
CA LEU A 69 18.64 -7.33 -1.50
C LEU A 69 19.04 -8.63 -0.76
N GLU A 70 18.04 -9.41 -0.35
CA GLU A 70 18.27 -10.64 0.42
C GLU A 70 18.72 -11.81 -0.49
N MET A 1 2.62 -13.18 -6.80
CA MET A 1 1.85 -12.10 -6.13
C MET A 1 2.06 -10.75 -6.82
N LYS A 2 1.08 -10.32 -7.62
CA LYS A 2 1.14 -9.00 -8.25
C LYS A 2 0.16 -8.05 -7.55
N ILE A 3 0.71 -7.08 -6.81
CA ILE A 3 -0.13 -6.17 -6.01
C ILE A 3 -1.06 -5.34 -6.88
N THR A 4 -2.34 -5.27 -6.51
CA THR A 4 -3.35 -4.49 -7.24
C THR A 4 -4.01 -3.45 -6.33
N LYS A 5 -4.67 -2.46 -6.92
CA LYS A 5 -5.36 -1.43 -6.13
C LYS A 5 -6.62 -1.99 -5.45
N ASP A 6 -7.05 -3.17 -5.90
CA ASP A 6 -8.22 -3.85 -5.30
C ASP A 6 -7.83 -4.56 -3.99
N MET A 7 -6.54 -4.75 -3.77
CA MET A 7 -6.05 -5.43 -2.56
C MET A 7 -6.20 -4.56 -1.30
N ILE A 8 -6.31 -5.22 -0.15
CA ILE A 8 -6.49 -4.55 1.13
C ILE A 8 -5.16 -4.04 1.70
N ILE A 9 -5.14 -2.79 2.17
CA ILE A 9 -3.92 -2.17 2.70
C ILE A 9 -3.31 -2.98 3.86
N ALA A 10 -4.13 -3.31 4.86
CA ALA A 10 -3.67 -4.11 6.01
C ALA A 10 -3.06 -5.45 5.56
N ASP A 11 -3.60 -6.01 4.48
CA ASP A 11 -3.12 -7.28 3.94
C ASP A 11 -1.72 -7.13 3.34
N VAL A 12 -1.52 -6.06 2.57
CA VAL A 12 -0.20 -5.73 2.02
C VAL A 12 0.83 -5.53 3.16
N LEU A 13 0.37 -4.92 4.25
CA LEU A 13 1.21 -4.75 5.46
C LEU A 13 1.60 -6.10 6.08
N GLN A 14 0.73 -7.10 5.95
CA GLN A 14 1.03 -8.45 6.46
C GLN A 14 2.10 -9.14 5.61
N MET A 15 2.15 -8.78 4.32
CA MET A 15 3.18 -9.29 3.42
C MET A 15 4.55 -8.74 3.84
N ASP A 16 4.63 -7.42 3.99
CA ASP A 16 5.83 -6.77 4.52
C ASP A 16 5.50 -5.43 5.17
N ARG A 17 6.08 -5.18 6.35
CA ARG A 17 5.83 -3.95 7.10
C ARG A 17 6.43 -2.72 6.41
N GLY A 18 7.46 -2.95 5.59
CA GLY A 18 8.14 -1.86 4.89
C GLY A 18 7.30 -1.21 3.80
N THR A 19 6.09 -1.71 3.59
CA THR A 19 5.14 -1.11 2.64
C THR A 19 4.40 0.08 3.24
N ALA A 20 4.32 0.12 4.57
CA ALA A 20 3.63 1.21 5.28
C ALA A 20 4.18 2.61 4.89
N PRO A 21 5.52 2.84 4.94
CA PRO A 21 6.11 4.13 4.53
C PRO A 21 5.81 4.46 3.05
N ILE A 22 5.59 3.44 2.24
CA ILE A 22 5.23 3.62 0.83
C ILE A 22 3.80 4.18 0.69
N PHE A 23 2.86 3.61 1.46
CA PHE A 23 1.51 4.15 1.54
C PHE A 23 1.55 5.61 1.98
N ILE A 24 2.27 5.87 3.08
CA ILE A 24 2.46 7.24 3.57
C ILE A 24 3.09 8.15 2.50
N ASN A 25 4.04 7.59 1.75
CA ASN A 25 4.74 8.32 0.68
C ASN A 25 3.76 8.92 -0.34
N ASN A 26 2.72 8.17 -0.66
CA ASN A 26 1.73 8.61 -1.65
C ASN A 26 0.57 9.39 -1.01
N GLY A 27 0.58 9.52 0.33
CA GLY A 27 -0.42 10.36 1.00
C GLY A 27 -1.30 9.65 2.03
N MET A 28 -1.09 8.35 2.23
CA MET A 28 -1.89 7.60 3.23
C MET A 28 -1.47 7.94 4.68
N HIS A 29 -2.40 7.80 5.61
CA HIS A 29 -2.12 8.03 7.03
C HIS A 29 -1.37 6.85 7.64
N CYS A 30 -0.46 7.12 8.57
CA CYS A 30 0.35 6.06 9.22
C CYS A 30 -0.51 5.13 10.09
N LEU A 31 0.13 4.12 10.67
CA LEU A 31 -0.57 3.12 11.51
C LEU A 31 -1.37 3.82 12.62
N GLY A 32 -2.69 3.83 12.47
CA GLY A 32 -3.57 4.47 13.44
C GLY A 32 -5.04 4.44 13.03
N CYS A 33 -5.30 4.64 11.74
CA CYS A 33 -6.68 4.63 11.22
C CYS A 33 -7.21 3.20 11.07
N PRO A 34 -8.30 2.85 11.78
CA PRO A 34 -8.93 1.53 11.70
C PRO A 34 -9.50 1.23 10.30
N SER A 35 -10.15 2.24 9.72
CA SER A 35 -10.75 2.13 8.39
C SER A 35 -9.72 1.78 7.31
N SER A 36 -8.73 2.67 7.13
CA SER A 36 -7.70 2.54 6.08
C SER A 36 -7.03 1.15 6.06
N MET A 37 -7.14 0.41 7.16
CA MET A 37 -6.57 -0.94 7.24
C MET A 37 -7.46 -1.96 6.50
N GLY A 38 -8.77 -1.92 6.76
CA GLY A 38 -9.67 -2.95 6.23
C GLY A 38 -10.28 -2.62 4.87
N GLU A 39 -9.84 -1.54 4.24
CA GLU A 39 -10.35 -1.14 2.92
C GLU A 39 -9.27 -1.26 1.83
N SER A 40 -9.72 -1.38 0.58
CA SER A 40 -8.82 -1.55 -0.57
C SER A 40 -8.03 -0.27 -0.89
N ILE A 41 -6.83 -0.44 -1.45
CA ILE A 41 -5.94 0.68 -1.80
C ILE A 41 -6.66 1.75 -2.66
N GLU A 42 -7.35 1.32 -3.71
CA GLU A 42 -8.06 2.25 -4.61
C GLU A 42 -9.17 3.01 -3.87
N ASP A 43 -9.82 2.33 -2.93
CA ASP A 43 -10.92 2.93 -2.18
C ASP A 43 -10.40 4.02 -1.23
N ALA A 44 -9.43 3.66 -0.40
CA ALA A 44 -8.77 4.62 0.50
C ALA A 44 -8.23 5.84 -0.28
N CYS A 45 -7.61 5.56 -1.42
CA CYS A 45 -7.13 6.62 -2.32
C CYS A 45 -8.28 7.51 -2.79
N ALA A 46 -9.33 6.90 -3.33
CA ALA A 46 -10.48 7.63 -3.85
C ALA A 46 -11.11 8.56 -2.80
N VAL A 47 -11.18 8.11 -1.55
CA VAL A 47 -11.70 8.92 -0.44
C VAL A 47 -10.88 10.21 -0.26
N HIS A 48 -9.56 10.09 -0.35
CA HIS A 48 -8.65 11.23 -0.16
C HIS A 48 -8.07 11.76 -1.50
N GLY A 49 -8.61 11.27 -2.61
CA GLY A 49 -8.18 11.73 -3.94
C GLY A 49 -6.75 11.33 -4.31
N ILE A 50 -6.21 10.33 -3.61
CA ILE A 50 -4.84 9.86 -3.86
C ILE A 50 -4.74 9.05 -5.17
N ASP A 51 -3.55 9.01 -5.77
CA ASP A 51 -3.33 8.25 -7.01
C ASP A 51 -2.90 6.80 -6.69
N ALA A 52 -3.86 5.88 -6.69
CA ALA A 52 -3.60 4.49 -6.36
C ALA A 52 -2.72 3.80 -7.42
N ASP A 53 -2.91 4.18 -8.68
CA ASP A 53 -2.17 3.58 -9.79
C ASP A 53 -0.64 3.76 -9.61
N LYS A 54 -0.21 4.94 -9.18
CA LYS A 54 1.21 5.20 -8.91
C LYS A 54 1.68 4.50 -7.62
N LEU A 55 0.81 4.49 -6.61
CA LEU A 55 1.10 3.84 -5.33
C LEU A 55 1.37 2.33 -5.51
N VAL A 56 0.47 1.66 -6.23
CA VAL A 56 0.60 0.22 -6.47
C VAL A 56 1.93 -0.14 -7.15
N LYS A 57 2.40 0.73 -8.06
CA LYS A 57 3.69 0.54 -8.73
C LYS A 57 4.83 0.41 -7.70
N GLU A 58 4.95 1.42 -6.83
CA GLU A 58 6.00 1.42 -5.80
C GLU A 58 5.88 0.21 -4.86
N LEU A 59 4.65 -0.22 -4.57
CA LEU A 59 4.41 -1.42 -3.76
C LEU A 59 5.02 -2.67 -4.42
N ASN A 60 4.68 -2.91 -5.70
CA ASN A 60 5.22 -4.06 -6.45
C ASN A 60 6.76 -4.01 -6.52
N GLU A 61 7.29 -2.88 -6.96
CA GLU A 61 8.75 -2.71 -7.10
C GLU A 61 9.48 -2.95 -5.77
N TYR A 62 8.82 -2.64 -4.65
CA TYR A 62 9.39 -2.86 -3.32
C TYR A 62 9.63 -4.35 -3.06
N PHE A 63 8.64 -5.18 -3.40
CA PHE A 63 8.78 -6.64 -3.23
C PHE A 63 9.94 -7.18 -4.09
N GLU A 64 10.17 -6.57 -5.24
CA GLU A 64 11.36 -6.87 -6.04
C GLU A 64 12.65 -6.48 -5.31
N LYS A 65 12.61 -5.33 -4.63
CA LYS A 65 13.74 -4.86 -3.81
C LYS A 65 14.05 -5.83 -2.67
N LYS A 66 13.00 -6.46 -2.13
CA LYS A 66 13.17 -7.47 -1.09
C LYS A 66 14.03 -8.63 -1.58
N GLU A 67 13.78 -9.10 -2.81
CA GLU A 67 14.58 -10.17 -3.41
C GLU A 67 16.03 -9.74 -3.63
N VAL A 68 16.24 -8.42 -3.75
CA VAL A 68 17.60 -7.87 -3.88
C VAL A 68 18.33 -7.88 -2.53
N LEU A 69 17.70 -7.29 -1.52
CA LEU A 69 18.26 -7.21 -0.17
C LEU A 69 18.44 -8.60 0.47
N GLU A 70 17.35 -9.36 0.58
CA GLU A 70 17.37 -10.68 1.20
C GLU A 70 18.06 -11.73 0.32
N MET A 1 3.38 -13.21 -5.78
CA MET A 1 2.22 -12.31 -5.50
C MET A 1 2.46 -10.91 -6.10
N LYS A 2 1.69 -10.56 -7.12
CA LYS A 2 1.82 -9.25 -7.77
C LYS A 2 0.75 -8.28 -7.24
N ILE A 3 1.19 -7.22 -6.56
CA ILE A 3 0.30 -6.30 -5.85
C ILE A 3 -0.68 -5.57 -6.79
N THR A 4 -1.96 -5.57 -6.41
CA THR A 4 -3.01 -4.88 -7.19
C THR A 4 -3.70 -3.81 -6.34
N LYS A 5 -4.34 -2.85 -7.00
CA LYS A 5 -5.10 -1.80 -6.29
C LYS A 5 -6.29 -2.39 -5.53
N ASP A 6 -6.64 -3.63 -5.87
CA ASP A 6 -7.75 -4.36 -5.25
C ASP A 6 -7.38 -4.88 -3.85
N MET A 7 -6.09 -5.11 -3.63
CA MET A 7 -5.60 -5.68 -2.37
C MET A 7 -5.81 -4.74 -1.16
N ILE A 8 -5.82 -5.32 0.03
CA ILE A 8 -6.01 -4.55 1.28
C ILE A 8 -4.68 -3.96 1.78
N ILE A 9 -4.69 -2.70 2.18
CA ILE A 9 -3.49 -2.04 2.72
C ILE A 9 -2.93 -2.81 3.92
N ALA A 10 -3.80 -3.14 4.88
CA ALA A 10 -3.41 -3.92 6.05
C ALA A 10 -2.81 -5.29 5.64
N ASP A 11 -3.31 -5.84 4.54
CA ASP A 11 -2.83 -7.14 4.04
C ASP A 11 -1.43 -6.99 3.43
N VAL A 12 -1.20 -5.90 2.69
CA VAL A 12 0.13 -5.59 2.16
C VAL A 12 1.15 -5.46 3.33
N LEU A 13 0.69 -4.89 4.44
CA LEU A 13 1.50 -4.84 5.66
C LEU A 13 1.76 -6.25 6.21
N GLN A 14 0.78 -7.16 6.07
CA GLN A 14 0.95 -8.55 6.46
C GLN A 14 2.02 -9.25 5.61
N MET A 15 2.18 -8.79 4.35
CA MET A 15 3.26 -9.27 3.49
C MET A 15 4.61 -8.72 3.98
N ASP A 16 4.65 -7.41 4.22
CA ASP A 16 5.83 -6.76 4.77
C ASP A 16 5.47 -5.39 5.39
N ARG A 17 5.94 -5.15 6.61
CA ARG A 17 5.62 -3.91 7.35
C ARG A 17 6.34 -2.69 6.75
N GLY A 18 7.41 -2.94 6.01
CA GLY A 18 8.19 -1.85 5.41
C GLY A 18 7.48 -1.16 4.26
N THR A 19 6.28 -1.62 3.92
CA THR A 19 5.46 -1.00 2.88
C THR A 19 4.73 0.25 3.40
N ALA A 20 4.58 0.36 4.72
CA ALA A 20 3.90 1.51 5.33
C ALA A 20 4.49 2.86 4.88
N PRO A 21 5.84 3.04 4.94
CA PRO A 21 6.50 4.26 4.41
C PRO A 21 6.04 4.62 2.99
N ILE A 22 5.92 3.60 2.14
CA ILE A 22 5.47 3.79 0.75
C ILE A 22 4.06 4.39 0.69
N PHE A 23 3.15 3.85 1.51
CA PHE A 23 1.80 4.42 1.64
C PHE A 23 1.88 5.88 2.10
N ILE A 24 2.69 6.13 3.13
CA ILE A 24 2.89 7.48 3.66
C ILE A 24 3.43 8.44 2.58
N ASN A 25 4.34 7.92 1.74
CA ASN A 25 4.93 8.71 0.64
C ASN A 25 3.84 9.23 -0.33
N ASN A 26 2.80 8.42 -0.55
CA ASN A 26 1.71 8.78 -1.47
C ASN A 26 0.61 9.60 -0.77
N GLY A 27 0.81 9.95 0.50
CA GLY A 27 -0.13 10.82 1.20
C GLY A 27 -1.04 10.10 2.19
N MET A 28 -0.79 8.82 2.44
CA MET A 28 -1.56 8.09 3.46
C MET A 28 -1.20 8.56 4.88
N HIS A 29 -1.96 8.08 5.86
CA HIS A 29 -1.77 8.49 7.26
C HIS A 29 -1.86 7.28 8.21
N CYS A 30 -0.89 7.16 9.11
CA CYS A 30 -0.86 6.04 10.07
C CYS A 30 -1.92 6.22 11.17
N LEU A 31 -3.18 5.99 10.80
CA LEU A 31 -4.30 6.13 11.73
C LEU A 31 -5.08 4.82 11.82
N GLY A 32 -5.37 4.38 13.05
CA GLY A 32 -6.02 3.10 13.27
C GLY A 32 -7.51 3.10 12.95
N CYS A 33 -7.84 3.30 11.67
CA CYS A 33 -9.23 3.23 11.19
C CYS A 33 -9.33 2.31 9.96
N PRO A 34 -10.24 1.31 10.00
CA PRO A 34 -10.43 0.34 8.89
C PRO A 34 -10.47 1.00 7.50
N SER A 35 -11.11 2.16 7.40
CA SER A 35 -11.27 2.87 6.11
C SER A 35 -9.92 3.14 5.42
N SER A 36 -8.86 3.30 6.21
CA SER A 36 -7.51 3.58 5.67
C SER A 36 -6.58 2.36 5.80
N MET A 37 -7.01 1.34 6.55
CA MET A 37 -6.18 0.15 6.80
C MET A 37 -6.86 -1.14 6.31
N GLY A 38 -8.04 -1.45 6.88
CA GLY A 38 -8.74 -2.69 6.57
C GLY A 38 -9.36 -2.73 5.17
N GLU A 39 -9.58 -1.55 4.58
CA GLU A 39 -10.12 -1.48 3.21
C GLU A 39 -9.03 -1.66 2.14
N SER A 40 -9.44 -1.63 0.88
CA SER A 40 -8.51 -1.85 -0.24
C SER A 40 -7.69 -0.60 -0.54
N ILE A 41 -6.57 -0.77 -1.25
CA ILE A 41 -5.71 0.35 -1.62
C ILE A 41 -6.48 1.43 -2.41
N GLU A 42 -7.24 0.99 -3.42
CA GLU A 42 -8.05 1.92 -4.22
C GLU A 42 -9.11 2.65 -3.37
N ASP A 43 -9.78 1.92 -2.49
CA ASP A 43 -10.80 2.48 -1.61
C ASP A 43 -10.21 3.57 -0.68
N ALA A 44 -9.13 3.23 0.01
CA ALA A 44 -8.47 4.18 0.92
C ALA A 44 -7.93 5.41 0.16
N CYS A 45 -7.25 5.17 -0.96
CA CYS A 45 -6.74 6.25 -1.81
C CYS A 45 -7.86 7.23 -2.20
N ALA A 46 -9.00 6.70 -2.62
CA ALA A 46 -10.15 7.53 -3.01
C ALA A 46 -10.58 8.47 -1.87
N VAL A 47 -10.47 8.01 -0.62
CA VAL A 47 -10.84 8.82 0.55
C VAL A 47 -9.94 10.07 0.66
N HIS A 48 -8.63 9.88 0.51
CA HIS A 48 -7.66 10.99 0.60
C HIS A 48 -7.44 11.67 -0.77
N GLY A 49 -7.95 11.07 -1.84
CA GLY A 49 -7.75 11.60 -3.18
C GLY A 49 -6.36 11.31 -3.73
N ILE A 50 -5.85 10.11 -3.44
CA ILE A 50 -4.53 9.67 -3.91
C ILE A 50 -4.63 8.90 -5.23
N ASP A 51 -3.57 8.96 -6.03
CA ASP A 51 -3.50 8.17 -7.25
C ASP A 51 -3.06 6.72 -6.93
N ALA A 52 -4.02 5.80 -6.92
CA ALA A 52 -3.74 4.40 -6.58
C ALA A 52 -2.87 3.70 -7.64
N ASP A 53 -2.90 4.22 -8.88
CA ASP A 53 -2.10 3.65 -9.97
C ASP A 53 -0.60 3.66 -9.58
N LYS A 54 -0.12 4.82 -9.15
CA LYS A 54 1.28 4.99 -8.75
C LYS A 54 1.60 4.24 -7.44
N LEU A 55 0.75 4.43 -6.42
CA LEU A 55 0.96 3.82 -5.11
C LEU A 55 1.19 2.30 -5.21
N VAL A 56 0.27 1.62 -5.88
CA VAL A 56 0.36 0.17 -6.05
C VAL A 56 1.63 -0.25 -6.81
N LYS A 57 1.98 0.52 -7.83
CA LYS A 57 3.16 0.22 -8.64
C LYS A 57 4.46 0.46 -7.85
N GLU A 58 4.44 1.41 -6.91
CA GLU A 58 5.57 1.60 -5.99
C GLU A 58 5.66 0.43 -4.99
N LEU A 59 4.50 -0.04 -4.52
CA LEU A 59 4.43 -1.26 -3.69
C LEU A 59 5.03 -2.46 -4.44
N ASN A 60 4.64 -2.62 -5.70
CA ASN A 60 5.20 -3.69 -6.56
C ASN A 60 6.72 -3.62 -6.61
N GLU A 61 7.27 -2.46 -7.01
CA GLU A 61 8.72 -2.25 -7.07
C GLU A 61 9.40 -2.76 -5.79
N TYR A 62 8.85 -2.36 -4.64
CA TYR A 62 9.41 -2.73 -3.34
C TYR A 62 9.56 -4.25 -3.18
N PHE A 63 8.50 -5.00 -3.43
CA PHE A 63 8.54 -6.47 -3.33
C PHE A 63 9.51 -7.07 -4.35
N GLU A 64 9.53 -6.51 -5.56
CA GLU A 64 10.49 -6.93 -6.59
C GLU A 64 11.93 -6.65 -6.16
N LYS A 65 12.12 -5.55 -5.42
CA LYS A 65 13.43 -5.20 -4.85
C LYS A 65 13.85 -6.19 -3.75
N LYS A 66 12.89 -6.62 -2.93
CA LYS A 66 13.16 -7.55 -1.84
C LYS A 66 13.81 -8.85 -2.35
N GLU A 67 13.29 -9.41 -3.44
CA GLU A 67 13.84 -10.64 -4.01
C GLU A 67 15.30 -10.47 -4.48
N VAL A 68 15.76 -9.22 -4.54
CA VAL A 68 17.17 -8.92 -4.81
C VAL A 68 17.95 -8.71 -3.50
N LEU A 69 17.42 -7.84 -2.64
CA LEU A 69 18.04 -7.52 -1.34
C LEU A 69 18.14 -8.74 -0.40
N GLU A 70 17.00 -9.38 -0.13
CA GLU A 70 16.96 -10.57 0.74
C GLU A 70 17.90 -11.69 0.25
N MET A 1 4.17 -11.36 -4.01
CA MET A 1 2.90 -11.38 -4.78
C MET A 1 2.76 -10.13 -5.68
N LYS A 2 2.06 -10.29 -6.80
CA LYS A 2 1.70 -9.15 -7.65
C LYS A 2 0.59 -8.32 -6.97
N ILE A 3 0.96 -7.23 -6.34
CA ILE A 3 0.03 -6.37 -5.59
C ILE A 3 -0.95 -5.66 -6.53
N THR A 4 -2.23 -5.63 -6.15
CA THR A 4 -3.26 -4.92 -6.93
C THR A 4 -3.91 -3.82 -6.09
N LYS A 5 -4.45 -2.80 -6.76
CA LYS A 5 -5.17 -1.72 -6.07
C LYS A 5 -6.44 -2.24 -5.38
N ASP A 6 -6.85 -3.45 -5.75
CA ASP A 6 -8.03 -4.11 -5.19
C ASP A 6 -7.72 -4.76 -3.82
N MET A 7 -6.44 -4.93 -3.51
CA MET A 7 -6.02 -5.57 -2.25
C MET A 7 -6.18 -4.63 -1.04
N ILE A 8 -6.12 -5.23 0.15
CA ILE A 8 -6.27 -4.49 1.42
C ILE A 8 -4.92 -3.95 1.93
N ILE A 9 -4.90 -2.71 2.42
CA ILE A 9 -3.68 -2.09 2.95
C ILE A 9 -3.01 -2.97 4.04
N ALA A 10 -3.79 -3.34 5.05
CA ALA A 10 -3.30 -4.19 6.14
C ALA A 10 -2.77 -5.53 5.63
N ASP A 11 -3.43 -6.09 4.62
CA ASP A 11 -3.02 -7.37 4.03
C ASP A 11 -1.63 -7.25 3.38
N VAL A 12 -1.38 -6.13 2.71
CA VAL A 12 -0.06 -5.85 2.13
C VAL A 12 1.02 -5.71 3.22
N LEU A 13 0.65 -5.07 4.33
CA LEU A 13 1.53 -4.97 5.50
C LEU A 13 1.86 -6.36 6.06
N GLN A 14 0.89 -7.26 5.99
CA GLN A 14 1.08 -8.66 6.43
C GLN A 14 2.05 -9.41 5.51
N MET A 15 2.26 -8.89 4.30
CA MET A 15 3.31 -9.41 3.42
C MET A 15 4.67 -8.82 3.81
N ASP A 16 4.71 -7.49 3.95
CA ASP A 16 5.91 -6.80 4.42
C ASP A 16 5.57 -5.48 5.15
N ARG A 17 6.18 -5.29 6.32
CA ARG A 17 5.92 -4.10 7.14
C ARG A 17 6.58 -2.82 6.57
N GLY A 18 7.53 -2.99 5.65
CA GLY A 18 8.21 -1.85 5.05
C GLY A 18 7.39 -1.13 3.99
N THR A 19 6.19 -1.65 3.71
CA THR A 19 5.29 -1.04 2.72
C THR A 19 4.51 0.15 3.30
N ALA A 20 4.39 0.20 4.63
CA ALA A 20 3.65 1.29 5.30
C ALA A 20 4.18 2.69 4.92
N PRO A 21 5.51 2.94 5.01
CA PRO A 21 6.11 4.21 4.54
C PRO A 21 5.65 4.59 3.12
N ILE A 22 5.60 3.59 2.24
CA ILE A 22 5.17 3.81 0.84
C ILE A 22 3.74 4.34 0.76
N PHE A 23 2.83 3.73 1.54
CA PHE A 23 1.44 4.22 1.62
C PHE A 23 1.40 5.69 2.08
N ILE A 24 2.08 5.98 3.18
CA ILE A 24 2.13 7.34 3.74
C ILE A 24 2.76 8.32 2.74
N ASN A 25 3.79 7.85 2.04
CA ASN A 25 4.47 8.64 1.00
C ASN A 25 3.48 9.21 -0.03
N ASN A 26 2.50 8.39 -0.42
CA ASN A 26 1.50 8.80 -1.41
C ASN A 26 0.31 9.54 -0.77
N GLY A 27 0.30 9.64 0.57
CA GLY A 27 -0.72 10.44 1.25
C GLY A 27 -1.54 9.67 2.29
N MET A 28 -1.34 8.37 2.42
CA MET A 28 -2.09 7.56 3.41
C MET A 28 -1.76 7.97 4.84
N HIS A 29 -2.77 7.95 5.71
CA HIS A 29 -2.59 8.34 7.11
C HIS A 29 -2.70 7.11 8.03
N CYS A 30 -1.59 6.39 8.17
CA CYS A 30 -1.56 5.13 8.94
C CYS A 30 -1.82 5.34 10.43
N LEU A 31 -3.06 5.09 10.87
CA LEU A 31 -3.42 5.25 12.29
C LEU A 31 -4.81 4.67 12.60
N GLY A 32 -4.86 3.35 12.83
CA GLY A 32 -6.07 2.71 13.38
C GLY A 32 -7.24 2.57 12.41
N CYS A 33 -7.78 3.70 11.96
CA CYS A 33 -9.01 3.75 11.15
C CYS A 33 -9.01 2.75 9.96
N PRO A 34 -10.20 2.22 9.60
CA PRO A 34 -10.35 1.26 8.48
C PRO A 34 -9.70 1.73 7.17
N SER A 35 -9.93 3.00 6.79
CA SER A 35 -9.35 3.58 5.56
C SER A 35 -7.82 3.59 5.60
N SER A 36 -7.27 3.31 6.77
CA SER A 36 -5.82 3.20 6.95
C SER A 36 -5.35 1.74 7.00
N MET A 37 -6.25 0.83 7.39
CA MET A 37 -5.88 -0.57 7.63
C MET A 37 -6.75 -1.56 6.82
N GLY A 38 -8.03 -1.67 7.20
CA GLY A 38 -8.89 -2.75 6.71
C GLY A 38 -9.46 -2.56 5.30
N GLU A 39 -9.54 -1.31 4.83
CA GLU A 39 -10.13 -1.03 3.51
C GLU A 39 -9.06 -1.14 2.39
N SER A 40 -9.53 -1.30 1.15
CA SER A 40 -8.63 -1.56 0.01
C SER A 40 -7.83 -0.32 -0.40
N ILE A 41 -6.70 -0.57 -1.08
CA ILE A 41 -5.81 0.51 -1.52
C ILE A 41 -6.53 1.56 -2.37
N GLU A 42 -7.19 1.13 -3.45
CA GLU A 42 -7.86 2.07 -4.37
C GLU A 42 -8.97 2.87 -3.67
N ASP A 43 -9.78 2.18 -2.87
CA ASP A 43 -10.91 2.81 -2.17
C ASP A 43 -10.41 3.83 -1.14
N ALA A 44 -9.40 3.45 -0.36
CA ALA A 44 -8.78 4.34 0.61
C ALA A 44 -8.09 5.54 -0.07
N CYS A 45 -7.51 5.29 -1.25
CA CYS A 45 -6.89 6.36 -2.04
C CYS A 45 -7.91 7.43 -2.44
N ALA A 46 -9.05 7.00 -2.96
CA ALA A 46 -10.13 7.91 -3.37
C ALA A 46 -10.55 8.85 -2.22
N VAL A 47 -10.55 8.33 -1.00
CA VAL A 47 -10.91 9.10 0.19
C VAL A 47 -10.02 10.36 0.34
N HIS A 48 -8.74 10.23 0.01
CA HIS A 48 -7.79 11.35 0.13
C HIS A 48 -7.24 11.81 -1.23
N GLY A 49 -7.93 11.44 -2.31
CA GLY A 49 -7.52 11.87 -3.65
C GLY A 49 -6.14 11.37 -4.05
N ILE A 50 -5.73 10.24 -3.50
CA ILE A 50 -4.42 9.64 -3.80
C ILE A 50 -4.45 8.86 -5.12
N ASP A 51 -3.31 8.81 -5.81
CA ASP A 51 -3.20 8.06 -7.06
C ASP A 51 -2.84 6.59 -6.77
N ALA A 52 -3.85 5.73 -6.74
CA ALA A 52 -3.66 4.31 -6.42
C ALA A 52 -2.84 3.58 -7.49
N ASP A 53 -3.07 3.95 -8.75
CA ASP A 53 -2.37 3.31 -9.89
C ASP A 53 -0.85 3.42 -9.74
N LYS A 54 -0.39 4.60 -9.33
CA LYS A 54 1.04 4.83 -9.08
C LYS A 54 1.51 4.15 -7.77
N LEU A 55 0.69 4.29 -6.72
CA LEU A 55 1.01 3.70 -5.40
C LEU A 55 1.26 2.20 -5.48
N VAL A 56 0.35 1.48 -6.14
CA VAL A 56 0.47 0.03 -6.28
C VAL A 56 1.76 -0.37 -7.00
N LYS A 57 2.16 0.41 -8.01
CA LYS A 57 3.42 0.17 -8.71
C LYS A 57 4.61 0.30 -7.75
N GLU A 58 4.58 1.34 -6.91
CA GLU A 58 5.62 1.53 -5.88
C GLU A 58 5.67 0.35 -4.91
N LEU A 59 4.50 -0.21 -4.57
CA LEU A 59 4.42 -1.40 -3.72
C LEU A 59 5.08 -2.62 -4.39
N ASN A 60 4.66 -2.93 -5.61
CA ASN A 60 5.23 -4.05 -6.36
C ASN A 60 6.76 -3.92 -6.53
N GLU A 61 7.21 -2.78 -7.06
CA GLU A 61 8.64 -2.52 -7.25
C GLU A 61 9.42 -2.72 -5.95
N TYR A 62 8.82 -2.32 -4.82
CA TYR A 62 9.42 -2.52 -3.49
C TYR A 62 9.64 -4.01 -3.20
N PHE A 63 8.61 -4.83 -3.41
CA PHE A 63 8.72 -6.27 -3.21
C PHE A 63 9.81 -6.87 -4.11
N GLU A 64 9.95 -6.31 -5.33
CA GLU A 64 11.03 -6.71 -6.24
C GLU A 64 12.40 -6.36 -5.65
N LYS A 65 12.49 -5.21 -4.99
CA LYS A 65 13.72 -4.81 -4.29
C LYS A 65 14.11 -5.88 -3.26
N LYS A 66 13.11 -6.42 -2.56
CA LYS A 66 13.32 -7.52 -1.61
C LYS A 66 13.91 -8.75 -2.33
N GLU A 67 13.38 -9.07 -3.50
CA GLU A 67 13.88 -10.20 -4.30
C GLU A 67 15.38 -10.06 -4.61
N VAL A 68 15.83 -8.81 -4.71
CA VAL A 68 17.24 -8.50 -4.93
C VAL A 68 18.05 -8.60 -3.62
N LEU A 69 17.59 -7.87 -2.60
CA LEU A 69 18.25 -7.81 -1.30
C LEU A 69 18.39 -9.19 -0.62
N GLU A 70 17.27 -9.92 -0.51
CA GLU A 70 17.25 -11.22 0.15
C GLU A 70 17.63 -12.38 -0.81
N MET A 1 3.99 -12.73 -5.90
CA MET A 1 2.84 -11.89 -5.48
C MET A 1 2.98 -10.46 -6.00
N LYS A 2 2.20 -10.11 -7.02
CA LYS A 2 2.14 -8.71 -7.50
C LYS A 2 0.95 -7.98 -6.88
N ILE A 3 1.23 -6.83 -6.27
CA ILE A 3 0.19 -6.06 -5.57
C ILE A 3 -0.81 -5.42 -6.54
N THR A 4 -2.09 -5.45 -6.16
CA THR A 4 -3.15 -4.82 -6.96
C THR A 4 -3.91 -3.78 -6.14
N LYS A 5 -4.49 -2.79 -6.81
CA LYS A 5 -5.25 -1.72 -6.13
C LYS A 5 -6.49 -2.27 -5.41
N ASP A 6 -6.88 -3.49 -5.75
CA ASP A 6 -8.00 -4.20 -5.11
C ASP A 6 -7.64 -4.64 -3.69
N MET A 7 -6.36 -4.92 -3.47
CA MET A 7 -5.89 -5.49 -2.19
C MET A 7 -6.10 -4.52 -1.01
N ILE A 8 -6.29 -5.10 0.18
CA ILE A 8 -6.47 -4.33 1.41
C ILE A 8 -5.11 -3.81 1.93
N ILE A 9 -5.08 -2.55 2.35
CA ILE A 9 -3.83 -1.93 2.85
C ILE A 9 -3.20 -2.76 3.99
N ALA A 10 -4.01 -3.13 4.98
CA ALA A 10 -3.53 -3.96 6.10
C ALA A 10 -2.98 -5.31 5.62
N ASP A 11 -3.58 -5.85 4.55
CA ASP A 11 -3.13 -7.13 3.99
C ASP A 11 -1.73 -7.02 3.38
N VAL A 12 -1.47 -5.91 2.67
CA VAL A 12 -0.14 -5.64 2.11
C VAL A 12 0.91 -5.55 3.23
N LEU A 13 0.53 -4.94 4.35
CA LEU A 13 1.42 -4.85 5.52
C LEU A 13 1.74 -6.24 6.09
N GLN A 14 0.82 -7.18 5.94
CA GLN A 14 1.04 -8.57 6.39
C GLN A 14 2.12 -9.26 5.56
N MET A 15 2.28 -8.81 4.32
CA MET A 15 3.34 -9.33 3.43
C MET A 15 4.70 -8.74 3.85
N ASP A 16 4.73 -7.43 4.04
CA ASP A 16 5.93 -6.74 4.53
C ASP A 16 5.56 -5.43 5.24
N ARG A 17 6.12 -5.20 6.43
CA ARG A 17 5.81 -4.01 7.23
C ARG A 17 6.39 -2.74 6.59
N GLY A 18 7.48 -2.89 5.85
CA GLY A 18 8.16 -1.76 5.23
C GLY A 18 7.38 -1.12 4.08
N THR A 19 6.18 -1.63 3.81
CA THR A 19 5.30 -1.04 2.80
C THR A 19 4.51 0.15 3.36
N ALA A 20 4.41 0.22 4.69
CA ALA A 20 3.69 1.31 5.37
C ALA A 20 4.19 2.71 4.94
N PRO A 21 5.52 2.99 4.98
CA PRO A 21 6.06 4.28 4.53
C PRO A 21 5.70 4.59 3.06
N ILE A 22 5.59 3.55 2.25
CA ILE A 22 5.20 3.70 0.84
C ILE A 22 3.76 4.22 0.72
N PHE A 23 2.84 3.63 1.48
CA PHE A 23 1.47 4.16 1.58
C PHE A 23 1.49 5.61 2.07
N ILE A 24 2.28 5.86 3.13
CA ILE A 24 2.44 7.21 3.68
C ILE A 24 2.97 8.19 2.63
N ASN A 25 3.86 7.71 1.76
CA ASN A 25 4.46 8.55 0.71
C ASN A 25 3.40 9.09 -0.27
N ASN A 26 2.36 8.30 -0.49
CA ASN A 26 1.30 8.68 -1.43
C ASN A 26 0.11 9.36 -0.72
N GLY A 27 0.19 9.54 0.60
CA GLY A 27 -0.83 10.29 1.32
C GLY A 27 -1.67 9.47 2.29
N MET A 28 -1.28 8.22 2.55
CA MET A 28 -1.98 7.39 3.54
C MET A 28 -1.43 7.62 4.96
N HIS A 29 -2.24 7.32 5.96
CA HIS A 29 -1.82 7.43 7.37
C HIS A 29 -2.35 6.25 8.20
N CYS A 30 -1.53 5.22 8.34
CA CYS A 30 -1.94 3.99 9.03
C CYS A 30 -1.64 4.07 10.55
N LEU A 31 -2.18 5.09 11.21
CA LEU A 31 -2.01 5.27 12.66
C LEU A 31 -3.07 4.47 13.44
N GLY A 32 -3.42 3.29 12.94
CA GLY A 32 -4.49 2.49 13.54
C GLY A 32 -5.88 2.91 13.04
N CYS A 33 -5.90 3.73 12.00
CA CYS A 33 -7.16 4.22 11.42
C CYS A 33 -7.90 3.09 10.67
N PRO A 34 -9.14 2.76 11.10
CA PRO A 34 -9.92 1.64 10.53
C PRO A 34 -9.96 1.63 8.98
N SER A 35 -10.38 2.74 8.39
CA SER A 35 -10.50 2.85 6.93
C SER A 35 -9.15 2.63 6.23
N SER A 36 -8.10 3.22 6.80
CA SER A 36 -6.74 3.09 6.24
C SER A 36 -6.18 1.68 6.41
N MET A 37 -6.87 0.84 7.19
CA MET A 37 -6.42 -0.54 7.45
C MET A 37 -7.25 -1.57 6.67
N GLY A 38 -8.53 -1.72 7.02
CA GLY A 38 -9.34 -2.81 6.50
C GLY A 38 -9.99 -2.55 5.14
N GLU A 39 -9.69 -1.40 4.53
CA GLU A 39 -10.26 -1.05 3.22
C GLU A 39 -9.19 -1.08 2.10
N SER A 40 -9.66 -1.27 0.86
CA SER A 40 -8.78 -1.49 -0.30
C SER A 40 -7.93 -0.26 -0.65
N ILE A 41 -6.81 -0.50 -1.33
CA ILE A 41 -5.89 0.58 -1.74
C ILE A 41 -6.60 1.66 -2.58
N GLU A 42 -7.17 1.27 -3.73
CA GLU A 42 -7.82 2.25 -4.63
C GLU A 42 -9.01 2.95 -3.96
N ASP A 43 -9.74 2.19 -3.13
CA ASP A 43 -10.89 2.74 -2.41
C ASP A 43 -10.45 3.81 -1.40
N ALA A 44 -9.42 3.50 -0.60
CA ALA A 44 -8.85 4.46 0.35
C ALA A 44 -8.22 5.66 -0.37
N CYS A 45 -7.65 5.41 -1.55
CA CYS A 45 -7.09 6.50 -2.38
C CYS A 45 -8.15 7.54 -2.73
N ALA A 46 -9.34 7.07 -3.12
CA ALA A 46 -10.45 7.95 -3.48
C ALA A 46 -10.78 8.95 -2.35
N VAL A 47 -10.62 8.51 -1.10
CA VAL A 47 -10.89 9.35 0.08
C VAL A 47 -10.09 10.66 0.04
N HIS A 48 -8.82 10.57 -0.36
CA HIS A 48 -7.96 11.76 -0.47
C HIS A 48 -7.58 12.07 -1.94
N GLY A 49 -8.33 11.50 -2.88
CA GLY A 49 -8.07 11.73 -4.30
C GLY A 49 -6.69 11.25 -4.76
N ILE A 50 -6.11 10.31 -4.03
CA ILE A 50 -4.78 9.77 -4.33
C ILE A 50 -4.79 8.90 -5.60
N ASP A 51 -3.67 8.87 -6.30
CA ASP A 51 -3.52 8.00 -7.47
C ASP A 51 -3.06 6.60 -7.04
N ALA A 52 -3.96 5.63 -7.12
CA ALA A 52 -3.67 4.27 -6.67
C ALA A 52 -2.75 3.52 -7.64
N ASP A 53 -2.77 3.93 -8.91
CA ASP A 53 -1.95 3.28 -9.93
C ASP A 53 -0.46 3.39 -9.59
N LYS A 54 -0.03 4.61 -9.24
CA LYS A 54 1.37 4.87 -8.88
C LYS A 54 1.72 4.29 -7.50
N LEU A 55 0.80 4.40 -6.55
CA LEU A 55 0.99 3.81 -5.22
C LEU A 55 1.25 2.30 -5.30
N VAL A 56 0.39 1.59 -6.03
CA VAL A 56 0.55 0.16 -6.24
C VAL A 56 1.89 -0.17 -6.92
N LYS A 57 2.32 0.67 -7.86
CA LYS A 57 3.63 0.50 -8.51
C LYS A 57 4.78 0.53 -7.48
N GLU A 58 4.79 1.55 -6.62
CA GLU A 58 5.81 1.64 -5.56
C GLU A 58 5.78 0.40 -4.64
N LEU A 59 4.59 -0.10 -4.34
CA LEU A 59 4.42 -1.32 -3.54
C LEU A 59 5.07 -2.54 -4.25
N ASN A 60 4.73 -2.75 -5.52
CA ASN A 60 5.28 -3.87 -6.30
C ASN A 60 6.81 -3.81 -6.38
N GLU A 61 7.34 -2.69 -6.87
CA GLU A 61 8.79 -2.52 -7.03
C GLU A 61 9.53 -2.82 -5.71
N TYR A 62 8.94 -2.44 -4.58
CA TYR A 62 9.51 -2.72 -3.26
C TYR A 62 9.70 -4.24 -3.05
N PHE A 63 8.65 -5.02 -3.29
CA PHE A 63 8.72 -6.47 -3.15
C PHE A 63 9.75 -7.06 -4.14
N GLU A 64 9.85 -6.47 -5.33
CA GLU A 64 10.86 -6.88 -6.31
C GLU A 64 12.28 -6.58 -5.80
N LYS A 65 12.43 -5.44 -5.09
CA LYS A 65 13.70 -5.08 -4.47
C LYS A 65 14.09 -6.11 -3.39
N LYS A 66 13.09 -6.61 -2.66
CA LYS A 66 13.32 -7.67 -1.66
C LYS A 66 14.00 -8.89 -2.29
N GLU A 67 13.51 -9.30 -3.46
CA GLU A 67 14.08 -10.45 -4.18
C GLU A 67 15.56 -10.24 -4.48
N VAL A 68 15.98 -8.98 -4.62
CA VAL A 68 17.38 -8.63 -4.88
C VAL A 68 18.18 -8.52 -3.57
N LEU A 69 17.68 -7.73 -2.63
CA LEU A 69 18.34 -7.48 -1.35
C LEU A 69 18.44 -8.76 -0.49
N GLU A 70 17.31 -9.41 -0.24
CA GLU A 70 17.26 -10.62 0.58
C GLU A 70 17.24 -11.91 -0.29
N MET A 1 2.39 -13.91 -7.01
CA MET A 1 1.38 -12.91 -7.45
C MET A 1 1.84 -11.47 -7.14
N LYS A 2 1.75 -10.59 -8.13
CA LYS A 2 2.12 -9.17 -7.94
C LYS A 2 1.04 -8.43 -7.14
N ILE A 3 1.40 -7.27 -6.60
CA ILE A 3 0.48 -6.46 -5.79
C ILE A 3 -0.58 -5.76 -6.66
N THR A 4 -1.83 -5.76 -6.19
CA THR A 4 -2.94 -5.10 -6.90
C THR A 4 -3.57 -4.00 -6.03
N LYS A 5 -4.30 -3.07 -6.64
CA LYS A 5 -4.93 -1.98 -5.88
C LYS A 5 -6.15 -2.49 -5.09
N ASP A 6 -6.64 -3.67 -5.46
CA ASP A 6 -7.75 -4.33 -4.74
C ASP A 6 -7.28 -4.85 -3.38
N MET A 7 -5.98 -5.11 -3.26
CA MET A 7 -5.41 -5.64 -2.01
C MET A 7 -5.60 -4.65 -0.84
N ILE A 8 -5.92 -5.20 0.32
CA ILE A 8 -6.11 -4.40 1.55
C ILE A 8 -4.77 -3.82 2.03
N ILE A 9 -4.77 -2.55 2.45
CA ILE A 9 -3.54 -1.91 2.94
C ILE A 9 -2.90 -2.72 4.08
N ALA A 10 -3.72 -3.17 5.03
CA ALA A 10 -3.24 -4.03 6.13
C ALA A 10 -2.67 -5.35 5.58
N ASP A 11 -3.28 -5.88 4.52
CA ASP A 11 -2.81 -7.12 3.90
C ASP A 11 -1.39 -6.95 3.34
N VAL A 12 -1.15 -5.82 2.66
CA VAL A 12 0.19 -5.48 2.15
C VAL A 12 1.19 -5.36 3.31
N LEU A 13 0.75 -4.75 4.42
CA LEU A 13 1.56 -4.67 5.63
C LEU A 13 1.86 -6.07 6.20
N GLN A 14 0.91 -6.99 6.04
CA GLN A 14 1.11 -8.39 6.45
C GLN A 14 2.22 -9.06 5.63
N MET A 15 2.39 -8.62 4.38
CA MET A 15 3.48 -9.09 3.53
C MET A 15 4.82 -8.54 4.02
N ASP A 16 4.86 -7.22 4.19
CA ASP A 16 6.06 -6.53 4.70
C ASP A 16 5.69 -5.17 5.30
N ARG A 17 6.07 -4.93 6.55
CA ARG A 17 5.75 -3.68 7.25
C ARG A 17 6.55 -2.49 6.70
N GLY A 18 7.61 -2.78 5.94
CA GLY A 18 8.40 -1.72 5.32
C GLY A 18 7.67 -1.01 4.18
N THR A 19 6.45 -1.46 3.89
CA THR A 19 5.60 -0.81 2.89
C THR A 19 4.85 0.39 3.48
N ALA A 20 4.77 0.45 4.81
CA ALA A 20 4.08 1.56 5.50
C ALA A 20 4.62 2.95 5.09
N PRO A 21 5.96 3.17 5.13
CA PRO A 21 6.54 4.46 4.69
C PRO A 21 6.21 4.78 3.22
N ILE A 22 5.95 3.75 2.41
CA ILE A 22 5.56 3.93 1.00
C ILE A 22 4.13 4.49 0.91
N PHE A 23 3.21 3.92 1.69
CA PHE A 23 1.86 4.46 1.78
C PHE A 23 1.89 5.93 2.24
N ILE A 24 2.69 6.20 3.28
CA ILE A 24 2.89 7.57 3.76
C ILE A 24 3.48 8.47 2.67
N ASN A 25 4.43 7.91 1.91
CA ASN A 25 5.09 8.61 0.81
C ASN A 25 4.08 9.11 -0.24
N ASN A 26 2.96 8.40 -0.39
CA ASN A 26 1.92 8.77 -1.35
C ASN A 26 0.78 9.58 -0.70
N GLY A 27 0.88 9.85 0.60
CA GLY A 27 -0.12 10.72 1.25
C GLY A 27 -0.97 10.03 2.32
N MET A 28 -0.80 8.73 2.52
CA MET A 28 -1.62 7.99 3.52
C MET A 28 -1.27 8.39 4.95
N HIS A 29 -2.30 8.47 5.80
CA HIS A 29 -2.15 8.86 7.21
C HIS A 29 -2.92 7.91 8.13
N CYS A 30 -2.36 7.62 9.30
CA CYS A 30 -2.99 6.75 10.29
C CYS A 30 -4.34 7.32 10.76
N LEU A 31 -5.35 6.45 10.86
CA LEU A 31 -6.69 6.85 11.27
C LEU A 31 -7.26 5.83 12.28
N GLY A 32 -7.87 6.33 13.35
CA GLY A 32 -8.35 5.47 14.43
C GLY A 32 -9.32 4.37 13.98
N CYS A 33 -10.31 4.75 13.18
CA CYS A 33 -11.28 3.79 12.62
C CYS A 33 -10.56 2.67 11.83
N PRO A 34 -10.88 1.39 12.11
CA PRO A 34 -10.22 0.24 11.48
C PRO A 34 -10.27 0.26 9.94
N SER A 35 -11.25 0.96 9.39
CA SER A 35 -11.41 1.09 7.93
C SER A 35 -10.10 1.51 7.24
N SER A 36 -9.32 2.37 7.91
CA SER A 36 -8.02 2.82 7.39
C SER A 36 -7.13 1.64 7.00
N MET A 37 -7.09 0.63 7.86
CA MET A 37 -6.30 -0.58 7.60
C MET A 37 -7.13 -1.66 6.86
N GLY A 38 -8.45 -1.63 7.06
CA GLY A 38 -9.31 -2.71 6.58
C GLY A 38 -9.71 -2.59 5.11
N GLU A 39 -9.65 -1.39 4.53
CA GLU A 39 -10.09 -1.18 3.15
C GLU A 39 -8.93 -1.34 2.14
N SER A 40 -9.28 -1.42 0.85
CA SER A 40 -8.29 -1.65 -0.22
C SER A 40 -7.46 -0.40 -0.53
N ILE A 41 -6.31 -0.61 -1.16
CA ILE A 41 -5.44 0.50 -1.56
C ILE A 41 -6.18 1.54 -2.42
N GLU A 42 -6.83 1.07 -3.49
CA GLU A 42 -7.53 1.98 -4.41
C GLU A 42 -8.67 2.73 -3.72
N ASP A 43 -9.42 2.04 -2.86
CA ASP A 43 -10.54 2.66 -2.16
C ASP A 43 -10.06 3.81 -1.26
N ALA A 44 -9.06 3.51 -0.43
CA ALA A 44 -8.45 4.52 0.45
C ALA A 44 -7.84 5.68 -0.36
N CYS A 45 -7.18 5.35 -1.47
CA CYS A 45 -6.60 6.37 -2.37
C CYS A 45 -7.68 7.33 -2.88
N ALA A 46 -8.81 6.78 -3.32
CA ALA A 46 -9.92 7.60 -3.82
C ALA A 46 -10.44 8.57 -2.75
N VAL A 47 -10.43 8.14 -1.50
CA VAL A 47 -10.86 8.99 -0.38
C VAL A 47 -9.92 10.19 -0.18
N HIS A 48 -8.61 9.93 -0.26
CA HIS A 48 -7.58 10.96 -0.09
C HIS A 48 -7.28 11.69 -1.42
N GLY A 49 -7.72 11.10 -2.52
CA GLY A 49 -7.46 11.66 -3.85
C GLY A 49 -6.05 11.36 -4.36
N ILE A 50 -5.56 10.16 -4.08
CA ILE A 50 -4.21 9.73 -4.47
C ILE A 50 -4.24 8.90 -5.76
N ASP A 51 -3.13 8.91 -6.51
CA ASP A 51 -3.00 8.04 -7.68
C ASP A 51 -2.62 6.62 -7.24
N ALA A 52 -3.61 5.72 -7.23
CA ALA A 52 -3.39 4.34 -6.76
C ALA A 52 -2.47 3.54 -7.69
N ASP A 53 -2.54 3.80 -8.99
CA ASP A 53 -1.69 3.09 -9.96
C ASP A 53 -0.21 3.28 -9.62
N LYS A 54 0.19 4.51 -9.31
CA LYS A 54 1.58 4.81 -8.92
C LYS A 54 1.93 4.15 -7.59
N LEU A 55 1.05 4.29 -6.60
CA LEU A 55 1.27 3.74 -5.26
C LEU A 55 1.47 2.21 -5.32
N VAL A 56 0.57 1.52 -6.00
CA VAL A 56 0.66 0.07 -6.16
C VAL A 56 1.95 -0.35 -6.89
N LYS A 57 2.34 0.42 -7.91
CA LYS A 57 3.58 0.17 -8.63
C LYS A 57 4.80 0.34 -7.71
N GLU A 58 4.80 1.38 -6.88
CA GLU A 58 5.87 1.56 -5.89
C GLU A 58 5.92 0.38 -4.90
N LEU A 59 4.74 -0.10 -4.48
CA LEU A 59 4.65 -1.29 -3.63
C LEU A 59 5.27 -2.51 -4.33
N ASN A 60 4.83 -2.78 -5.56
CA ASN A 60 5.38 -3.88 -6.36
C ASN A 60 6.91 -3.78 -6.49
N GLU A 61 7.38 -2.64 -7.03
CA GLU A 61 8.82 -2.43 -7.22
C GLU A 61 9.60 -2.61 -5.91
N TYR A 62 9.02 -2.18 -4.79
CA TYR A 62 9.61 -2.40 -3.46
C TYR A 62 9.82 -3.90 -3.19
N PHE A 63 8.75 -4.69 -3.37
CA PHE A 63 8.85 -6.14 -3.21
C PHE A 63 9.86 -6.74 -4.20
N GLU A 64 9.92 -6.18 -5.41
CA GLU A 64 10.88 -6.62 -6.42
C GLU A 64 12.32 -6.24 -6.02
N LYS A 65 12.46 -5.16 -5.25
CA LYS A 65 13.76 -4.83 -4.64
C LYS A 65 14.16 -5.93 -3.65
N LYS A 66 13.18 -6.42 -2.91
CA LYS A 66 13.39 -7.56 -2.02
C LYS A 66 13.77 -8.81 -2.82
N GLU A 67 13.05 -9.06 -3.91
CA GLU A 67 13.37 -10.16 -4.84
C GLU A 67 14.84 -10.10 -5.32
N VAL A 68 15.40 -8.90 -5.36
CA VAL A 68 16.82 -8.69 -5.69
C VAL A 68 17.73 -9.04 -4.49
N LEU A 69 17.41 -8.48 -3.33
CA LEU A 69 18.25 -8.62 -2.13
C LEU A 69 18.13 -10.00 -1.47
N GLU A 70 16.91 -10.37 -1.06
CA GLU A 70 16.67 -11.61 -0.28
C GLU A 70 17.23 -12.88 -0.96
N MET A 1 2.23 -12.61 -4.90
CA MET A 1 1.02 -11.88 -5.34
C MET A 1 1.40 -10.58 -6.06
N LYS A 2 1.02 -10.45 -7.33
CA LYS A 2 1.21 -9.21 -8.08
C LYS A 2 0.25 -8.13 -7.55
N ILE A 3 0.81 -7.10 -6.91
CA ILE A 3 0.00 -6.09 -6.20
C ILE A 3 -0.93 -5.32 -7.15
N THR A 4 -2.21 -5.23 -6.78
CA THR A 4 -3.20 -4.47 -7.54
C THR A 4 -3.80 -3.36 -6.67
N LYS A 5 -4.52 -2.42 -7.28
CA LYS A 5 -5.18 -1.35 -6.52
C LYS A 5 -6.42 -1.89 -5.79
N ASP A 6 -6.78 -3.13 -6.10
CA ASP A 6 -7.95 -3.80 -5.50
C ASP A 6 -7.61 -4.41 -4.13
N MET A 7 -6.34 -4.72 -3.92
CA MET A 7 -5.89 -5.39 -2.68
C MET A 7 -6.05 -4.51 -1.43
N ILE A 8 -6.13 -5.16 -0.27
CA ILE A 8 -6.29 -4.47 1.01
C ILE A 8 -4.92 -3.96 1.53
N ILE A 9 -4.88 -2.71 1.98
CA ILE A 9 -3.63 -2.09 2.46
C ILE A 9 -3.00 -2.88 3.61
N ALA A 10 -3.78 -3.20 4.65
CA ALA A 10 -3.29 -3.97 5.79
C ALA A 10 -2.76 -5.35 5.36
N ASP A 11 -3.45 -5.97 4.40
CA ASP A 11 -3.06 -7.28 3.88
C ASP A 11 -1.64 -7.23 3.28
N VAL A 12 -1.37 -6.17 2.51
CA VAL A 12 -0.02 -5.94 1.96
C VAL A 12 1.01 -5.76 3.09
N LEU A 13 0.63 -5.03 4.13
CA LEU A 13 1.50 -4.82 5.31
C LEU A 13 1.86 -6.15 6.00
N GLN A 14 0.92 -7.10 5.99
CA GLN A 14 1.15 -8.41 6.60
C GLN A 14 2.17 -9.24 5.79
N MET A 15 2.34 -8.91 4.52
CA MET A 15 3.33 -9.58 3.67
C MET A 15 4.71 -8.96 3.86
N ASP A 16 4.75 -7.64 3.86
CA ASP A 16 5.98 -6.89 4.18
C ASP A 16 5.65 -5.51 4.78
N ARG A 17 5.97 -5.31 6.07
CA ARG A 17 5.71 -4.04 6.76
C ARG A 17 6.54 -2.87 6.21
N GLY A 18 7.53 -3.18 5.38
CA GLY A 18 8.33 -2.14 4.73
C GLY A 18 7.55 -1.37 3.67
N THR A 19 6.36 -1.85 3.34
CA THR A 19 5.47 -1.16 2.40
C THR A 19 4.74 0.02 3.06
N ALA A 20 4.73 0.04 4.39
CA ALA A 20 4.03 1.10 5.16
C ALA A 20 4.53 2.51 4.78
N PRO A 21 5.86 2.78 4.81
CA PRO A 21 6.42 4.07 4.36
C PRO A 21 5.94 4.46 2.96
N ILE A 22 5.84 3.46 2.07
CA ILE A 22 5.37 3.68 0.71
C ILE A 22 3.91 4.17 0.70
N PHE A 23 3.05 3.52 1.49
CA PHE A 23 1.67 3.98 1.65
C PHE A 23 1.63 5.42 2.20
N ILE A 24 2.44 5.68 3.23
CA ILE A 24 2.54 7.03 3.82
C ILE A 24 3.02 8.06 2.78
N ASN A 25 3.94 7.62 1.92
CA ASN A 25 4.46 8.46 0.82
C ASN A 25 3.32 8.96 -0.08
N ASN A 26 2.35 8.08 -0.35
CA ASN A 26 1.21 8.42 -1.21
C ASN A 26 0.06 9.07 -0.42
N GLY A 27 0.20 9.18 0.90
CA GLY A 27 -0.79 9.89 1.71
C GLY A 27 -1.72 8.98 2.54
N MET A 28 -1.40 7.69 2.63
CA MET A 28 -2.18 6.77 3.48
C MET A 28 -1.85 6.97 4.97
N HIS A 29 -2.76 6.60 5.87
CA HIS A 29 -2.53 6.84 7.31
C HIS A 29 -2.96 5.65 8.18
N CYS A 30 -2.05 5.20 9.05
CA CYS A 30 -2.36 4.15 10.03
C CYS A 30 -2.52 4.75 11.44
N LEU A 31 -2.46 6.08 11.52
CA LEU A 31 -2.52 6.78 12.81
C LEU A 31 -3.96 6.77 13.37
N GLY A 32 -4.17 5.96 14.42
CA GLY A 32 -5.43 5.97 15.15
C GLY A 32 -6.51 5.10 14.51
N CYS A 33 -7.01 5.51 13.36
CA CYS A 33 -8.14 4.82 12.71
C CYS A 33 -7.67 3.65 11.83
N PRO A 34 -8.10 2.42 12.17
CA PRO A 34 -7.75 1.21 11.40
C PRO A 34 -8.50 1.10 10.07
N SER A 35 -9.44 2.03 9.83
CA SER A 35 -10.21 2.06 8.57
C SER A 35 -9.30 1.99 7.35
N SER A 36 -8.42 2.99 7.20
CA SER A 36 -7.48 3.06 6.07
C SER A 36 -6.66 1.78 5.90
N MET A 37 -6.56 0.98 6.97
CA MET A 37 -5.83 -0.29 6.93
C MET A 37 -6.71 -1.42 6.38
N GLY A 38 -7.94 -1.52 6.88
CA GLY A 38 -8.82 -2.63 6.54
C GLY A 38 -9.65 -2.40 5.27
N GLU A 39 -9.18 -1.52 4.40
CA GLU A 39 -9.85 -1.26 3.12
C GLU A 39 -8.89 -1.36 1.93
N SER A 40 -9.46 -1.33 0.72
CA SER A 40 -8.69 -1.49 -0.52
C SER A 40 -7.84 -0.26 -0.82
N ILE A 41 -6.68 -0.47 -1.45
CA ILE A 41 -5.78 0.61 -1.84
C ILE A 41 -6.51 1.72 -2.64
N GLU A 42 -7.21 1.33 -3.69
CA GLU A 42 -7.95 2.28 -4.54
C GLU A 42 -9.06 3.00 -3.75
N ASP A 43 -9.68 2.29 -2.80
CA ASP A 43 -10.75 2.86 -1.98
C ASP A 43 -10.22 3.98 -1.08
N ALA A 44 -9.16 3.68 -0.33
CA ALA A 44 -8.49 4.69 0.51
C ALA A 44 -7.99 5.87 -0.33
N CYS A 45 -7.48 5.56 -1.54
CA CYS A 45 -7.06 6.60 -2.48
C CYS A 45 -8.23 7.52 -2.87
N ALA A 46 -9.35 6.90 -3.25
CA ALA A 46 -10.56 7.65 -3.67
C ALA A 46 -11.04 8.62 -2.57
N VAL A 47 -10.71 8.32 -1.32
CA VAL A 47 -11.06 9.20 -0.20
C VAL A 47 -10.35 10.56 -0.29
N HIS A 48 -9.02 10.53 -0.46
CA HIS A 48 -8.22 11.77 -0.50
C HIS A 48 -7.89 12.18 -1.95
N GLY A 49 -8.41 11.44 -2.92
CA GLY A 49 -8.12 11.71 -4.32
C GLY A 49 -6.70 11.29 -4.73
N ILE A 50 -6.16 10.29 -4.04
CA ILE A 50 -4.80 9.78 -4.31
C ILE A 50 -4.76 8.97 -5.60
N ASP A 51 -3.62 8.96 -6.27
CA ASP A 51 -3.43 8.14 -7.47
C ASP A 51 -2.96 6.74 -7.07
N ALA A 52 -3.91 5.81 -7.00
CA ALA A 52 -3.61 4.44 -6.56
C ALA A 52 -2.68 3.71 -7.53
N ASP A 53 -2.76 4.04 -8.81
CA ASP A 53 -1.94 3.35 -9.81
C ASP A 53 -0.44 3.61 -9.58
N LYS A 54 -0.10 4.84 -9.21
CA LYS A 54 1.29 5.19 -8.84
C LYS A 54 1.73 4.40 -7.60
N LEU A 55 0.86 4.38 -6.58
CA LEU A 55 1.13 3.66 -5.32
C LEU A 55 1.37 2.16 -5.60
N VAL A 56 0.48 1.56 -6.37
CA VAL A 56 0.61 0.14 -6.73
C VAL A 56 1.95 -0.16 -7.43
N LYS A 57 2.36 0.72 -8.34
CA LYS A 57 3.67 0.60 -8.99
C LYS A 57 4.80 0.56 -7.94
N GLU A 58 4.81 1.56 -7.06
CA GLU A 58 5.80 1.65 -5.97
C GLU A 58 5.80 0.37 -5.11
N LEU A 59 4.61 -0.17 -4.83
CA LEU A 59 4.47 -1.40 -4.04
C LEU A 59 5.11 -2.62 -4.75
N ASN A 60 4.68 -2.88 -6.00
CA ASN A 60 5.23 -4.01 -6.76
C ASN A 60 6.76 -3.94 -6.87
N GLU A 61 7.26 -2.79 -7.32
CA GLU A 61 8.70 -2.59 -7.47
C GLU A 61 9.45 -2.78 -6.14
N TYR A 62 8.77 -2.52 -5.02
CA TYR A 62 9.34 -2.76 -3.69
C TYR A 62 9.48 -4.26 -3.41
N PHE A 63 8.43 -5.03 -3.69
CA PHE A 63 8.49 -6.49 -3.51
C PHE A 63 9.61 -7.11 -4.35
N GLU A 64 9.89 -6.51 -5.51
CA GLU A 64 11.06 -6.90 -6.31
C GLU A 64 12.37 -6.64 -5.53
N LYS A 65 12.42 -5.51 -4.81
CA LYS A 65 13.62 -5.14 -4.03
C LYS A 65 13.89 -6.16 -2.92
N LYS A 66 12.83 -6.72 -2.35
CA LYS A 66 12.95 -7.72 -1.27
C LYS A 66 13.98 -8.81 -1.59
N GLU A 67 13.73 -9.57 -2.64
CA GLU A 67 14.58 -10.71 -3.02
C GLU A 67 15.99 -10.26 -3.46
N VAL A 68 16.16 -8.96 -3.68
CA VAL A 68 17.48 -8.39 -4.01
C VAL A 68 18.27 -8.06 -2.73
N LEU A 69 17.65 -7.26 -1.86
CA LEU A 69 18.28 -6.85 -0.58
C LEU A 69 18.38 -8.01 0.41
N GLU A 70 17.25 -8.68 0.66
CA GLU A 70 17.19 -9.83 1.59
C GLU A 70 17.80 -11.10 0.95
#